data_1UY2
# 
_entry.id   1UY2 
# 
_audit_conform.dict_name       mmcif_pdbx.dic 
_audit_conform.dict_version    5.382 
_audit_conform.dict_location   http://mmcif.pdb.org/dictionaries/ascii/mmcif_pdbx.dic 
# 
loop_
_database_2.database_id 
_database_2.database_code 
_database_2.pdbx_database_accession 
_database_2.pdbx_DOI 
PDB   1UY2         pdb_00001uy2 10.2210/pdb1uy2/pdb 
PDBE  EBI-14696    ?            ?                   
WWPDB D_1290014696 ?            ?                   
# 
loop_
_pdbx_database_related.db_name 
_pdbx_database_related.db_id 
_pdbx_database_related.content_type 
_pdbx_database_related.details 
PDB 1NAE unspecified 'STRUCTURE OF CSCBM6-3 FROM CLOSTRIDIUM STERCORARIUM INCOMPLEX WITH XYLOTRIOSE' 
PDB 1OD3 unspecified 'STRUCTURE OF CBM6-3 IN COMPLEX WITH LAMINARIBIOSE'                             
PDB 1UY1 unspecified 'STRUCTURE OF CARBOHYDRATE-BINDING MODULE LAMINARIBIOSE'                        
PDB 1UY3 unspecified 'STRUCTURE OF CARBOHYDRATE-BINDING MODULE LAMINARIBIOSE'                        
PDB 1UY4 unspecified 'STRUCTURE OF CARBOHYDRATE-BINDING MODULE LAMINARIBIOSE'                        
# 
_pdbx_database_status.status_code                     REL 
_pdbx_database_status.entry_id                        1UY2 
_pdbx_database_status.deposit_site                    PDBE 
_pdbx_database_status.process_site                    PDBE 
_pdbx_database_status.SG_entry                        . 
_pdbx_database_status.recvd_initial_deposition_date   2004-03-01 
_pdbx_database_status.pdb_format_compatible           Y 
_pdbx_database_status.status_code_sf                  REL 
_pdbx_database_status.status_code_mr                  ? 
_pdbx_database_status.status_code_cs                  ? 
_pdbx_database_status.methods_development_category    ? 
_pdbx_database_status.status_code_nmr_data            ? 
# 
loop_
_audit_author.name 
_audit_author.pdbx_ordinal 
'Van Bueren, A.L.' 1 
'Boraston, A.B.'   2 
# 
_citation.id                        primary 
_citation.title                     
;Binding Sub-Site Dissection of a Carbohydrate-Binding Module Reveals the Contribution of Entropy to Oligosaccharide Recognition at "Non-Primary" Binding Subsites.
;
_citation.journal_abbrev            J.Mol.Biol. 
_citation.journal_volume            340 
_citation.page_first                869 
_citation.page_last                 ? 
_citation.year                      2004 
_citation.journal_id_ASTM           JMOBAK 
_citation.country                   UK 
_citation.journal_id_ISSN           0022-2836 
_citation.journal_id_CSD            0070 
_citation.book_publisher            ? 
_citation.pdbx_database_id_PubMed   15223327 
_citation.pdbx_database_id_DOI      10.1016/J.JMB.2004.05.038 
# 
loop_
_citation_author.citation_id 
_citation_author.name 
_citation_author.ordinal 
_citation_author.identifier_ORCID 
primary 'Van Bueren, A.L.' 1 ? 
primary 'Boraston, A.B.'   2 ? 
# 
_cell.entry_id           1UY2 
_cell.length_a           83.598 
_cell.length_b           83.598 
_cell.length_c           44.843 
_cell.angle_alpha        90.00 
_cell.angle_beta         90.00 
_cell.angle_gamma        90.00 
_cell.Z_PDB              8 
_cell.pdbx_unique_axis   ? 
# 
_symmetry.entry_id                         1UY2 
_symmetry.space_group_name_H-M             'P 41 21 2' 
_symmetry.pdbx_full_space_group_name_H-M   ? 
_symmetry.cell_setting                     ? 
_symmetry.Int_Tables_number                92 
# 
loop_
_entity.id 
_entity.type 
_entity.src_method 
_entity.pdbx_description 
_entity.formula_weight 
_entity.pdbx_number_of_molecules 
_entity.pdbx_ec 
_entity.pdbx_mutation 
_entity.pdbx_fragment 
_entity.details 
1 polymer     man 'ENDO-1,4-BETA-XYLANASE A'                      15240.524 1   ? ? 'CARBOHYDRATE-BINDING MODULE, RESIDUES 1-139' 
? 
2 branched    man 'beta-D-xylopyranose-(1-4)-beta-D-xylopyranose' 282.245   1   ? ? ?                                             
? 
3 non-polymer syn 'SODIUM ION'                                    22.990    1   ? ? ?                                             
? 
4 non-polymer syn 'CALCIUM ION'                                   40.078    1   ? ? ?                                             
? 
5 non-polymer syn GLYCEROL                                        92.094    1   ? ? ?                                             
? 
6 water       nat water                                           18.015    159 ? ? ?                                             
? 
# 
loop_
_entity_name_com.entity_id 
_entity_name_com.name 
1 'CSCBM6-1,1,4-BETA-D-XYLAN XYLANOHYDROLASE A' 
2 4beta-beta-xylobiose                          
# 
_entity_poly.entity_id                      1 
_entity_poly.type                           'polypeptide(L)' 
_entity_poly.nstd_linkage                   no 
_entity_poly.nstd_monomer                   no 
_entity_poly.pdbx_seq_one_letter_code       
;GSHMASPTPAPSQSPIRRDAFSIIEAEEYNSTNSSTLQVIGTPNNGRGIGYIENGNTVTYSNIDFGSGATGFSATVATEV
NTSIQIRSDSPTGTLLGTLYVSSTGSWNTYNTVSTNISKITGVHDIVLVFSGPVNVDNFIFSRSS
;
_entity_poly.pdbx_seq_one_letter_code_can   
;GSHMASPTPAPSQSPIRRDAFSIIEAEEYNSTNSSTLQVIGTPNNGRGIGYIENGNTVTYSNIDFGSGATGFSATVATEV
NTSIQIRSDSPTGTLLGTLYVSSTGSWNTYNTVSTNISKITGVHDIVLVFSGPVNVDNFIFSRSS
;
_entity_poly.pdbx_strand_id                 A 
_entity_poly.pdbx_target_identifier         ? 
# 
loop_
_entity_poly_seq.entity_id 
_entity_poly_seq.num 
_entity_poly_seq.mon_id 
_entity_poly_seq.hetero 
1 1   GLY n 
1 2   SER n 
1 3   HIS n 
1 4   MET n 
1 5   ALA n 
1 6   SER n 
1 7   PRO n 
1 8   THR n 
1 9   PRO n 
1 10  ALA n 
1 11  PRO n 
1 12  SER n 
1 13  GLN n 
1 14  SER n 
1 15  PRO n 
1 16  ILE n 
1 17  ARG n 
1 18  ARG n 
1 19  ASP n 
1 20  ALA n 
1 21  PHE n 
1 22  SER n 
1 23  ILE n 
1 24  ILE n 
1 25  GLU n 
1 26  ALA n 
1 27  GLU n 
1 28  GLU n 
1 29  TYR n 
1 30  ASN n 
1 31  SER n 
1 32  THR n 
1 33  ASN n 
1 34  SER n 
1 35  SER n 
1 36  THR n 
1 37  LEU n 
1 38  GLN n 
1 39  VAL n 
1 40  ILE n 
1 41  GLY n 
1 42  THR n 
1 43  PRO n 
1 44  ASN n 
1 45  ASN n 
1 46  GLY n 
1 47  ARG n 
1 48  GLY n 
1 49  ILE n 
1 50  GLY n 
1 51  TYR n 
1 52  ILE n 
1 53  GLU n 
1 54  ASN n 
1 55  GLY n 
1 56  ASN n 
1 57  THR n 
1 58  VAL n 
1 59  THR n 
1 60  TYR n 
1 61  SER n 
1 62  ASN n 
1 63  ILE n 
1 64  ASP n 
1 65  PHE n 
1 66  GLY n 
1 67  SER n 
1 68  GLY n 
1 69  ALA n 
1 70  THR n 
1 71  GLY n 
1 72  PHE n 
1 73  SER n 
1 74  ALA n 
1 75  THR n 
1 76  VAL n 
1 77  ALA n 
1 78  THR n 
1 79  GLU n 
1 80  VAL n 
1 81  ASN n 
1 82  THR n 
1 83  SER n 
1 84  ILE n 
1 85  GLN n 
1 86  ILE n 
1 87  ARG n 
1 88  SER n 
1 89  ASP n 
1 90  SER n 
1 91  PRO n 
1 92  THR n 
1 93  GLY n 
1 94  THR n 
1 95  LEU n 
1 96  LEU n 
1 97  GLY n 
1 98  THR n 
1 99  LEU n 
1 100 TYR n 
1 101 VAL n 
1 102 SER n 
1 103 SER n 
1 104 THR n 
1 105 GLY n 
1 106 SER n 
1 107 TRP n 
1 108 ASN n 
1 109 THR n 
1 110 TYR n 
1 111 ASN n 
1 112 THR n 
1 113 VAL n 
1 114 SER n 
1 115 THR n 
1 116 ASN n 
1 117 ILE n 
1 118 SER n 
1 119 LYS n 
1 120 ILE n 
1 121 THR n 
1 122 GLY n 
1 123 VAL n 
1 124 HIS n 
1 125 ASP n 
1 126 ILE n 
1 127 VAL n 
1 128 LEU n 
1 129 VAL n 
1 130 PHE n 
1 131 SER n 
1 132 GLY n 
1 133 PRO n 
1 134 VAL n 
1 135 ASN n 
1 136 VAL n 
1 137 ASP n 
1 138 ASN n 
1 139 PHE n 
1 140 ILE n 
1 141 PHE n 
1 142 SER n 
1 143 ARG n 
1 144 SER n 
1 145 SER n 
# 
_entity_src_gen.entity_id                          1 
_entity_src_gen.pdbx_src_id                        1 
_entity_src_gen.pdbx_alt_source_flag               sample 
_entity_src_gen.pdbx_seq_type                      ? 
_entity_src_gen.pdbx_beg_seq_num                   ? 
_entity_src_gen.pdbx_end_seq_num                   ? 
_entity_src_gen.gene_src_common_name               ? 
_entity_src_gen.gene_src_genus                     ? 
_entity_src_gen.pdbx_gene_src_gene                 ? 
_entity_src_gen.gene_src_species                   ? 
_entity_src_gen.gene_src_strain                    'NCIB 11745' 
_entity_src_gen.gene_src_tissue                    ? 
_entity_src_gen.gene_src_tissue_fraction           ? 
_entity_src_gen.gene_src_details                   ? 
_entity_src_gen.pdbx_gene_src_fragment             ? 
_entity_src_gen.pdbx_gene_src_scientific_name      'CLOSTRIDIUM STERCORARIUM' 
_entity_src_gen.pdbx_gene_src_ncbi_taxonomy_id     1510 
_entity_src_gen.pdbx_gene_src_variant              ? 
_entity_src_gen.pdbx_gene_src_cell_line            ? 
_entity_src_gen.pdbx_gene_src_atcc                 ? 
_entity_src_gen.pdbx_gene_src_organ                ? 
_entity_src_gen.pdbx_gene_src_organelle            ? 
_entity_src_gen.pdbx_gene_src_cell                 ? 
_entity_src_gen.pdbx_gene_src_cellular_location    ? 
_entity_src_gen.host_org_common_name               ? 
_entity_src_gen.pdbx_host_org_scientific_name      'ESCHERICHIA COLI' 
_entity_src_gen.pdbx_host_org_ncbi_taxonomy_id     469008 
_entity_src_gen.host_org_genus                     ? 
_entity_src_gen.pdbx_host_org_gene                 ? 
_entity_src_gen.pdbx_host_org_organ                ? 
_entity_src_gen.host_org_species                   ? 
_entity_src_gen.pdbx_host_org_tissue               ? 
_entity_src_gen.pdbx_host_org_tissue_fraction      ? 
_entity_src_gen.pdbx_host_org_strain               'BL21(DE3)' 
_entity_src_gen.pdbx_host_org_variant              ? 
_entity_src_gen.pdbx_host_org_cell_line            ? 
_entity_src_gen.pdbx_host_org_atcc                 ? 
_entity_src_gen.pdbx_host_org_culture_collection   ? 
_entity_src_gen.pdbx_host_org_cell                 ? 
_entity_src_gen.pdbx_host_org_organelle            ? 
_entity_src_gen.pdbx_host_org_cellular_location    ? 
_entity_src_gen.pdbx_host_org_vector_type          ? 
_entity_src_gen.pdbx_host_org_vector               'PET 28' 
_entity_src_gen.host_org_details                   ? 
_entity_src_gen.expression_system_id               ? 
_entity_src_gen.plasmid_name                       PET-CBM6-1 
_entity_src_gen.plasmid_details                    ? 
_entity_src_gen.pdbx_description                   ? 
# 
loop_
_struct_ref.id 
_struct_ref.db_name 
_struct_ref.db_code 
_struct_ref.entity_id 
_struct_ref.pdbx_seq_one_letter_code 
_struct_ref.pdbx_align_begin 
_struct_ref.pdbx_db_accession 
_struct_ref.pdbx_db_isoform 
1 PDB 1UY2   1 ? ? 1UY2   ? 
2 UNP Q93AQ5 1 ? ? Q93AQ5 ? 
# 
loop_
_struct_ref_seq.align_id 
_struct_ref_seq.ref_id 
_struct_ref_seq.pdbx_PDB_id_code 
_struct_ref_seq.pdbx_strand_id 
_struct_ref_seq.seq_align_beg 
_struct_ref_seq.pdbx_seq_align_beg_ins_code 
_struct_ref_seq.seq_align_end 
_struct_ref_seq.pdbx_seq_align_end_ins_code 
_struct_ref_seq.pdbx_db_accession 
_struct_ref_seq.db_align_beg 
_struct_ref_seq.pdbx_db_align_beg_ins_code 
_struct_ref_seq.db_align_end 
_struct_ref_seq.pdbx_db_align_end_ins_code 
_struct_ref_seq.pdbx_auth_seq_align_beg 
_struct_ref_seq.pdbx_auth_seq_align_end 
1 1 1UY2 A 1 ? 6   ? 1UY2   1 ? 6   ? 1 6   
2 2 1UY2 A 7 ? 145 ? Q93AQ5 1 ? 139 ? 7 145 
# 
_struct_ref_seq_dif.align_id                     1 
_struct_ref_seq_dif.pdbx_pdb_id_code             1UY2 
_struct_ref_seq_dif.mon_id                       ASN 
_struct_ref_seq_dif.pdbx_pdb_strand_id           A 
_struct_ref_seq_dif.seq_num                      111 
_struct_ref_seq_dif.pdbx_pdb_ins_code            ? 
_struct_ref_seq_dif.pdbx_seq_db_name             UNP 
_struct_ref_seq_dif.pdbx_seq_db_accession_code   Q93AQ5 
_struct_ref_seq_dif.db_mon_id                    GLN 
_struct_ref_seq_dif.pdbx_seq_db_seq_num          105 
_struct_ref_seq_dif.details                      conflict 
_struct_ref_seq_dif.pdbx_auth_seq_num            111 
_struct_ref_seq_dif.pdbx_ordinal                 1 
# 
loop_
_chem_comp.id 
_chem_comp.type 
_chem_comp.mon_nstd_flag 
_chem_comp.name 
_chem_comp.pdbx_synonyms 
_chem_comp.formula 
_chem_comp.formula_weight 
ALA 'L-peptide linking'          y ALANINE             ?                                 'C3 H7 N O2'     89.093  
ARG 'L-peptide linking'          y ARGININE            ?                                 'C6 H15 N4 O2 1' 175.209 
ASN 'L-peptide linking'          y ASPARAGINE          ?                                 'C4 H8 N2 O3'    132.118 
ASP 'L-peptide linking'          y 'ASPARTIC ACID'     ?                                 'C4 H7 N O4'     133.103 
CA  non-polymer                  . 'CALCIUM ION'       ?                                 'Ca 2'           40.078  
GLN 'L-peptide linking'          y GLUTAMINE           ?                                 'C5 H10 N2 O3'   146.144 
GLU 'L-peptide linking'          y 'GLUTAMIC ACID'     ?                                 'C5 H9 N O4'     147.129 
GLY 'peptide linking'            y GLYCINE             ?                                 'C2 H5 N O2'     75.067  
GOL non-polymer                  . GLYCEROL            'GLYCERIN; PROPANE-1,2,3-TRIOL'   'C3 H8 O3'       92.094  
HIS 'L-peptide linking'          y HISTIDINE           ?                                 'C6 H10 N3 O2 1' 156.162 
HOH non-polymer                  . WATER               ?                                 'H2 O'           18.015  
ILE 'L-peptide linking'          y ISOLEUCINE          ?                                 'C6 H13 N O2'    131.173 
LEU 'L-peptide linking'          y LEUCINE             ?                                 'C6 H13 N O2'    131.173 
LYS 'L-peptide linking'          y LYSINE              ?                                 'C6 H15 N2 O2 1' 147.195 
MET 'L-peptide linking'          y METHIONINE          ?                                 'C5 H11 N O2 S'  149.211 
NA  non-polymer                  . 'SODIUM ION'        ?                                 'Na 1'           22.990  
PHE 'L-peptide linking'          y PHENYLALANINE       ?                                 'C9 H11 N O2'    165.189 
PRO 'L-peptide linking'          y PROLINE             ?                                 'C5 H9 N O2'     115.130 
SER 'L-peptide linking'          y SERINE              ?                                 'C3 H7 N O3'     105.093 
THR 'L-peptide linking'          y THREONINE           ?                                 'C4 H9 N O3'     119.119 
TRP 'L-peptide linking'          y TRYPTOPHAN          ?                                 'C11 H12 N2 O2'  204.225 
TYR 'L-peptide linking'          y TYROSINE            ?                                 'C9 H11 N O3'    181.189 
VAL 'L-peptide linking'          y VALINE              ?                                 'C5 H11 N O2'    117.146 
XYP 'D-saccharide, beta linking' . beta-D-xylopyranose 'beta-D-xylose; D-xylose; xylose' 'C5 H10 O5'      150.130 
# 
_exptl.entry_id          1UY2 
_exptl.method            'X-RAY DIFFRACTION' 
_exptl.crystals_number   1 
# 
_exptl_crystal.id                    1 
_exptl_crystal.density_meas          ? 
_exptl_crystal.density_Matthews      2.57 
_exptl_crystal.density_percent_sol   52.15 
_exptl_crystal.description           ? 
# 
_exptl_crystal_grow.crystal_id      1 
_exptl_crystal_grow.method          ? 
_exptl_crystal_grow.temp            ? 
_exptl_crystal_grow.temp_details    ? 
_exptl_crystal_grow.pH              4.50 
_exptl_crystal_grow.pdbx_pH_range   ? 
_exptl_crystal_grow.pdbx_details    'pH 4.50' 
# 
_diffrn.id                     1 
_diffrn.ambient_temp           113.0 
_diffrn.ambient_temp_details   ? 
_diffrn.crystal_id             1 
# 
_diffrn_detector.diffrn_id              1 
_diffrn_detector.detector               'IMAGE PLATE' 
_diffrn_detector.type                   'RIGAKU R-AXIS IV++' 
_diffrn_detector.pdbx_collection_date   ? 
_diffrn_detector.details                'OSMIC BLUE' 
# 
_diffrn_radiation.diffrn_id                        1 
_diffrn_radiation.wavelength_id                    1 
_diffrn_radiation.pdbx_monochromatic_or_laue_m_l   M 
_diffrn_radiation.monochromator                    ? 
_diffrn_radiation.pdbx_diffrn_protocol             'SINGLE WAVELENGTH' 
_diffrn_radiation.pdbx_scattering_type             x-ray 
# 
_diffrn_radiation_wavelength.id           1 
_diffrn_radiation_wavelength.wavelength   1.5418 
_diffrn_radiation_wavelength.wt           1.0 
# 
_diffrn_source.diffrn_id                   1 
_diffrn_source.source                      'ROTATING ANODE' 
_diffrn_source.type                        'RIGAKU MICROMAX-002' 
_diffrn_source.pdbx_synchrotron_site       ? 
_diffrn_source.pdbx_synchrotron_beamline   ? 
_diffrn_source.pdbx_wavelength             1.5418 
_diffrn_source.pdbx_wavelength_list        ? 
# 
_reflns.pdbx_diffrn_id               1 
_reflns.pdbx_ordinal                 1 
_reflns.entry_id                     1UY2 
_reflns.observed_criterion_sigma_I   ? 
_reflns.observed_criterion_sigma_F   ? 
_reflns.d_resolution_low             20.000 
_reflns.d_resolution_high            1.700 
_reflns.number_obs                   18015 
_reflns.number_all                   ? 
_reflns.percent_possible_obs         99.6 
_reflns.pdbx_Rmerge_I_obs            0.05600 
_reflns.pdbx_Rsym_value              ? 
_reflns.pdbx_netI_over_sigmaI        17.8000 
_reflns.B_iso_Wilson_estimate        ? 
_reflns.pdbx_redundancy              7.700 
# 
_reflns_shell.pdbx_diffrn_id         1 
_reflns_shell.pdbx_ordinal           1 
_reflns_shell.d_res_high             1.70 
_reflns_shell.d_res_low              1.74 
_reflns_shell.percent_possible_all   99.9 
_reflns_shell.Rmerge_I_obs           0.37800 
_reflns_shell.pdbx_Rsym_value        ? 
_reflns_shell.meanI_over_sigI_obs    4.600 
_reflns_shell.pdbx_redundancy        6.90 
# 
_refine.pdbx_refine_id                           'X-RAY DIFFRACTION' 
_refine.entry_id                                 1UY2 
_refine.pdbx_diffrn_id                           1 
_refine.pdbx_TLS_residual_ADP_flag               ? 
_refine.ls_number_reflns_obs                     17031 
_refine.ls_number_reflns_all                     ? 
_refine.pdbx_ls_sigma_I                          ? 
_refine.pdbx_ls_sigma_F                          ? 
_refine.pdbx_data_cutoff_high_absF               ? 
_refine.pdbx_data_cutoff_low_absF                ? 
_refine.pdbx_data_cutoff_high_rms_absF           ? 
_refine.ls_d_res_low                             20.00 
_refine.ls_d_res_high                            1.70 
_refine.ls_percent_reflns_obs                    99.6 
_refine.ls_R_factor_obs                          0.149 
_refine.ls_R_factor_all                          ? 
_refine.ls_R_factor_R_work                       0.147 
_refine.ls_R_factor_R_free                       0.189 
_refine.ls_R_factor_R_free_error                 ? 
_refine.ls_R_factor_R_free_error_details         ? 
_refine.ls_percent_reflns_R_free                 5.100 
_refine.ls_number_reflns_R_free                  915 
_refine.ls_number_parameters                     ? 
_refine.ls_number_restraints                     ? 
_refine.occupancy_min                            ? 
_refine.occupancy_max                            ? 
_refine.correlation_coeff_Fo_to_Fc               0.976 
_refine.correlation_coeff_Fo_to_Fc_free          0.969 
_refine.B_iso_mean                               22.41 
_refine.aniso_B[1][1]                            -0.87000 
_refine.aniso_B[2][2]                            -0.87000 
_refine.aniso_B[3][3]                            1.74000 
_refine.aniso_B[1][2]                            0.00000 
_refine.aniso_B[1][3]                            0.00000 
_refine.aniso_B[2][3]                            0.00000 
_refine.solvent_model_details                    'BABINET MODEL WITH MASK' 
_refine.solvent_model_param_ksol                 ? 
_refine.solvent_model_param_bsol                 ? 
_refine.pdbx_solvent_vdw_probe_radii             1.40 
_refine.pdbx_solvent_ion_probe_radii             0.80 
_refine.pdbx_solvent_shrinkage_radii             0.80 
_refine.pdbx_ls_cross_valid_method               THROUGHOUT 
_refine.details                                  'HYDROGENS HAVE BEEN ADDED IN THE RIDING POSITIONS' 
_refine.pdbx_starting_model                      'PDB ENTRY 1GMM' 
_refine.pdbx_method_to_determine_struct          'MOLECULAR REPLACEMENT' 
_refine.pdbx_isotropic_thermal_model             ? 
_refine.pdbx_stereochemistry_target_values       'MAXIMUM LIKELIHOOD' 
_refine.pdbx_stereochem_target_val_spec_case     ? 
_refine.pdbx_R_Free_selection_details            RANDOM 
_refine.pdbx_overall_ESU_R                       0.109 
_refine.pdbx_overall_ESU_R_Free                  0.086 
_refine.overall_SU_ML                            0.055 
_refine.pdbx_overall_phase_error                 ? 
_refine.overall_SU_B                             1.810 
_refine.overall_SU_R_Cruickshank_DPI             ? 
_refine.pdbx_overall_SU_R_free_Cruickshank_DPI   ? 
_refine.pdbx_overall_SU_R_Blow_DPI               ? 
_refine.pdbx_overall_SU_R_free_Blow_DPI          ? 
# 
_refine_hist.pdbx_refine_id                   'X-RAY DIFFRACTION' 
_refine_hist.cycle_id                         LAST 
_refine_hist.pdbx_number_atoms_protein        980 
_refine_hist.pdbx_number_atoms_nucleic_acid   0 
_refine_hist.pdbx_number_atoms_ligand         27 
_refine_hist.number_atoms_solvent             159 
_refine_hist.number_atoms_total               1166 
_refine_hist.d_res_high                       1.70 
_refine_hist.d_res_low                        20.00 
# 
loop_
_refine_ls_restr.type 
_refine_ls_restr.dev_ideal 
_refine_ls_restr.dev_ideal_target 
_refine_ls_restr.weight 
_refine_ls_restr.number 
_refine_ls_restr.pdbx_refine_id 
_refine_ls_restr.pdbx_restraint_function 
r_bond_refined_d             0.019 0.021 ? 1037 'X-RAY DIFFRACTION' ? 
r_bond_other_d               0.002 0.020 ? 892  'X-RAY DIFFRACTION' ? 
r_angle_refined_deg          1.687 1.944 ? 1419 'X-RAY DIFFRACTION' ? 
r_angle_other_deg            0.885 3.000 ? 2078 'X-RAY DIFFRACTION' ? 
r_dihedral_angle_1_deg       6.696 5.000 ? 132  'X-RAY DIFFRACTION' ? 
r_dihedral_angle_2_deg       ?     ?     ? ?    'X-RAY DIFFRACTION' ? 
r_dihedral_angle_3_deg       ?     ?     ? ?    'X-RAY DIFFRACTION' ? 
r_dihedral_angle_4_deg       ?     ?     ? ?    'X-RAY DIFFRACTION' ? 
r_chiral_restr               0.113 0.200 ? 177  'X-RAY DIFFRACTION' ? 
r_gen_planes_refined         0.008 0.020 ? 1151 'X-RAY DIFFRACTION' ? 
r_gen_planes_other           0.002 0.020 ? 205  'X-RAY DIFFRACTION' ? 
r_nbd_refined                0.218 0.200 ? 175  'X-RAY DIFFRACTION' ? 
r_nbd_other                  0.266 0.200 ? 1081 'X-RAY DIFFRACTION' ? 
r_nbtor_refined              ?     ?     ? ?    'X-RAY DIFFRACTION' ? 
r_nbtor_other                0.090 0.200 ? 612  'X-RAY DIFFRACTION' ? 
r_xyhbond_nbd_refined        0.200 0.200 ? 88   'X-RAY DIFFRACTION' ? 
r_xyhbond_nbd_other          ?     ?     ? ?    'X-RAY DIFFRACTION' ? 
r_metal_ion_refined          0.175 0.200 ? 3    'X-RAY DIFFRACTION' ? 
r_metal_ion_other            ?     ?     ? ?    'X-RAY DIFFRACTION' ? 
r_symmetry_vdw_refined       0.163 0.200 ? 11   'X-RAY DIFFRACTION' ? 
r_symmetry_vdw_other         0.251 0.200 ? 30   'X-RAY DIFFRACTION' ? 
r_symmetry_hbond_refined     0.252 0.200 ? 19   'X-RAY DIFFRACTION' ? 
r_symmetry_hbond_other       ?     ?     ? ?    'X-RAY DIFFRACTION' ? 
r_symmetry_metal_ion_refined ?     ?     ? ?    'X-RAY DIFFRACTION' ? 
r_symmetry_metal_ion_other   ?     ?     ? ?    'X-RAY DIFFRACTION' ? 
r_mcbond_it                  1.799 1.500 ? 655  'X-RAY DIFFRACTION' ? 
r_mcbond_other               ?     ?     ? ?    'X-RAY DIFFRACTION' ? 
r_mcangle_it                 2.743 2.000 ? 1077 'X-RAY DIFFRACTION' ? 
r_mcangle_other              ?     ?     ? ?    'X-RAY DIFFRACTION' ? 
r_scbond_it                  4.493 3.000 ? 382  'X-RAY DIFFRACTION' ? 
r_scbond_other               ?     ?     ? ?    'X-RAY DIFFRACTION' ? 
r_scangle_it                 6.326 4.500 ? 342  'X-RAY DIFFRACTION' ? 
r_scangle_other              ?     ?     ? ?    'X-RAY DIFFRACTION' ? 
r_long_range_B_refined       ?     ?     ? ?    'X-RAY DIFFRACTION' ? 
r_long_range_B_other         ?     ?     ? ?    'X-RAY DIFFRACTION' ? 
r_rigid_bond_restr           ?     ?     ? ?    'X-RAY DIFFRACTION' ? 
r_sphericity_free            ?     ?     ? ?    'X-RAY DIFFRACTION' ? 
r_sphericity_bonded          ?     ?     ? ?    'X-RAY DIFFRACTION' ? 
# 
_refine_ls_shell.pdbx_refine_id                   'X-RAY DIFFRACTION' 
_refine_ls_shell.pdbx_total_number_of_bins_used   20 
_refine_ls_shell.d_res_high                       1.70 
_refine_ls_shell.d_res_low                        1.74 
_refine_ls_shell.number_reflns_R_work             1233 
_refine_ls_shell.R_factor_R_work                  0.3150 
_refine_ls_shell.percent_reflns_obs               ? 
_refine_ls_shell.R_factor_R_free                  0.3510 
_refine_ls_shell.R_factor_R_free_error            ? 
_refine_ls_shell.percent_reflns_R_free            ? 
_refine_ls_shell.number_reflns_R_free             63 
_refine_ls_shell.number_reflns_all                ? 
_refine_ls_shell.R_factor_all                     ? 
# 
_struct.entry_id                  1UY2 
_struct.title                     
'Binding sub-site dissection of a family 6 carbohydrate-binding module by X-ray crystallography and isothermal titration calorimetry' 
_struct.pdbx_model_details        ? 
_struct.pdbx_CASP_flag            ? 
_struct.pdbx_model_type_details   ? 
# 
_struct_keywords.entry_id        1UY2 
_struct_keywords.pdbx_keywords   'CARBOHYDRATE-BINDING MODULE' 
_struct_keywords.text            
'CARBOHYDRATE-BINDING MODULE, THERMODYNAMICS, PROTEIN STRUCTURE, XYLAN, PROTEIN-CARBOHYDRATE INTERACTIONS' 
# 
loop_
_struct_asym.id 
_struct_asym.pdbx_blank_PDB_chainid_flag 
_struct_asym.pdbx_modified 
_struct_asym.entity_id 
_struct_asym.details 
A N N 1 ? 
B N N 2 ? 
C N N 3 ? 
D N N 4 ? 
E N N 5 ? 
F N N 6 ? 
# 
_struct_biol.id   1 
# 
loop_
_struct_conn.id 
_struct_conn.conn_type_id 
_struct_conn.pdbx_leaving_atom_flag 
_struct_conn.pdbx_PDB_id 
_struct_conn.ptnr1_label_asym_id 
_struct_conn.ptnr1_label_comp_id 
_struct_conn.ptnr1_label_seq_id 
_struct_conn.ptnr1_label_atom_id 
_struct_conn.pdbx_ptnr1_label_alt_id 
_struct_conn.pdbx_ptnr1_PDB_ins_code 
_struct_conn.pdbx_ptnr1_standard_comp_id 
_struct_conn.ptnr1_symmetry 
_struct_conn.ptnr2_label_asym_id 
_struct_conn.ptnr2_label_comp_id 
_struct_conn.ptnr2_label_seq_id 
_struct_conn.ptnr2_label_atom_id 
_struct_conn.pdbx_ptnr2_label_alt_id 
_struct_conn.pdbx_ptnr2_PDB_ins_code 
_struct_conn.ptnr1_auth_asym_id 
_struct_conn.ptnr1_auth_comp_id 
_struct_conn.ptnr1_auth_seq_id 
_struct_conn.ptnr2_auth_asym_id 
_struct_conn.ptnr2_auth_comp_id 
_struct_conn.ptnr2_auth_seq_id 
_struct_conn.ptnr2_symmetry 
_struct_conn.pdbx_ptnr3_label_atom_id 
_struct_conn.pdbx_ptnr3_label_seq_id 
_struct_conn.pdbx_ptnr3_label_comp_id 
_struct_conn.pdbx_ptnr3_label_asym_id 
_struct_conn.pdbx_ptnr3_label_alt_id 
_struct_conn.pdbx_ptnr3_PDB_ins_code 
_struct_conn.details 
_struct_conn.pdbx_dist_value 
_struct_conn.pdbx_value_order 
_struct_conn.pdbx_role 
covale1  covale both ? B XYP .   O4  ? ? ? 1_555 B XYP . C1 ? ? B XYP 1    B XYP 2    1_555 ? ? ? ? ? ? ? 1.451 ? ? 
metalc1  metalc ?    ? A GLU 25  OE1 ? ? ? 1_555 D CA  . CA ? ? A GLU 25   A CA  1146 1_555 ? ? ? ? ? ? ? 2.168 ? ? 
metalc2  metalc ?    ? A GLU 27  OE2 ? ? ? 1_555 D CA  . CA ? ? A GLU 27   A CA  1146 1_555 ? ? ? ? ? ? ? 2.532 ? ? 
metalc3  metalc ?    ? A GLU 27  OE1 ? ? ? 1_555 D CA  . CA ? ? A GLU 27   A CA  1146 1_555 ? ? ? ? ? ? ? 2.494 ? ? 
metalc4  metalc ?    ? A SER 35  OG  ? ? ? 1_555 C NA  . NA ? ? A SER 35   A NA  1145 1_555 ? ? ? ? ? ? ? 2.534 ? ? 
metalc5  metalc ?    ? A ARG 47  O   ? ? ? 1_555 D CA  . CA ? ? A ARG 47   A CA  1146 1_555 ? ? ? ? ? ? ? 2.253 ? ? 
metalc6  metalc ?    ? A THR 98  O   ? ? ? 3_545 C NA  . NA ? ? A THR 98   A NA  1145 1_555 ? ? ? ? ? ? ? 2.441 ? ? 
metalc7  metalc ?    ? A THR 115 OG1 ? ? ? 3_545 C NA  . NA ? ? A THR 115  A NA  1145 1_555 ? ? ? ? ? ? ? 2.521 ? ? 
metalc8  metalc ?    ? A ASP 137 OD1 ? ? ? 1_555 D CA  . CA ? ? A ASP 137  A CA  1146 1_555 ? ? ? ? ? ? ? 2.416 ? ? 
metalc9  metalc ?    ? A ASP 137 O   ? ? ? 1_555 D CA  . CA ? ? A ASP 137  A CA  1146 1_555 ? ? ? ? ? ? ? 2.487 ? ? 
metalc10 metalc ?    ? C NA  .   NA  ? ? ? 1_555 F HOH . O  ? ? A NA  1145 A HOH 2107 3_545 ? ? ? ? ? ? ? 2.294 ? ? 
metalc11 metalc ?    ? C NA  .   NA  ? ? ? 1_555 F HOH . O  ? ? A NA  1145 A HOH 2126 3_545 ? ? ? ? ? ? ? 2.557 ? ? 
metalc12 metalc ?    ? C NA  .   NA  ? ? ? 1_555 F HOH . O  ? ? A NA  1145 A HOH 2127 3_545 ? ? ? ? ? ? ? 2.303 ? ? 
metalc13 metalc ?    ? D CA  .   CA  ? ? ? 1_555 F HOH . O  ? ? A CA  1146 A HOH 2057 1_555 ? ? ? ? ? ? ? 2.435 ? ? 
# 
loop_
_struct_conn_type.id 
_struct_conn_type.criteria 
_struct_conn_type.reference 
covale ? ? 
metalc ? ? 
# 
loop_
_struct_sheet.id 
_struct_sheet.type 
_struct_sheet.number_strands 
_struct_sheet.details 
AA ? 3 ? 
AB ? 5 ? 
AC ? 4 ? 
AD ? 2 ? 
# 
loop_
_struct_sheet_order.sheet_id 
_struct_sheet_order.range_id_1 
_struct_sheet_order.range_id_2 
_struct_sheet_order.offset 
_struct_sheet_order.sense 
AA 1 2 ? parallel      
AA 2 3 ? anti-parallel 
AB 1 2 ? parallel      
AB 2 3 ? anti-parallel 
AB 3 4 ? anti-parallel 
AB 4 5 ? anti-parallel 
AC 1 2 ? anti-parallel 
AC 2 3 ? anti-parallel 
AC 3 4 ? anti-parallel 
AD 1 2 ? anti-parallel 
# 
loop_
_struct_sheet_range.sheet_id 
_struct_sheet_range.id 
_struct_sheet_range.beg_label_comp_id 
_struct_sheet_range.beg_label_asym_id 
_struct_sheet_range.beg_label_seq_id 
_struct_sheet_range.pdbx_beg_PDB_ins_code 
_struct_sheet_range.end_label_comp_id 
_struct_sheet_range.end_label_asym_id 
_struct_sheet_range.end_label_seq_id 
_struct_sheet_range.pdbx_end_PDB_ins_code 
_struct_sheet_range.beg_auth_comp_id 
_struct_sheet_range.beg_auth_asym_id 
_struct_sheet_range.beg_auth_seq_id 
_struct_sheet_range.end_auth_comp_id 
_struct_sheet_range.end_auth_asym_id 
_struct_sheet_range.end_auth_seq_id 
AA 1 ARG A 18  ? ASP A 19  ? ARG A 18  ASP A 19  
AA 2 THR A 57  ? ASP A 64  ? THR A 57  ASP A 64  
AA 3 SER A 31  ? THR A 32  ? SER A 31  THR A 32  
AB 1 ARG A 18  ? ASP A 19  ? ARG A 18  ASP A 19  
AB 2 THR A 57  ? ASP A 64  ? THR A 57  ASP A 64  
AB 3 VAL A 123 ? PHE A 130 ? VAL A 123 PHE A 130 
AB 4 THR A 82  ? SER A 88  ? THR A 82  SER A 88  
AB 5 LEU A 95  ? VAL A 101 ? LEU A 95  VAL A 101 
AC 1 ILE A 24  ? GLU A 25  ? ILE A 24  GLU A 25  
AC 2 ASN A 135 ? ARG A 143 ? ASN A 135 ARG A 143 
AC 3 ALA A 69  ? ALA A 77  ? ALA A 69  ALA A 77  
AC 4 ASN A 111 ? ILE A 120 ? ASN A 111 ILE A 120 
AD 1 GLN A 38  ? GLY A 41  ? GLN A 38  GLY A 41  
AD 2 ARG A 47  ? GLY A 50  ? ARG A 47  GLY A 50  
# 
loop_
_pdbx_struct_sheet_hbond.sheet_id 
_pdbx_struct_sheet_hbond.range_id_1 
_pdbx_struct_sheet_hbond.range_id_2 
_pdbx_struct_sheet_hbond.range_1_label_atom_id 
_pdbx_struct_sheet_hbond.range_1_label_comp_id 
_pdbx_struct_sheet_hbond.range_1_label_asym_id 
_pdbx_struct_sheet_hbond.range_1_label_seq_id 
_pdbx_struct_sheet_hbond.range_1_PDB_ins_code 
_pdbx_struct_sheet_hbond.range_1_auth_atom_id 
_pdbx_struct_sheet_hbond.range_1_auth_comp_id 
_pdbx_struct_sheet_hbond.range_1_auth_asym_id 
_pdbx_struct_sheet_hbond.range_1_auth_seq_id 
_pdbx_struct_sheet_hbond.range_2_label_atom_id 
_pdbx_struct_sheet_hbond.range_2_label_comp_id 
_pdbx_struct_sheet_hbond.range_2_label_asym_id 
_pdbx_struct_sheet_hbond.range_2_label_seq_id 
_pdbx_struct_sheet_hbond.range_2_PDB_ins_code 
_pdbx_struct_sheet_hbond.range_2_auth_atom_id 
_pdbx_struct_sheet_hbond.range_2_auth_comp_id 
_pdbx_struct_sheet_hbond.range_2_auth_asym_id 
_pdbx_struct_sheet_hbond.range_2_auth_seq_id 
AA 1 2 N ARG A 18  ? N ARG A 18  O ASN A 62  ? O ASN A 62  
AA 2 3 N THR A 59  ? N THR A 59  O SER A 31  ? O SER A 31  
AB 1 2 N ARG A 18  ? N ARG A 18  O ASN A 62  ? O ASN A 62  
AB 2 3 N ILE A 63  ? N ILE A 63  O HIS A 124 ? O HIS A 124 
AB 3 4 N VAL A 129 ? N VAL A 129 O GLN A 85  ? O GLN A 85  
AB 4 5 O ILE A 86  ? O ILE A 86  N LEU A 96  ? N LEU A 96  
AC 1 2 N ILE A 24  ? N ILE A 24  O PHE A 139 ? O PHE A 139 
AC 2 3 O SER A 142 ? O SER A 142 N THR A 70  ? N THR A 70  
AC 3 4 N VAL A 76  ? N VAL A 76  O ASN A 111 ? O ASN A 111 
AD 1 2 N ILE A 40  ? N ILE A 40  O GLY A 48  ? O GLY A 48  
# 
_atom_sites.entry_id                    1UY2 
_atom_sites.fract_transf_matrix[1][1]   0.00942190 
_atom_sites.fract_transf_matrix[1][2]   -0.00593336 
_atom_sites.fract_transf_matrix[1][3]   0.00437178 
_atom_sites.fract_transf_matrix[2][1]   0.00693151 
_atom_sites.fract_transf_matrix[2][2]   0.00954498 
_atom_sites.fract_transf_matrix[2][3]   -0.00198415 
_atom_sites.fract_transf_matrix[3][1]   -0.00466852 
_atom_sites.fract_transf_matrix[3][2]   0.00763609 
_atom_sites.fract_transf_matrix[3][3]   0.02042511 
_atom_sites.fract_transf_vector[1]      0.293846 
_atom_sites.fract_transf_vector[2]      0.107992 
_atom_sites.fract_transf_vector[3]      0.089484 
# 
loop_
_atom_type.symbol 
C  
CA 
N  
NA 
O  
# 
loop_
_atom_site.group_PDB 
_atom_site.id 
_atom_site.type_symbol 
_atom_site.label_atom_id 
_atom_site.label_alt_id 
_atom_site.label_comp_id 
_atom_site.label_asym_id 
_atom_site.label_entity_id 
_atom_site.label_seq_id 
_atom_site.pdbx_PDB_ins_code 
_atom_site.Cartn_x 
_atom_site.Cartn_y 
_atom_site.Cartn_z 
_atom_site.occupancy 
_atom_site.B_iso_or_equiv 
_atom_site.pdbx_formal_charge 
_atom_site.auth_seq_id 
_atom_site.auth_comp_id 
_atom_site.auth_asym_id 
_atom_site.auth_atom_id 
_atom_site.pdbx_PDB_model_num 
ATOM   1    N  N   . SER A 1 14  ? -13.403 -6.795  -5.209  1.00 43.20 ? 14   SER A N   1 
ATOM   2    C  CA  . SER A 1 14  ? -12.061 -6.249  -5.581  1.00 41.38 ? 14   SER A CA  1 
ATOM   3    C  C   . SER A 1 14  ? -11.458 -7.131  -6.684  1.00 41.39 ? 14   SER A C   1 
ATOM   4    O  O   . SER A 1 14  ? -11.719 -8.345  -6.725  1.00 40.44 ? 14   SER A O   1 
ATOM   5    C  CB  . SER A 1 14  ? -11.142 -6.199  -4.357  1.00 41.12 ? 14   SER A CB  1 
ATOM   6    O  OG  . SER A 1 14  ? -11.548 -5.187  -3.467  1.00 35.93 ? 14   SER A OG  1 
ATOM   7    N  N   . PRO A 1 15  ? -10.683 -6.555  -7.602  1.00 41.03 ? 15   PRO A N   1 
ATOM   8    C  CA  . PRO A 1 15  ? -10.175 -7.354  -8.746  1.00 41.03 ? 15   PRO A CA  1 
ATOM   9    C  C   . PRO A 1 15  ? -9.312  -8.560  -8.324  1.00 40.71 ? 15   PRO A C   1 
ATOM   10   O  O   . PRO A 1 15  ? -8.510  -8.462  -7.359  1.00 40.28 ? 15   PRO A O   1 
ATOM   11   C  CB  . PRO A 1 15  ? -9.320  -6.355  -9.567  1.00 41.67 ? 15   PRO A CB  1 
ATOM   12   C  CG  . PRO A 1 15  ? -9.614  -4.941  -8.988  1.00 41.85 ? 15   PRO A CG  1 
ATOM   13   C  CD  . PRO A 1 15  ? -10.313 -5.133  -7.668  1.00 41.23 ? 15   PRO A CD  1 
ATOM   14   N  N   . ILE A 1 16  ? -9.459  -9.671  -9.054  1.00 39.98 ? 16   ILE A N   1 
ATOM   15   C  CA  . ILE A 1 16  ? -8.640  -10.871 -8.816  1.00 39.85 ? 16   ILE A CA  1 
ATOM   16   C  C   . ILE A 1 16  ? -7.171  -10.713 -9.252  1.00 38.00 ? 16   ILE A C   1 
ATOM   17   O  O   . ILE A 1 16  ? -6.293  -11.437 -8.771  1.00 36.47 ? 16   ILE A O   1 
ATOM   18   C  CB  . ILE A 1 16  ? -9.288  -12.118 -9.493  1.00 41.30 ? 16   ILE A CB  1 
ATOM   19   C  CG1 . ILE A 1 16  ? -8.660  -13.410 -8.944  1.00 44.75 ? 16   ILE A CG1 1 
ATOM   20   C  CG2 . ILE A 1 16  ? -9.103  -12.096 -10.994 1.00 42.77 ? 16   ILE A CG2 1 
ATOM   21   C  CD1 . ILE A 1 16  ? -9.129  -13.752 -7.495  1.00 48.69 ? 16   ILE A CD1 1 
ATOM   22   N  N   . ARG A 1 17  ? -6.909  -9.767  -10.162 1.00 36.41 ? 17   ARG A N   1 
ATOM   23   C  CA  . ARG A 1 17  ? -5.557  -9.499  -10.608 1.00 36.19 ? 17   ARG A CA  1 
ATOM   24   C  C   . ARG A 1 17  ? -5.409  -8.068  -11.094 1.00 33.78 ? 17   ARG A C   1 
ATOM   25   O  O   . ARG A 1 17  ? -6.415  -7.409  -11.455 1.00 34.28 ? 17   ARG A O   1 
ATOM   26   C  CB  . ARG A 1 17  ? -5.142  -10.442 -11.741 1.00 37.25 ? 17   ARG A CB  1 
ATOM   27   C  CG  . ARG A 1 17  ? -5.985  -10.373 -12.968 1.00 40.65 ? 17   ARG A CG  1 
ATOM   28   C  CD  . ARG A 1 17  ? -5.668  -11.535 -13.935 1.00 47.65 ? 17   ARG A CD  1 
ATOM   29   N  NE  . ARG A 1 17  ? -6.071  -12.829 -13.338 1.00 54.19 ? 17   ARG A NE  1 
ATOM   30   C  CZ  . ARG A 1 17  ? -5.244  -13.727 -12.736 1.00 59.79 ? 17   ARG A CZ  1 
ATOM   31   N  NH1 . ARG A 1 17  ? -5.773  -14.844 -12.233 1.00 60.00 ? 17   ARG A NH1 1 
ATOM   32   N  NH2 . ARG A 1 17  ? -3.902  -13.539 -12.636 1.00 61.50 ? 17   ARG A NH2 1 
ATOM   33   N  N   . ARG A 1 18  ? -4.155  -7.640  -11.183 1.00 29.59 ? 18   ARG A N   1 
ATOM   34   C  CA  . ARG A 1 18  ? -3.834  -6.258  -11.510 1.00 27.46 ? 18   ARG A CA  1 
ATOM   35   C  C   . ARG A 1 18  ? -2.404  -6.109  -12.029 1.00 25.69 ? 18   ARG A C   1 
ATOM   36   O  O   . ARG A 1 18  ? -1.538  -6.946  -11.797 1.00 26.62 ? 18   ARG A O   1 
ATOM   37   C  CB  . ARG A 1 18  ? -4.084  -5.370  -10.287 1.00 28.17 ? 18   ARG A CB  1 
ATOM   38   C  CG  . ARG A 1 18  ? -5.541  -4.786  -10.230 1.00 29.82 ? 18   ARG A CG  1 
ATOM   39   C  CD  . ARG A 1 18  ? -5.809  -3.896  -8.997  1.00 29.35 ? 18   ARG A CD  1 
ATOM   40   N  NE  . ARG A 1 18  ? -5.943  -4.851  -7.867  1.00 31.71 ? 18   ARG A NE  1 
ATOM   41   C  CZ  . ARG A 1 18  ? -6.506  -4.591  -6.689  1.00 32.04 ? 18   ARG A CZ  1 
ATOM   42   N  NH1 . ARG A 1 18  ? -6.630  -5.582  -5.798  1.00 31.01 ? 18   ARG A NH1 1 
ATOM   43   N  NH2 . ARG A 1 18  ? -6.885  -3.348  -6.378  1.00 33.64 ? 18   ARG A NH2 1 
ATOM   44   N  N   . ASP A 1 19  ? -2.166  -5.005  -12.720 1.00 23.59 ? 19   ASP A N   1 
ATOM   45   C  CA  . ASP A 1 19  ? -0.891  -4.677  -13.326 1.00 23.62 ? 19   ASP A CA  1 
ATOM   46   C  C   . ASP A 1 19  ? -0.142  -3.818  -12.307 1.00 23.27 ? 19   ASP A C   1 
ATOM   47   O  O   . ASP A 1 19  ? -0.717  -2.833  -11.812 1.00 24.04 ? 19   ASP A O   1 
ATOM   48   C  CB  . ASP A 1 19  ? -1.234  -3.870  -14.578 1.00 24.27 ? 19   ASP A CB  1 
ATOM   49   C  CG  . ASP A 1 19  ? -0.040  -3.369  -15.387 1.00 27.40 ? 19   ASP A CG  1 
ATOM   50   O  OD1 . ASP A 1 19  ? 1.123   -3.430  -15.100 1.00 26.14 ? 19   ASP A OD1 1 
ATOM   51   O  OD2 . ASP A 1 19  ? -0.270  -2.760  -16.467 1.00 41.27 ? 19   ASP A OD2 1 
ATOM   52   N  N   . ALA A 1 20  ? 1.131   -4.113  -12.047 1.00 22.03 ? 20   ALA A N   1 
ATOM   53   C  CA  . ALA A 1 20  ? 1.953   -3.321  -11.101 1.00 20.86 ? 20   ALA A CA  1 
ATOM   54   C  C   . ALA A 1 20  ? 2.200   -1.898  -11.562 1.00 21.38 ? 20   ALA A C   1 
ATOM   55   O  O   . ALA A 1 20  ? 2.474   -1.026  -10.749 1.00 19.47 ? 20   ALA A O   1 
ATOM   56   C  CB  . ALA A 1 20  ? 3.281   -3.945  -10.898 1.00 21.17 ? 20   ALA A CB  1 
ATOM   57   N  N   . PHE A 1 21  ? 2.169   -1.701  -12.882 1.00 20.30 ? 21   PHE A N   1 
ATOM   58   C  CA  . PHE A 1 21  ? 2.494   -0.416  -13.492 1.00 22.43 ? 21   PHE A CA  1 
ATOM   59   C  C   . PHE A 1 21  ? 1.307   0.372   -13.970 1.00 22.82 ? 21   PHE A C   1 
ATOM   60   O  O   . PHE A 1 21  ? 1.375   1.027   -15.026 1.00 24.35 ? 21   PHE A O   1 
ATOM   61   C  CB  . PHE A 1 21  ? 3.501   -0.664  -14.595 1.00 22.61 ? 21   PHE A CB  1 
ATOM   62   C  CG  . PHE A 1 21  ? 4.586   -1.611  -14.177 1.00 22.80 ? 21   PHE A CG  1 
ATOM   63   C  CD1 . PHE A 1 21  ? 5.557   -1.221  -13.256 1.00 23.68 ? 21   PHE A CD1 1 
ATOM   64   C  CD2 . PHE A 1 21  ? 4.624   -2.911  -14.676 1.00 24.54 ? 21   PHE A CD2 1 
ATOM   65   C  CE1 . PHE A 1 21  ? 6.527   -2.087  -12.839 1.00 28.34 ? 21   PHE A CE1 1 
ATOM   66   C  CE2 . PHE A 1 21  ? 5.640   -3.808  -14.251 1.00 24.71 ? 21   PHE A CE2 1 
ATOM   67   C  CZ  . PHE A 1 21  ? 6.597   -3.367  -13.350 1.00 26.85 ? 21   PHE A CZ  1 
ATOM   68   N  N   . SER A 1 22  ? 0.201   0.261   -13.216 1.00 22.23 ? 22   SER A N   1 
ATOM   69   C  CA  . SER A 1 22  ? -0.954  1.144   -13.358 1.00 22.40 ? 22   SER A CA  1 
ATOM   70   C  C   . SER A 1 22  ? -1.447  1.351   -11.929 1.00 21.32 ? 22   SER A C   1 
ATOM   71   O  O   . SER A 1 22  ? -1.221  0.493   -11.092 1.00 20.11 ? 22   SER A O   1 
ATOM   72   C  CB  . SER A 1 22  ? -2.001  0.547   -14.323 1.00 23.88 ? 22   SER A CB  1 
ATOM   73   O  OG  . SER A 1 22  ? -3.226  1.292   -14.420 1.00 28.27 ? 22   SER A OG  1 
ATOM   74   N  N   . ILE A 1 23  ? -2.117  2.461   -11.666 1.00 20.39 ? 23   ILE A N   1 
ATOM   75   C  CA  . ILE A 1 23  ? -2.609  2.791   -10.342 1.00 19.92 ? 23   ILE A CA  1 
ATOM   76   C  C   . ILE A 1 23  ? -3.422  1.618   -9.778  1.00 20.96 ? 23   ILE A C   1 
ATOM   77   O  O   . ILE A 1 23  ? -4.281  1.041   -10.462 1.00 21.60 ? 23   ILE A O   1 
ATOM   78   C  CB  . ILE A 1 23  ? -3.454  4.069   -10.366 1.00 19.41 ? 23   ILE A CB  1 
ATOM   79   C  CG1 . ILE A 1 23  ? -2.544  5.283   -10.662 1.00 21.35 ? 23   ILE A CG1 1 
ATOM   80   C  CG2 . ILE A 1 23  ? -4.252  4.279   -8.984  1.00 19.01 ? 23   ILE A CG2 1 
ATOM   81   C  CD1 . ILE A 1 23  ? -1.654  5.715   -9.552  1.00 21.97 ? 23   ILE A CD1 1 
ATOM   82   N  N   . ILE A 1 24  ? -3.115  1.280   -8.532  1.00 20.30 ? 24   ILE A N   1 
ATOM   83   C  CA  . ILE A 1 24  ? -3.859  0.299   -7.745  1.00 20.07 ? 24   ILE A CA  1 
ATOM   84   C  C   . ILE A 1 24  ? -4.520  1.073   -6.615  1.00 20.17 ? 24   ILE A C   1 
ATOM   85   O  O   . ILE A 1 24  ? -3.879  1.846   -5.919  1.00 20.52 ? 24   ILE A O   1 
ATOM   86   C  CB  . ILE A 1 24  ? -2.916  -0.805  -7.194  1.00 20.22 ? 24   ILE A CB  1 
ATOM   87   C  CG1 . ILE A 1 24  ? -2.276  -1.578  -8.362  1.00 21.54 ? 24   ILE A CG1 1 
ATOM   88   C  CG2 . ILE A 1 24  ? -3.681  -1.731  -6.211  1.00 19.16 ? 24   ILE A CG2 1 
ATOM   89   C  CD1 . ILE A 1 24  ? -1.005  -2.371  -7.951  1.00 21.33 ? 24   ILE A CD1 1 
ATOM   90   N  N   . GLU A 1 25  ? -5.840  0.941   -6.515  1.00 20.24 ? 25   GLU A N   1 
ATOM   91   C  CA  . GLU A 1 25  ? -6.588  1.654   -5.490  1.00 20.72 ? 25   GLU A CA  1 
ATOM   92   C  C   . GLU A 1 25  ? -6.519  0.895   -4.170  1.00 21.30 ? 25   GLU A C   1 
ATOM   93   O  O   . GLU A 1 25  ? -6.835  -0.297  -4.105  1.00 21.70 ? 25   GLU A O   1 
ATOM   94   C  CB  . GLU A 1 25  ? -8.030  1.858   -5.917  1.00 21.15 ? 25   GLU A CB  1 
ATOM   95   C  CG  . GLU A 1 25  ? -8.176  2.690   -7.163  1.00 22.12 ? 25   GLU A CG  1 
ATOM   96   C  CD  . GLU A 1 25  ? -7.826  4.147   -6.956  1.00 23.50 ? 25   GLU A CD  1 
ATOM   97   O  OE1 . GLU A 1 25  ? -7.598  4.609   -5.788  1.00 20.16 ? 25   GLU A OE1 1 
ATOM   98   O  OE2 . GLU A 1 25  ? -7.807  4.832   -7.972  1.00 26.57 ? 25   GLU A OE2 1 
ATOM   99   N  N   . ALA A 1 26  ? -6.078  1.578   -3.130  1.00 20.72 ? 26   ALA A N   1 
ATOM   100  C  CA  . ALA A 1 26  ? -5.896  0.932   -1.836  1.00 21.68 ? 26   ALA A CA  1 
ATOM   101  C  C   . ALA A 1 26  ? -7.209  0.325   -1.269  1.00 22.09 ? 26   ALA A C   1 
ATOM   102  O  O   . ALA A 1 26  ? -7.192  -0.702  -0.575  1.00 22.16 ? 26   ALA A O   1 
ATOM   103  C  CB  . ALA A 1 26  ? -5.254  1.861   -0.837  1.00 20.61 ? 26   ALA A CB  1 
ATOM   104  N  N   . GLU A 1 27  ? -8.323  0.997   -1.523  1.00 22.35 ? 27   GLU A N   1 
ATOM   105  C  CA  . GLU A 1 27  ? -9.644  0.551   -1.093  1.00 23.61 ? 27   GLU A CA  1 
ATOM   106  C  C   . GLU A 1 27  ? -10.138 -0.697  -1.808  1.00 24.21 ? 27   GLU A C   1 
ATOM   107  O  O   . GLU A 1 27  ? -11.110 -1.323  -1.363  1.00 24.50 ? 27   GLU A O   1 
ATOM   108  C  CB  . GLU A 1 27  ? -10.665 1.712   -1.236  1.00 24.04 ? 27   GLU A CB  1 
ATOM   109  C  CG  . GLU A 1 27  ? -10.913 2.201   -2.663  1.00 24.53 ? 27   GLU A CG  1 
ATOM   110  C  CD  . GLU A 1 27  ? -9.917  3.263   -3.150  1.00 24.16 ? 27   GLU A CD  1 
ATOM   111  O  OE1 . GLU A 1 27  ? -8.775  3.400   -2.573  1.00 22.62 ? 27   GLU A OE1 1 
ATOM   112  O  OE2 . GLU A 1 27  ? -10.289 4.020   -4.118  1.00 25.58 ? 27   GLU A OE2 1 
ATOM   113  N  N   . GLU A 1 28  ? -9.505  -1.068  -2.916  1.00 23.65 ? 28   GLU A N   1 
ATOM   114  C  CA  . GLU A 1 28  ? -9.830  -2.285  -3.626  1.00 25.02 ? 28   GLU A CA  1 
ATOM   115  C  C   . GLU A 1 28  ? -8.900  -3.452  -3.225  1.00 23.01 ? 28   GLU A C   1 
ATOM   116  O  O   . GLU A 1 28  ? -8.306  -4.108  -4.031  1.00 23.60 ? 28   GLU A O   1 
ATOM   117  C  CB  . GLU A 1 28  ? -9.818  -2.014  -5.145  1.00 25.24 ? 28   GLU A CB  1 
ATOM   118  C  CG  . GLU A 1 28  ? -10.883 -0.976  -5.534  1.00 28.88 ? 28   GLU A CG  1 
ATOM   119  C  CD  . GLU A 1 28  ? -10.910 -0.652  -7.019  1.00 32.35 ? 28   GLU A CD  1 
ATOM   120  O  OE1 . GLU A 1 28  ? -11.747 0.169   -7.416  1.00 38.87 ? 28   GLU A OE1 1 
ATOM   121  O  OE2 . GLU A 1 28  ? -10.116 -1.202  -7.786  1.00 33.49 ? 28   GLU A OE2 1 
ATOM   122  N  N   . TYR A 1 29  ? -8.777  -3.676  -1.931  1.00 23.16 ? 29   TYR A N   1 
ATOM   123  C  CA  . TYR A 1 29  ? -7.943  -4.769  -1.396  1.00 22.34 ? 29   TYR A CA  1 
ATOM   124  C  C   . TYR A 1 29  ? -8.728  -6.038  -1.365  1.00 22.10 ? 29   TYR A C   1 
ATOM   125  O  O   . TYR A 1 29  ? -9.958  -6.021  -1.475  1.00 22.71 ? 29   TYR A O   1 
ATOM   126  C  CB  . TYR A 1 29  ? -7.471  -4.456  0.019   1.00 20.71 ? 29   TYR A CB  1 
ATOM   127  C  CG  . TYR A 1 29  ? -8.612  -4.300  1.013   1.00 22.03 ? 29   TYR A CG  1 
ATOM   128  C  CD1 . TYR A 1 29  ? -9.094  -5.403  1.749   1.00 25.02 ? 29   TYR A CD1 1 
ATOM   129  C  CD2 . TYR A 1 29  ? -9.209  -3.065  1.236   1.00 25.95 ? 29   TYR A CD2 1 
ATOM   130  C  CE1 . TYR A 1 29  ? -10.162 -5.268  2.639   1.00 28.70 ? 29   TYR A CE1 1 
ATOM   131  C  CE2 . TYR A 1 29  ? -10.300 -2.929  2.112   1.00 26.62 ? 29   TYR A CE2 1 
ATOM   132  C  CZ  . TYR A 1 29  ? -10.743 -4.029  2.839   1.00 28.11 ? 29   TYR A CZ  1 
ATOM   133  O  OH  . TYR A 1 29  ? -11.776 -3.873  3.748   1.00 28.77 ? 29   TYR A OH  1 
ATOM   134  N  N   . ASN A 1 30  ? -8.010  -7.146  -1.211  1.00 22.39 ? 30   ASN A N   1 
ATOM   135  C  CA  . ASN A 1 30  ? -8.605  -8.478  -1.353  1.00 23.05 ? 30   ASN A CA  1 
ATOM   136  C  C   . ASN A 1 30  ? -8.853  -9.141  0.018   1.00 23.09 ? 30   ASN A C   1 
ATOM   137  O  O   . ASN A 1 30  ? -9.859  -9.804  0.186   1.00 23.40 ? 30   ASN A O   1 
ATOM   138  C  CB  . ASN A 1 30  ? -7.814  -9.349  -2.329  1.00 24.10 ? 30   ASN A CB  1 
ATOM   139  C  CG  . ASN A 1 30  ? -7.824  -8.770  -3.715  1.00 22.74 ? 30   ASN A CG  1 
ATOM   140  O  OD1 . ASN A 1 30  ? -6.901  -8.057  -4.101  1.00 21.46 ? 30   ASN A OD1 1 
ATOM   141  N  ND2 . ASN A 1 30  ? -8.882  -9.048  -4.473  1.00 23.69 ? 30   ASN A ND2 1 
ATOM   142  N  N   . SER A 1 31  ? -8.013  -8.855  1.002   1.00 21.66 ? 31   SER A N   1 
ATOM   143  C  CA  . SER A 1 31  ? -8.225  -9.342  2.344   1.00 22.10 ? 31   SER A CA  1 
ATOM   144  C  C   . SER A 1 31  ? -7.463  -8.456  3.330   1.00 21.27 ? 31   SER A C   1 
ATOM   145  O  O   . SER A 1 31  ? -6.530  -7.740  2.956   1.00 21.74 ? 31   SER A O   1 
ATOM   146  C  CB  . SER A 1 31  ? -7.787  -10.822 2.403   1.00 20.57 ? 31   SER A CB  1 
ATOM   147  O  OG  . SER A 1 31  ? -6.394  -11.010 2.162   1.00 21.77 ? 31   SER A OG  1 
ATOM   148  N  N   . THR A 1 32  ? -7.874  -8.476  4.593   1.00 22.42 ? 32   THR A N   1 
ATOM   149  C  CA  . THR A 1 32  ? -7.144  -7.795  5.628   1.00 21.06 ? 32   THR A CA  1 
ATOM   150  C  C   . THR A 1 32  ? -7.355  -8.551  6.952   1.00 22.00 ? 32   THR A C   1 
ATOM   151  O  O   . THR A 1 32  ? -8.372  -9.196  7.128   1.00 21.60 ? 32   THR A O   1 
ATOM   152  C  CB  . THR A 1 32  ? -7.606  -6.345  5.735   1.00 22.14 ? 32   THR A CB  1 
ATOM   153  O  OG1 . THR A 1 32  ? -6.895  -5.624  6.743   1.00 20.23 ? 32   THR A OG1 1 
ATOM   154  C  CG2 . THR A 1 32  ? -9.087  -6.239  6.098   1.00 20.37 ? 32   THR A CG2 1 
ATOM   155  N  N   . ASN A 1 33  ? -6.382  -8.439  7.856   1.00 20.62 ? 33   ASN A N   1 
ATOM   156  C  CA  . ASN A 1 33  ? -6.572  -8.920  9.234   1.00 21.12 ? 33   ASN A CA  1 
ATOM   157  C  C   . ASN A 1 33  ? -7.276  -7.912  10.123  1.00 21.84 ? 33   ASN A C   1 
ATOM   158  O  O   . ASN A 1 33  ? -7.573  -8.229  11.279  1.00 23.14 ? 33   ASN A O   1 
ATOM   159  C  CB  . ASN A 1 33  ? -5.215  -9.340  9.859   1.00 20.74 ? 33   ASN A CB  1 
ATOM   160  C  CG  . ASN A 1 33  ? -4.299  -8.150  10.170  1.00 20.51 ? 33   ASN A CG  1 
ATOM   161  O  OD1 . ASN A 1 33  ? -4.591  -7.007  9.759   1.00 19.26 ? 33   ASN A OD1 1 
ATOM   162  N  ND2 . ASN A 1 33  ? -3.203  -8.399  10.918  1.00 17.98 ? 33   ASN A ND2 1 
ATOM   163  N  N   A SER A 1 34  ? -7.524  -6.699  9.620   0.65 22.58 ? 34   SER A N   1 
ATOM   164  N  N   B SER A 1 34  ? -7.535  -6.712  9.608   0.35 20.90 ? 34   SER A N   1 
ATOM   165  C  CA  A SER A 1 34  ? -7.998  -5.633  10.476  0.65 24.35 ? 34   SER A CA  1 
ATOM   166  C  CA  B SER A 1 34  ? -7.927  -5.593  10.438  0.35 20.23 ? 34   SER A CA  1 
ATOM   167  C  C   A SER A 1 34  ? -9.407  -5.843  10.907  0.65 23.73 ? 34   SER A C   1 
ATOM   168  C  C   B SER A 1 34  ? -9.394  -5.594  10.818  0.35 21.88 ? 34   SER A C   1 
ATOM   169  O  O   A SER A 1 34  ? -10.281 -6.417  10.191  0.65 25.16 ? 34   SER A O   1 
ATOM   170  O  O   B SER A 1 34  ? -10.292 -5.724  9.962   0.35 21.95 ? 34   SER A O   1 
ATOM   171  C  CB  A SER A 1 34  ? -7.977  -4.205  9.858   0.65 24.52 ? 34   SER A CB  1 
ATOM   172  C  CB  B SER A 1 34  ? -7.654  -4.255  9.733   0.35 20.07 ? 34   SER A CB  1 
ATOM   173  O  OG  A SER A 1 34  ? -7.036  -4.130  8.842   0.65 33.44 ? 34   SER A OG  1 
ATOM   174  O  OG  B SER A 1 34  ? -7.950  -3.156  10.561  0.35 12.01 ? 34   SER A OG  1 
ATOM   175  N  N   . SER A 1 35  ? -9.622  -5.332  12.088  1.00 23.95 ? 35   SER A N   1 
ATOM   176  C  CA  . SER A 1 35  ? -10.972 -5.207  12.617  1.00 26.28 ? 35   SER A CA  1 
ATOM   177  C  C   . SER A 1 35  ? -11.431 -3.748  12.669  1.00 26.61 ? 35   SER A C   1 
ATOM   178  O  O   . SER A 1 35  ? -12.548 -3.514  13.079  1.00 27.08 ? 35   SER A O   1 
ATOM   179  C  CB  . SER A 1 35  ? -11.071 -5.823  14.000  1.00 27.84 ? 35   SER A CB  1 
ATOM   180  O  OG  . SER A 1 35  ? -10.794 -7.209  13.926  1.00 29.11 ? 35   SER A OG  1 
ATOM   181  N  N   . THR A 1 36  ? -10.586 -2.793  12.276  1.00 26.10 ? 36   THR A N   1 
ATOM   182  C  CA  . THR A 1 36  ? -10.885 -1.356  12.380  1.00 26.54 ? 36   THR A CA  1 
ATOM   183  C  C   . THR A 1 36  ? -10.909 -0.678  11.044  1.00 27.44 ? 36   THR A C   1 
ATOM   184  O  O   . THR A 1 36  ? -11.576 0.359   10.869  1.00 26.84 ? 36   THR A O   1 
ATOM   185  C  CB  . THR A 1 36  ? -9.838  -0.620  13.244  1.00 27.18 ? 36   THR A CB  1 
ATOM   186  O  OG1 . THR A 1 36  ? -8.490  -0.903  12.808  1.00 26.92 ? 36   THR A OG1 1 
ATOM   187  C  CG2 . THR A 1 36  ? -9.913  -1.072  14.733  1.00 28.90 ? 36   THR A CG2 1 
ATOM   188  N  N   . LEU A 1 37  ? -10.156 -1.239  10.087  1.00 25.92 ? 37   LEU A N   1 
ATOM   189  C  CA  . LEU A 1 37  ? -9.978  -0.579  8.797   1.00 26.14 ? 37   LEU A CA  1 
ATOM   190  C  C   . LEU A 1 37  ? -11.327 -0.254  8.135   1.00 26.54 ? 37   LEU A C   1 
ATOM   191  O  O   . LEU A 1 37  ? -12.241 -1.097  8.082   1.00 25.09 ? 37   LEU A O   1 
ATOM   192  C  CB  . LEU A 1 37  ? -9.131  -1.471  7.887   1.00 25.11 ? 37   LEU A CB  1 
ATOM   193  C  CG  . LEU A 1 37  ? -8.852  -0.957  6.449   1.00 27.34 ? 37   LEU A CG  1 
ATOM   194  C  CD1 . LEU A 1 37  ? -7.551  -1.574  5.923   1.00 27.79 ? 37   LEU A CD1 1 
ATOM   195  C  CD2 . LEU A 1 37  ? -10.015 -1.216  5.473   1.00 27.66 ? 37   LEU A CD2 1 
ATOM   196  N  N   . GLN A 1 38  ? -11.431 0.976   7.596   1.00 26.64 ? 38   GLN A N   1 
ATOM   197  C  CA  . GLN A 1 38  ? -12.617 1.408   6.850   1.00 27.52 ? 38   GLN A CA  1 
ATOM   198  C  C   . GLN A 1 38  ? -12.192 1.991   5.508   1.00 26.52 ? 38   GLN A C   1 
ATOM   199  O  O   . GLN A 1 38  ? -11.055 2.483   5.354   1.00 25.27 ? 38   GLN A O   1 
ATOM   200  C  CB  . GLN A 1 38  ? -13.323 2.500   7.644   1.00 27.92 ? 38   GLN A CB  1 
ATOM   201  C  CG  . GLN A 1 38  ? -13.918 2.071   9.029   1.00 32.55 ? 38   GLN A CG  1 
ATOM   202  C  CD  . GLN A 1 38  ? -14.711 3.238   9.651   1.00 38.86 ? 38   GLN A CD  1 
ATOM   203  O  OE1 . GLN A 1 38  ? -15.394 3.979   8.911   1.00 41.96 ? 38   GLN A OE1 1 
ATOM   204  N  NE2 . GLN A 1 38  ? -14.582 3.450   10.978  1.00 43.16 ? 38   GLN A NE2 1 
ATOM   205  N  N   . VAL A 1 39  ? -13.085 1.901   4.541   1.00 27.24 ? 39   VAL A N   1 
ATOM   206  C  CA  . VAL A 1 39  ? -12.955 2.625   3.288   1.00 27.80 ? 39   VAL A CA  1 
ATOM   207  C  C   . VAL A 1 39  ? -13.375 4.060   3.637   1.00 27.60 ? 39   VAL A C   1 
ATOM   208  O  O   . VAL A 1 39  ? -14.429 4.263   4.294   1.00 28.97 ? 39   VAL A O   1 
ATOM   209  C  CB  . VAL A 1 39  ? -13.798 2.031   2.153   1.00 27.82 ? 39   VAL A CB  1 
ATOM   210  C  CG1 . VAL A 1 39  ? -13.821 3.014   0.904   1.00 28.66 ? 39   VAL A CG1 1 
ATOM   211  C  CG2 . VAL A 1 39  ? -13.251 0.665   1.766   1.00 29.39 ? 39   VAL A CG2 1 
ATOM   212  N  N   . ILE A 1 40  ? -12.502 5.013   3.327   1.00 26.53 ? 40   ILE A N   1 
ATOM   213  C  CA  . ILE A 1 40  ? -12.719 6.430   3.626   1.00 26.20 ? 40   ILE A CA  1 
ATOM   214  C  C   . ILE A 1 40  ? -12.806 7.229   2.322   1.00 26.48 ? 40   ILE A C   1 
ATOM   215  O  O   . ILE A 1 40  ? -12.410 6.740   1.265   1.00 26.80 ? 40   ILE A O   1 
ATOM   216  C  CB  . ILE A 1 40  ? -11.582 6.975   4.515   1.00 25.92 ? 40   ILE A CB  1 
ATOM   217  C  CG1 . ILE A 1 40  ? -10.209 6.798   3.842   1.00 25.94 ? 40   ILE A CG1 1 
ATOM   218  C  CG2 . ILE A 1 40  ? -11.600 6.276   5.909   1.00 31.15 ? 40   ILE A CG2 1 
ATOM   219  C  CD1 . ILE A 1 40  ? -9.183  7.648   4.339   1.00 28.61 ? 40   ILE A CD1 1 
ATOM   220  N  N   . GLY A 1 41  ? -13.367 8.430   2.417   1.00 27.91 ? 41   GLY A N   1 
ATOM   221  C  CA  . GLY A 1 41  ? -13.357 9.396   1.335   1.00 25.47 ? 41   GLY A CA  1 
ATOM   222  C  C   . GLY A 1 41  ? -12.130 10.294  1.452   1.00 25.70 ? 41   GLY A C   1 
ATOM   223  O  O   . GLY A 1 41  ? -11.495 10.437  2.497   1.00 24.69 ? 41   GLY A O   1 
ATOM   224  N  N   . THR A 1 42  ? -11.757 10.885  0.322   1.00 26.66 ? 42   THR A N   1 
ATOM   225  C  CA  . THR A 1 42  ? -10.649 11.843  0.253   1.00 26.31 ? 42   THR A CA  1 
ATOM   226  C  C   . THR A 1 42  ? -11.214 13.191  -0.202  1.00 25.90 ? 42   THR A C   1 
ATOM   227  O  O   . THR A 1 42  ? -12.369 13.249  -0.647  1.00 25.45 ? 42   THR A O   1 
ATOM   228  C  CB  . THR A 1 42  ? -9.587  11.381  -0.785  1.00 27.65 ? 42   THR A CB  1 
ATOM   229  O  OG1 . THR A 1 42  ? -10.192 11.335  -2.081  1.00 27.93 ? 42   THR A OG1 1 
ATOM   230  C  CG2 . THR A 1 42  ? -9.070  9.995   -0.461  1.00 26.19 ? 42   THR A CG2 1 
ATOM   231  N  N   . PRO A 1 43  ? -10.453 14.282  -0.018  1.00 25.74 ? 43   PRO A N   1 
ATOM   232  C  CA  . PRO A 1 43  ? -10.971 15.629  -0.371  1.00 25.72 ? 43   PRO A CA  1 
ATOM   233  C  C   . PRO A 1 43  ? -11.522 15.824  -1.778  1.00 25.62 ? 43   PRO A C   1 
ATOM   234  O  O   . PRO A 1 43  ? -12.435 16.648  -1.955  1.00 27.60 ? 43   PRO A O   1 
ATOM   235  C  CB  . PRO A 1 43  ? -9.778  16.564  -0.066  1.00 25.53 ? 43   PRO A CB  1 
ATOM   236  C  CG  . PRO A 1 43  ? -9.027  15.849  0.970   1.00 25.46 ? 43   PRO A CG  1 
ATOM   237  C  CD  . PRO A 1 43  ? -9.143  14.368  0.656   1.00 24.49 ? 43   PRO A CD  1 
ATOM   238  N  N   . ASN A 1 44  ? -11.032 15.099  -2.766  1.00 24.10 ? 44   ASN A N   1 
ATOM   239  C  CA  . ASN A 1 44  ? -11.519 15.268  -4.137  1.00 24.31 ? 44   ASN A CA  1 
ATOM   240  C  C   . ASN A 1 44  ? -12.509 14.139  -4.537  1.00 24.44 ? 44   ASN A C   1 
ATOM   241  O  O   . ASN A 1 44  ? -12.688 13.782  -5.694  1.00 24.02 ? 44   ASN A O   1 
ATOM   242  C  CB  . ASN A 1 44  ? -10.324 15.383  -5.082  1.00 24.23 ? 44   ASN A CB  1 
ATOM   243  C  CG  . ASN A 1 44  ? -9.591  16.676  -4.935  1.00 22.49 ? 44   ASN A CG  1 
ATOM   244  O  OD1 . ASN A 1 44  ? -10.145 17.652  -4.411  1.00 23.29 ? 44   ASN A OD1 1 
ATOM   245  N  ND2 . ASN A 1 44  ? -8.342  16.718  -5.425  1.00 22.49 ? 44   ASN A ND2 1 
ATOM   246  N  N   . ASN A 1 45  ? -13.153 13.589  -3.525  1.00 26.67 ? 45   ASN A N   1 
ATOM   247  C  CA  . ASN A 1 45  ? -14.178 12.575  -3.667  1.00 28.82 ? 45   ASN A CA  1 
ATOM   248  C  C   . ASN A 1 45  ? -13.669 11.323  -4.299  1.00 28.10 ? 45   ASN A C   1 
ATOM   249  O  O   . ASN A 1 45  ? -14.378 10.621  -5.014  1.00 28.82 ? 45   ASN A O   1 
ATOM   250  C  CB  . ASN A 1 45  ? -15.391 13.152  -4.354  1.00 31.25 ? 45   ASN A CB  1 
ATOM   251  C  CG  . ASN A 1 45  ? -16.054 14.193  -3.486  1.00 38.26 ? 45   ASN A CG  1 
ATOM   252  O  OD1 . ASN A 1 45  ? -16.466 13.884  -2.350  1.00 50.68 ? 45   ASN A OD1 1 
ATOM   253  N  ND2 . ASN A 1 45  ? -16.112 15.420  -3.955  1.00 45.59 ? 45   ASN A ND2 1 
ATOM   254  N  N   . GLY A 1 46  ? -12.403 11.038  -3.996  1.00 28.06 ? 46   GLY A N   1 
ATOM   255  C  CA  . GLY A 1 46  ? -11.841 9.711   -4.193  1.00 26.98 ? 46   GLY A CA  1 
ATOM   256  C  C   . GLY A 1 46  ? -12.115 8.888   -2.938  1.00 26.10 ? 46   GLY A C   1 
ATOM   257  O  O   . GLY A 1 46  ? -12.841 9.287   -2.031  1.00 25.95 ? 46   GLY A O   1 
ATOM   258  N  N   . ARG A 1 47  ? -11.549 7.703   -2.915  1.00 25.57 ? 47   ARG A N   1 
ATOM   259  C  CA  . ARG A 1 47  ? -11.576 6.827   -1.737  1.00 25.26 ? 47   ARG A CA  1 
ATOM   260  C  C   . ARG A 1 47  ? -10.179 6.321   -1.347  1.00 23.73 ? 47   ARG A C   1 
ATOM   261  O  O   . ARG A 1 47  ? -9.204  6.419   -2.112  1.00 22.53 ? 47   ARG A O   1 
ATOM   262  C  CB  . ARG A 1 47  ? -12.563 5.703   -2.001  1.00 26.21 ? 47   ARG A CB  1 
ATOM   263  C  CG  . ARG A 1 47  ? -14.026 6.226   -2.205  1.00 31.84 ? 47   ARG A CG  1 
ATOM   264  C  CD  . ARG A 1 47  ? -15.076 5.170   -2.494  1.00 43.12 ? 47   ARG A CD  1 
ATOM   265  N  NE  . ARG A 1 47  ? -15.991 5.062   -1.349  1.00 53.32 ? 47   ARG A NE  1 
ATOM   266  C  CZ  . ARG A 1 47  ? -16.746 3.990   -1.031  1.00 57.81 ? 47   ARG A CZ  1 
ATOM   267  N  NH1 . ARG A 1 47  ? -16.750 2.899   -1.802  1.00 58.81 ? 47   ARG A NH1 1 
ATOM   268  N  NH2 . ARG A 1 47  ? -17.512 4.026   0.079   1.00 58.57 ? 47   ARG A NH2 1 
ATOM   269  N  N   . GLY A 1 48  ? -10.086 5.807   -0.129  1.00 23.46 ? 48   GLY A N   1 
ATOM   270  C  CA  . GLY A 1 48  ? -8.879  5.242   0.407   1.00 23.35 ? 48   GLY A CA  1 
ATOM   271  C  C   . GLY A 1 48  ? -9.212  4.292   1.536   1.00 23.68 ? 48   GLY A C   1 
ATOM   272  O  O   . GLY A 1 48  ? -10.376 3.904   1.719   1.00 22.36 ? 48   GLY A O   1 
ATOM   273  N  N   . ILE A 1 49  ? -8.164  3.878   2.246   1.00 23.77 ? 49   ILE A N   1 
ATOM   274  C  CA  . ILE A 1 49  ? -8.326  3.098   3.451   1.00 23.51 ? 49   ILE A CA  1 
ATOM   275  C  C   . ILE A 1 49  ? -7.777  3.897   4.574   1.00 23.61 ? 49   ILE A C   1 
ATOM   276  O  O   . ILE A 1 49  ? -6.789  4.587   4.410   1.00 22.55 ? 49   ILE A O   1 
ATOM   277  C  CB  . ILE A 1 49  ? -7.659  1.703   3.351   1.00 22.83 ? 49   ILE A CB  1 
ATOM   278  C  CG1 . ILE A 1 49  ? -6.146  1.813   3.019   1.00 21.69 ? 49   ILE A CG1 1 
ATOM   279  C  CG2 . ILE A 1 49  ? -8.441  0.894   2.388   1.00 23.60 ? 49   ILE A CG2 1 
ATOM   280  C  CD1 . ILE A 1 49  ? -5.362  0.473   2.887   1.00 21.32 ? 49   ILE A CD1 1 
ATOM   281  N  N   . GLY A 1 50  ? -8.454  3.799   5.731   1.00 23.09 ? 50   GLY A N   1 
ATOM   282  C  CA  . GLY A 1 50  ? -7.982  4.394   6.940   1.00 23.13 ? 50   GLY A CA  1 
ATOM   283  C  C   . GLY A 1 50  ? -8.476  3.602   8.151   1.00 23.03 ? 50   GLY A C   1 
ATOM   284  O  O   . GLY A 1 50  ? -8.863  2.456   8.017   1.00 23.66 ? 50   GLY A O   1 
ATOM   285  N  N   . TYR A 1 51  ? -8.471  4.248   9.308   1.00 23.26 ? 51   TYR A N   1 
ATOM   286  C  CA  . TYR A 1 51  ? -8.716  3.614   10.632  1.00 24.80 ? 51   TYR A CA  1 
ATOM   287  C  C   . TYR A 1 51  ? -7.839  2.374   10.809  1.00 24.42 ? 51   TYR A C   1 
ATOM   288  O  O   . TYR A 1 51  ? -8.288  1.338   11.333  1.00 25.05 ? 51   TYR A O   1 
ATOM   289  C  CB  . TYR A 1 51  ? -10.207 3.384   10.869  1.00 25.30 ? 51   TYR A CB  1 
ATOM   290  C  CG  . TYR A 1 51  ? -10.927 4.717   10.876  1.00 27.86 ? 51   TYR A CG  1 
ATOM   291  C  CD1 . TYR A 1 51  ? -11.490 5.228   9.710   1.00 30.15 ? 51   TYR A CD1 1 
ATOM   292  C  CD2 . TYR A 1 51  ? -10.957 5.514   12.030  1.00 30.69 ? 51   TYR A CD2 1 
ATOM   293  C  CE1 . TYR A 1 51  ? -12.094 6.465   9.688   1.00 33.28 ? 51   TYR A CE1 1 
ATOM   294  C  CE2 . TYR A 1 51  ? -11.563 6.771   12.024  1.00 31.12 ? 51   TYR A CE2 1 
ATOM   295  C  CZ  . TYR A 1 51  ? -12.142 7.228   10.857  1.00 32.87 ? 51   TYR A CZ  1 
ATOM   296  O  OH  . TYR A 1 51  ? -12.732 8.466   10.839  1.00 38.47 ? 51   TYR A OH  1 
ATOM   297  N  N   . ILE A 1 52  ? -6.592  2.506   10.330  1.00 24.23 ? 52   ILE A N   1 
ATOM   298  C  CA  . ILE A 1 52  ? -5.594  1.447   10.377  1.00 24.71 ? 52   ILE A CA  1 
ATOM   299  C  C   . ILE A 1 52  ? -4.828  1.492   11.697  1.00 25.67 ? 52   ILE A C   1 
ATOM   300  O  O   . ILE A 1 52  ? -4.492  2.569   12.204  1.00 26.16 ? 52   ILE A O   1 
ATOM   301  C  CB  . ILE A 1 52  ? -4.622  1.568   9.150   1.00 23.81 ? 52   ILE A CB  1 
ATOM   302  C  CG1 . ILE A 1 52  ? -5.364  1.173   7.877   1.00 23.86 ? 52   ILE A CG1 1 
ATOM   303  C  CG2 . ILE A 1 52  ? -3.353  0.724   9.353   1.00 23.35 ? 52   ILE A CG2 1 
ATOM   304  C  CD1 . ILE A 1 52  ? -4.595  1.494   6.595   1.00 23.12 ? 52   ILE A CD1 1 
ATOM   305  N  N   . GLU A 1 53  ? -4.536  0.301   12.230  1.00 26.97 ? 53   GLU A N   1 
ATOM   306  C  CA  . GLU A 1 53  ? -3.696  0.129   13.389  1.00 27.94 ? 53   GLU A CA  1 
ATOM   307  C  C   . GLU A 1 53  ? -2.452  -0.712  13.181  1.00 26.86 ? 53   GLU A C   1 
ATOM   308  O  O   . GLU A 1 53  ? -2.340  -1.460  12.205  1.00 24.57 ? 53   GLU A O   1 
ATOM   309  C  CB  . GLU A 1 53  ? -4.523  -0.466  14.525  1.00 29.20 ? 53   GLU A CB  1 
ATOM   310  C  CG  . GLU A 1 53  ? -5.629  0.483   14.917  1.00 34.06 ? 53   GLU A CG  1 
ATOM   311  C  CD  . GLU A 1 53  ? -6.392  0.037   16.123  1.00 40.48 ? 53   GLU A CD  1 
ATOM   312  O  OE1 . GLU A 1 53  ? -6.407  -1.180  16.409  1.00 43.85 ? 53   GLU A OE1 1 
ATOM   313  O  OE2 . GLU A 1 53  ? -7.020  0.900   16.763  1.00 47.26 ? 53   GLU A OE2 1 
ATOM   314  N  N   . ASN A 1 54  ? -1.498  -0.525  14.084  1.00 26.91 ? 54   ASN A N   1 
ATOM   315  C  CA  . ASN A 1 54  ? -0.245  -1.298  14.126  1.00 26.90 ? 54   ASN A CA  1 
ATOM   316  C  C   . ASN A 1 54  ? -0.533  -2.777  14.048  1.00 25.92 ? 54   ASN A C   1 
ATOM   317  O  O   . ASN A 1 54  ? -1.415  -3.309  14.756  1.00 24.39 ? 54   ASN A O   1 
ATOM   318  C  CB  . ASN A 1 54  ? 0.525   -0.978  15.423  1.00 28.31 ? 54   ASN A CB  1 
ATOM   319  C  CG  . ASN A 1 54  ? 1.829   -1.671  15.509  1.00 28.34 ? 54   ASN A CG  1 
ATOM   320  O  OD1 . ASN A 1 54  ? 2.619   -1.677  14.588  1.00 30.98 ? 54   ASN A OD1 1 
ATOM   321  N  ND2 . ASN A 1 54  ? 2.050   -2.299  16.603  1.00 36.04 ? 54   ASN A ND2 1 
ATOM   322  N  N   . GLY A 1 55  ? 0.194   -3.442  13.160  1.00 25.35 ? 55   GLY A N   1 
ATOM   323  C  CA  . GLY A 1 55  ? 0.004   -4.861  12.909  1.00 24.58 ? 55   GLY A CA  1 
ATOM   324  C  C   . GLY A 1 55  ? -0.999  -5.221  11.834  1.00 22.76 ? 55   GLY A C   1 
ATOM   325  O  O   . GLY A 1 55  ? -1.034  -6.391  11.412  1.00 22.37 ? 55   GLY A O   1 
ATOM   326  N  N   . ASN A 1 56  ? -1.791  -4.239  11.373  1.00 21.59 ? 56   ASN A N   1 
ATOM   327  C  CA  . ASN A 1 56  ? -2.743  -4.471  10.334  1.00 21.10 ? 56   ASN A CA  1 
ATOM   328  C  C   . ASN A 1 56  ? -1.997  -4.838  9.030   1.00 19.76 ? 56   ASN A C   1 
ATOM   329  O  O   . ASN A 1 56  ? -0.960  -4.276  8.683   1.00 20.22 ? 56   ASN A O   1 
ATOM   330  C  CB  . ASN A 1 56  ? -3.631  -3.264  10.051  1.00 21.91 ? 56   ASN A CB  1 
ATOM   331  C  CG  . ASN A 1 56  ? -4.744  -3.026  11.062  1.00 23.13 ? 56   ASN A CG  1 
ATOM   332  O  OD1 . ASN A 1 56  ? -5.551  -2.083  10.833  1.00 26.31 ? 56   ASN A OD1 1 
ATOM   333  N  ND2 . ASN A 1 56  ? -4.822  -3.830  12.165  1.00 24.43 ? 56   ASN A ND2 1 
ATOM   334  N  N   . THR A 1 57  ? -2.566  -5.797  8.320   1.00 19.82 ? 57   THR A N   1 
ATOM   335  C  CA  . THR A 1 57  ? -2.082  -6.196  7.003   1.00 19.95 ? 57   THR A CA  1 
ATOM   336  C  C   . THR A 1 57  ? -3.194  -6.032  6.022   1.00 19.18 ? 57   THR A C   1 
ATOM   337  O  O   . THR A 1 57  ? -4.371  -6.229  6.358   1.00 20.49 ? 57   THR A O   1 
ATOM   338  C  CB  . THR A 1 57  ? -1.598  -7.654  6.979   1.00 19.95 ? 57   THR A CB  1 
ATOM   339  O  OG1 . THR A 1 57  ? -2.653  -8.574  7.289   1.00 19.77 ? 57   THR A OG1 1 
ATOM   340  C  CG2 . THR A 1 57  ? -0.506  -7.838  8.028   1.00 19.98 ? 57   THR A CG2 1 
ATOM   341  N  N   . VAL A 1 58  ? -2.834  -5.664  4.798   1.00 19.74 ? 58   VAL A N   1 
ATOM   342  C  CA  . VAL A 1 58  ? -3.801  -5.569  3.720   1.00 19.00 ? 58   VAL A CA  1 
ATOM   343  C  C   . VAL A 1 58  ? -3.170  -6.208  2.504   1.00 17.62 ? 58   VAL A C   1 
ATOM   344  O  O   . VAL A 1 58  ? -2.053  -5.865  2.111   1.00 17.90 ? 58   VAL A O   1 
ATOM   345  C  CB  . VAL A 1 58  ? -4.185  -4.085  3.440   1.00 18.51 ? 58   VAL A CB  1 
ATOM   346  C  CG1 . VAL A 1 58  ? -5.178  -4.002  2.377   1.00 21.12 ? 58   VAL A CG1 1 
ATOM   347  C  CG2 . VAL A 1 58  ? -4.707  -3.414  4.732   1.00 21.30 ? 58   VAL A CG2 1 
ATOM   348  N  N   . THR A 1 59  ? -3.898  -7.142  1.923   1.00 18.71 ? 59   THR A N   1 
ATOM   349  C  CA  . THR A 1 59  ? -3.453  -7.935  0.792   1.00 18.04 ? 59   THR A CA  1 
ATOM   350  C  C   . THR A 1 59  ? -4.137  -7.607  -0.490  1.00 18.39 ? 59   THR A C   1 
ATOM   351  O  O   . THR A 1 59  ? -5.370  -7.505  -0.536  1.00 19.17 ? 59   THR A O   1 
ATOM   352  C  CB  . THR A 1 59  ? -3.664  -9.458  1.133   1.00 19.18 ? 59   THR A CB  1 
ATOM   353  O  OG1 . THR A 1 59  ? -2.911  -9.803  2.289   1.00 19.84 ? 59   THR A OG1 1 
ATOM   354  C  CG2 . THR A 1 59  ? -3.160  -10.406 -0.013  1.00 20.06 ? 59   THR A CG2 1 
ATOM   355  N  N   . TYR A 1 60  ? -3.335  -7.599  -1.570  1.00 19.04 ? 60   TYR A N   1 
ATOM   356  C  CA  . TYR A 1 60  ? -3.773  -7.316  -2.935  1.00 18.88 ? 60   TYR A CA  1 
ATOM   357  C  C   . TYR A 1 60  ? -3.288  -8.481  -3.755  1.00 20.62 ? 60   TYR A C   1 
ATOM   358  O  O   . TYR A 1 60  ? -2.096  -8.793  -3.785  1.00 22.45 ? 60   TYR A O   1 
ATOM   359  C  CB  . TYR A 1 60  ? -3.142  -5.984  -3.432  1.00 19.35 ? 60   TYR A CB  1 
ATOM   360  C  CG  . TYR A 1 60  ? -3.538  -4.825  -2.564  1.00 17.55 ? 60   TYR A CG  1 
ATOM   361  C  CD1 . TYR A 1 60  ? -2.850  -4.552  -1.377  1.00 16.88 ? 60   TYR A CD1 1 
ATOM   362  C  CD2 . TYR A 1 60  ? -4.610  -3.996  -2.912  1.00 17.87 ? 60   TYR A CD2 1 
ATOM   363  C  CE1 . TYR A 1 60  ? -3.239  -3.497  -0.586  1.00 18.62 ? 60   TYR A CE1 1 
ATOM   364  C  CE2 . TYR A 1 60  ? -5.011  -2.970  -2.107  1.00 18.58 ? 60   TYR A CE2 1 
ATOM   365  C  CZ  . TYR A 1 60  ? -4.314  -2.716  -0.958  1.00 18.60 ? 60   TYR A CZ  1 
ATOM   366  O  OH  . TYR A 1 60  ? -4.692  -1.675  -0.124  1.00 19.11 ? 60   TYR A OH  1 
ATOM   367  N  N   . SER A 1 61  ? -4.223  -9.119  -4.423  1.00 21.88 ? 61   SER A N   1 
ATOM   368  C  CA  . SER A 1 61  ? -4.005  -10.412 -5.081  1.00 23.33 ? 61   SER A CA  1 
ATOM   369  C  C   . SER A 1 61  ? -3.468  -10.275 -6.492  1.00 22.33 ? 61   SER A C   1 
ATOM   370  O  O   . SER A 1 61  ? -3.860  -9.397  -7.247  1.00 23.36 ? 61   SER A O   1 
ATOM   371  C  CB  A SER A 1 61  ? -5.276  -11.262 -5.038  0.65 24.71 ? 61   SER A CB  1 
ATOM   372  C  CB  B SER A 1 61  ? -5.338  -11.185 -5.203  0.35 23.16 ? 61   SER A CB  1 
ATOM   373  O  OG  A SER A 1 61  ? -6.200  -10.755 -5.924  0.65 28.24 ? 61   SER A OG  1 
ATOM   374  O  OG  B SER A 1 61  ? -6.096  -11.178 -4.009  0.35 19.93 ? 61   SER A OG  1 
ATOM   375  N  N   . ASN A 1 62  ? -2.526  -11.143 -6.817  1.00 21.97 ? 62   ASN A N   1 
ATOM   376  C  CA  . ASN A 1 62  ? -2.114  -11.352 -8.199  1.00 23.27 ? 62   ASN A CA  1 
ATOM   377  C  C   . ASN A 1 62  ? -1.713  -10.072 -8.936  1.00 22.12 ? 62   ASN A C   1 
ATOM   378  O  O   . ASN A 1 62  ? -2.229  -9.752  -10.032 1.00 22.85 ? 62   ASN A O   1 
ATOM   379  C  CB  . ASN A 1 62  ? -3.218  -12.090 -8.965  1.00 24.87 ? 62   ASN A CB  1 
ATOM   380  C  CG  . ASN A 1 62  ? -3.516  -13.449 -8.391  1.00 27.61 ? 62   ASN A CG  1 
ATOM   381  O  OD1 . ASN A 1 62  ? -2.594  -14.243 -8.120  1.00 28.46 ? 62   ASN A OD1 1 
ATOM   382  N  ND2 . ASN A 1 62  ? -4.816  -13.753 -8.223  1.00 28.85 ? 62   ASN A ND2 1 
ATOM   383  N  N   . ILE A 1 63  ? -0.729  -9.380  -8.380  1.00 20.64 ? 63   ILE A N   1 
ATOM   384  C  CA  . ILE A 1 63  ? -0.133  -8.214  -9.039  1.00 21.21 ? 63   ILE A CA  1 
ATOM   385  C  C   . ILE A 1 63  ? 0.937   -8.692  -10.001 1.00 22.15 ? 63   ILE A C   1 
ATOM   386  O  O   . ILE A 1 63  ? 1.813   -9.491  -9.627  1.00 21.06 ? 63   ILE A O   1 
ATOM   387  C  CB  . ILE A 1 63  ? 0.495   -7.224  -8.016  1.00 21.45 ? 63   ILE A CB  1 
ATOM   388  C  CG1 . ILE A 1 63  ? -0.521  -6.833  -6.917  1.00 23.29 ? 63   ILE A CG1 1 
ATOM   389  C  CG2 . ILE A 1 63  ? 0.992   -5.988  -8.709  1.00 22.42 ? 63   ILE A CG2 1 
ATOM   390  C  CD1 . ILE A 1 63  ? -1.837  -6.447  -7.348  1.00 26.55 ? 63   ILE A CD1 1 
ATOM   391  N  N   . ASP A 1 64  ? 0.835   -8.248  -11.256 1.00 21.40 ? 64   ASP A N   1 
ATOM   392  C  CA  . ASP A 1 64  ? 1.774   -8.682  -12.272 1.00 21.59 ? 64   ASP A CA  1 
ATOM   393  C  C   . ASP A 1 64  ? 2.905   -7.655  -12.425 1.00 20.76 ? 64   ASP A C   1 
ATOM   394  O  O   . ASP A 1 64  ? 2.693   -6.523  -12.878 1.00 20.99 ? 64   ASP A O   1 
ATOM   395  C  CB  . ASP A 1 64  ? 1.029   -8.870  -13.583 1.00 21.37 ? 64   ASP A CB  1 
ATOM   396  C  CG  . ASP A 1 64  ? 1.877   -9.459  -14.652 1.00 24.97 ? 64   ASP A CG  1 
ATOM   397  O  OD1 . ASP A 1 64  ? 3.103   -9.736  -14.483 1.00 23.81 ? 64   ASP A OD1 1 
ATOM   398  O  OD2 . ASP A 1 64  ? 1.326   -9.660  -15.727 1.00 29.19 ? 64   ASP A OD2 1 
ATOM   399  N  N   . PHE A 1 65  ? 4.079   -8.058  -12.009 1.00 20.87 ? 65   PHE A N   1 
ATOM   400  C  CA  . PHE A 1 65  ? 5.306   -7.265  -12.087 1.00 21.55 ? 65   PHE A CA  1 
ATOM   401  C  C   . PHE A 1 65  ? 6.079   -7.441  -13.407 1.00 22.77 ? 65   PHE A C   1 
ATOM   402  O  O   . PHE A 1 65  ? 7.128   -6.836  -13.583 1.00 23.71 ? 65   PHE A O   1 
ATOM   403  C  CB  . PHE A 1 65  ? 6.197   -7.614  -10.959 1.00 20.83 ? 65   PHE A CB  1 
ATOM   404  C  CG  . PHE A 1 65  ? 5.569   -7.254  -9.623  1.00 18.95 ? 65   PHE A CG  1 
ATOM   405  C  CD1 . PHE A 1 65  ? 4.859   -8.176  -8.920  1.00 19.69 ? 65   PHE A CD1 1 
ATOM   406  C  CD2 . PHE A 1 65  ? 5.603   -5.928  -9.161  1.00 20.20 ? 65   PHE A CD2 1 
ATOM   407  C  CE1 . PHE A 1 65  ? 4.233   -7.814  -7.690  1.00 21.81 ? 65   PHE A CE1 1 
ATOM   408  C  CE2 . PHE A 1 65  ? 5.030   -5.588  -7.985  1.00 21.16 ? 65   PHE A CE2 1 
ATOM   409  C  CZ  . PHE A 1 65  ? 4.308   -6.523  -7.248  1.00 21.87 ? 65   PHE A CZ  1 
ATOM   410  N  N   . GLY A 1 66  ? 5.565   -8.283  -14.277 1.00 24.01 ? 66   GLY A N   1 
ATOM   411  C  CA  . GLY A 1 66  ? 6.213   -8.512  -15.578 1.00 23.61 ? 66   GLY A CA  1 
ATOM   412  C  C   . GLY A 1 66  ? 7.691   -8.802  -15.398 1.00 23.93 ? 66   GLY A C   1 
ATOM   413  O  O   . GLY A 1 66  ? 8.084   -9.641  -14.588 1.00 24.30 ? 66   GLY A O   1 
ATOM   414  N  N   . SER A 1 67  ? 8.522   -8.097  -16.139 1.00 25.28 ? 67   SER A N   1 
ATOM   415  C  CA  . SER A 1 67  ? 9.960   -8.323  -16.151 1.00 25.64 ? 67   SER A CA  1 
ATOM   416  C  C   . SER A 1 67  ? 10.681  -7.595  -15.039 1.00 25.38 ? 67   SER A C   1 
ATOM   417  O  O   . SER A 1 67  ? 11.901  -7.668  -14.960 1.00 24.62 ? 67   SER A O   1 
ATOM   418  C  CB  . SER A 1 67  ? 10.549  -7.909  -17.522 1.00 27.95 ? 67   SER A CB  1 
ATOM   419  O  OG  . SER A 1 67  ? 10.204  -6.560  -17.796 1.00 30.88 ? 67   SER A OG  1 
ATOM   420  N  N   . GLY A 1 68  ? 9.978   -6.869  -14.168 1.00 23.92 ? 68   GLY A N   1 
ATOM   421  C  CA  . GLY A 1 68  ? 10.657  -6.329  -12.987 1.00 23.78 ? 68   GLY A CA  1 
ATOM   422  C  C   . GLY A 1 68  ? 10.207  -4.970  -12.487 1.00 23.07 ? 68   GLY A C   1 
ATOM   423  O  O   . GLY A 1 68  ? 9.981   -4.059  -13.267 1.00 23.62 ? 68   GLY A O   1 
ATOM   424  N  N   . ALA A 1 69  ? 10.020  -4.863  -11.168 1.00 21.75 ? 69   ALA A N   1 
ATOM   425  C  CA  . ALA A 1 69  ? 9.799   -3.584  -10.484 1.00 21.35 ? 69   ALA A CA  1 
ATOM   426  C  C   . ALA A 1 69  ? 10.868  -3.431  -9.415  1.00 21.23 ? 69   ALA A C   1 
ATOM   427  O  O   . ALA A 1 69  ? 11.160  -4.383  -8.698  1.00 21.09 ? 69   ALA A O   1 
ATOM   428  C  CB  . ALA A 1 69  ? 8.435   -3.521  -9.816  1.00 20.86 ? 69   ALA A CB  1 
ATOM   429  N  N   . THR A 1 70  ? 11.385  -2.207  -9.287  1.00 21.17 ? 70   THR A N   1 
ATOM   430  C  CA  . THR A 1 70  ? 12.345  -1.852  -8.230  1.00 20.97 ? 70   THR A CA  1 
ATOM   431  C  C   . THR A 1 70  ? 12.015  -0.641  -7.414  1.00 20.91 ? 70   THR A C   1 
ATOM   432  O  O   . THR A 1 70  ? 12.823  -0.225  -6.585  1.00 20.52 ? 70   THR A O   1 
ATOM   433  C  CB  . THR A 1 70  ? 13.746  -1.705  -8.813  1.00 22.01 ? 70   THR A CB  1 
ATOM   434  O  OG1 . THR A 1 70  ? 13.748  -0.737  -9.875  1.00 23.62 ? 70   THR A OG1 1 
ATOM   435  C  CG2 . THR A 1 70  ? 14.246  -3.088  -9.368  1.00 23.30 ? 70   THR A CG2 1 
ATOM   436  N  N   . GLY A 1 71  ? 10.807  -0.123  -7.589  1.00 21.19 ? 71   GLY A N   1 
ATOM   437  C  CA  . GLY A 1 71  ? 10.265  0.932   -6.747  1.00 20.69 ? 71   GLY A CA  1 
ATOM   438  C  C   . GLY A 1 71  ? 8.777   0.858   -6.481  1.00 20.29 ? 71   GLY A C   1 
ATOM   439  O  O   . GLY A 1 71  ? 8.038   0.152   -7.171  1.00 19.79 ? 71   GLY A O   1 
ATOM   440  N  N   . PHE A 1 72  ? 8.391   1.509   -5.388  1.00 20.95 ? 72   PHE A N   1 
ATOM   441  C  CA  . PHE A 1 72  ? 7.026   1.575   -4.916  1.00 21.42 ? 72   PHE A CA  1 
ATOM   442  C  C   . PHE A 1 72  ? 6.737   3.049   -4.539  1.00 22.01 ? 72   PHE A C   1 
ATOM   443  O  O   . PHE A 1 72  ? 7.500   3.696   -3.840  1.00 21.27 ? 72   PHE A O   1 
ATOM   444  C  CB  . PHE A 1 72  ? 6.902   0.678   -3.681  1.00 22.22 ? 72   PHE A CB  1 
ATOM   445  C  CG  . PHE A 1 72  ? 5.560   0.699   -3.008  1.00 20.16 ? 72   PHE A CG  1 
ATOM   446  C  CD1 . PHE A 1 72  ? 4.508   -0.032  -3.524  1.00 22.38 ? 72   PHE A CD1 1 
ATOM   447  C  CD2 . PHE A 1 72  ? 5.352   1.428   -1.842  1.00 21.76 ? 72   PHE A CD2 1 
ATOM   448  C  CE1 . PHE A 1 72  ? 3.289   -0.050  -2.905  1.00 20.73 ? 72   PHE A CE1 1 
ATOM   449  C  CE2 . PHE A 1 72  ? 4.112   1.416   -1.236  1.00 20.75 ? 72   PHE A CE2 1 
ATOM   450  C  CZ  . PHE A 1 72  ? 3.081   0.670   -1.787  1.00 19.54 ? 72   PHE A CZ  1 
ATOM   451  N  N   . SER A 1 73  ? 5.564   3.509   -4.942  1.00 20.98 ? 73   SER A N   1 
ATOM   452  C  CA  . SER A 1 73  ? 5.071   4.845   -4.665  1.00 20.92 ? 73   SER A CA  1 
ATOM   453  C  C   . SER A 1 73  ? 3.645   4.701   -4.147  1.00 21.51 ? 73   SER A C   1 
ATOM   454  O  O   . SER A 1 73  ? 2.824   3.959   -4.702  1.00 20.67 ? 73   SER A O   1 
ATOM   455  C  CB  A SER A 1 73  ? 5.136   5.660   -5.951  0.65 21.02 ? 73   SER A CB  1 
ATOM   456  C  CB  B SER A 1 73  ? 5.063   5.709   -5.930  0.35 20.06 ? 73   SER A CB  1 
ATOM   457  O  OG  A SER A 1 73  ? 4.964   7.036   -5.727  0.65 29.00 ? 73   SER A OG  1 
ATOM   458  O  OG  B SER A 1 73  ? 6.363   5.938   -6.455  0.35 15.05 ? 73   SER A OG  1 
ATOM   459  N  N   . ALA A 1 74  ? 3.309   5.433   -3.074  1.00 22.28 ? 74   ALA A N   1 
ATOM   460  C  CA  . ALA A 1 74  ? 1.952   5.424   -2.569  1.00 20.97 ? 74   ALA A CA  1 
ATOM   461  C  C   . ALA A 1 74  ? 1.547   6.881   -2.296  1.00 21.36 ? 74   ALA A C   1 
ATOM   462  O  O   . ALA A 1 74  ? 2.377   7.708   -1.946  1.00 20.61 ? 74   ALA A O   1 
ATOM   463  C  CB  . ALA A 1 74  ? 1.857   4.604   -1.284  1.00 22.20 ? 74   ALA A CB  1 
ATOM   464  N  N   . THR A 1 75  ? 0.258   7.164   -2.419  1.00 20.64 ? 75   THR A N   1 
ATOM   465  C  CA  . THR A 1 75  ? -0.287  8.449   -2.038  1.00 19.91 ? 75   THR A CA  1 
ATOM   466  C  C   . THR A 1 75  ? -1.017  8.284   -0.722  1.00 19.99 ? 75   THR A C   1 
ATOM   467  O  O   . THR A 1 75  ? -2.037  7.568   -0.625  1.00 18.52 ? 75   THR A O   1 
ATOM   468  C  CB  . THR A 1 75  ? -1.211  8.938   -3.146  1.00 21.11 ? 75   THR A CB  1 
ATOM   469  O  OG1 . THR A 1 75  ? -0.459  9.045   -4.404  1.00 23.49 ? 75   THR A OG1 1 
ATOM   470  C  CG2 . THR A 1 75  ? -1.775  10.313  -2.873  1.00 21.29 ? 75   THR A CG2 1 
ATOM   471  N  N   . VAL A 1 76  ? -0.479  8.990   0.271   1.00 18.47 ? 76   VAL A N   1 
ATOM   472  C  CA  . VAL A 1 76  ? -0.838  8.747   1.663   1.00 19.91 ? 76   VAL A CA  1 
ATOM   473  C  C   . VAL A 1 76  ? -0.988  10.050  2.427   1.00 19.83 ? 76   VAL A C   1 
ATOM   474  O  O   . VAL A 1 76  ? -0.450  11.096  2.058   1.00 19.75 ? 76   VAL A O   1 
ATOM   475  C  CB  . VAL A 1 76  ? 0.248   7.883   2.353   1.00 20.34 ? 76   VAL A CB  1 
ATOM   476  C  CG1 . VAL A 1 76  ? 0.393   6.481   1.732   1.00 21.42 ? 76   VAL A CG1 1 
ATOM   477  C  CG2 . VAL A 1 76  ? 1.611   8.582   2.301   1.00 20.68 ? 76   VAL A CG2 1 
ATOM   478  N  N   . ALA A 1 77  ? -1.701  9.968   3.538   1.00 21.07 ? 77   ALA A N   1 
ATOM   479  C  CA  . ALA A 1 77  ? -1.881  11.100  4.463   1.00 21.76 ? 77   ALA A CA  1 
ATOM   480  C  C   . ALA A 1 77  ? -1.776  10.570  5.867   1.00 22.17 ? 77   ALA A C   1 
ATOM   481  O  O   . ALA A 1 77  ? -2.324  9.532   6.175   1.00 22.86 ? 77   ALA A O   1 
ATOM   482  C  CB  . ALA A 1 77  ? -3.228  11.742  4.275   1.00 21.09 ? 77   ALA A CB  1 
ATOM   483  N  N   . THR A 1 78  ? -1.069  11.290  6.723   1.00 22.77 ? 78   THR A N   1 
ATOM   484  C  CA  . THR A 1 78  ? -0.991  10.936  8.114   1.00 25.32 ? 78   THR A CA  1 
ATOM   485  C  C   . THR A 1 78  ? -0.530  12.100  8.989   1.00 26.62 ? 78   THR A C   1 
ATOM   486  O  O   . THR A 1 78  ? 0.179   13.006  8.507   1.00 25.21 ? 78   THR A O   1 
ATOM   487  C  CB  . THR A 1 78  ? -0.098  9.666   8.353   1.00 25.06 ? 78   THR A CB  1 
ATOM   488  O  OG1 . THR A 1 78  ? -0.141  9.290   9.749   1.00 26.18 ? 78   THR A OG1 1 
ATOM   489  C  CG2 . THR A 1 78  ? 1.333   9.946   8.107   1.00 24.19 ? 78   THR A CG2 1 
ATOM   490  N  N   . GLU A 1 79  ? -0.897  12.044  10.284  1.00 28.70 ? 79   GLU A N   1 
ATOM   491  C  CA  . GLU A 1 79  ? -0.327  13.002  11.233  1.00 31.10 ? 79   GLU A CA  1 
ATOM   492  C  C   . GLU A 1 79  ? 0.755   12.442  12.129  1.00 32.55 ? 79   GLU A C   1 
ATOM   493  O  O   . GLU A 1 79  ? 1.278   13.151  12.959  1.00 33.19 ? 79   GLU A O   1 
ATOM   494  C  CB  . GLU A 1 79  ? -1.445  13.631  12.065  1.00 31.11 ? 79   GLU A CB  1 
ATOM   495  C  CG  . GLU A 1 79  ? -2.433  14.353  11.189  1.00 32.23 ? 79   GLU A CG  1 
ATOM   496  C  CD  . GLU A 1 79  ? -3.421  15.177  11.950  1.00 35.53 ? 79   GLU A CD  1 
ATOM   497  O  OE1 . GLU A 1 79  ? -4.298  15.745  11.286  1.00 36.39 ? 79   GLU A OE1 1 
ATOM   498  O  OE2 . GLU A 1 79  ? -3.327  15.237  13.199  1.00 38.01 ? 79   GLU A OE2 1 
ATOM   499  N  N   . VAL A 1 80  ? 1.132   11.185  11.934  1.00 33.67 ? 80   VAL A N   1 
ATOM   500  C  CA  . VAL A 1 80  ? 2.198   10.564  12.721  1.00 34.87 ? 80   VAL A CA  1 
ATOM   501  C  C   . VAL A 1 80  ? 3.205   9.914   11.817  1.00 35.81 ? 80   VAL A C   1 
ATOM   502  O  O   . VAL A 1 80  ? 2.872   9.401   10.734  1.00 36.18 ? 80   VAL A O   1 
ATOM   503  C  CB  . VAL A 1 80  ? 1.663   9.457   13.659  1.00 35.42 ? 80   VAL A CB  1 
ATOM   504  C  CG1 . VAL A 1 80  ? 0.487   9.938   14.428  1.00 37.33 ? 80   VAL A CG1 1 
ATOM   505  C  CG2 . VAL A 1 80  ? 1.263   8.194   12.872  1.00 37.65 ? 80   VAL A CG2 1 
ATOM   506  N  N   . ASN A 1 81  ? 4.436   9.888   12.274  1.00 36.08 ? 81   ASN A N   1 
ATOM   507  C  CA  . ASN A 1 81  ? 5.462   9.214   11.542  1.00 36.91 ? 81   ASN A CA  1 
ATOM   508  C  C   . ASN A 1 81  ? 5.142   7.731   11.571  1.00 36.20 ? 81   ASN A C   1 
ATOM   509  O  O   . ASN A 1 81  ? 4.870   7.160   12.610  1.00 36.96 ? 81   ASN A O   1 
ATOM   510  C  CB  . ASN A 1 81  ? 6.843   9.524   12.103  1.00 37.59 ? 81   ASN A CB  1 
ATOM   511  C  CG  . ASN A 1 81  ? 7.182   10.998  12.004  1.00 40.64 ? 81   ASN A CG  1 
ATOM   512  O  OD1 . ASN A 1 81  ? 6.655   11.744  11.156  1.00 42.75 ? 81   ASN A OD1 1 
ATOM   513  N  ND2 . ASN A 1 81  ? 8.040   11.448  12.913  1.00 46.25 ? 81   ASN A ND2 1 
ATOM   514  N  N   . THR A 1 82  ? 5.096   7.112   10.403  1.00 34.24 ? 82   THR A N   1 
ATOM   515  C  CA  . THR A 1 82  ? 4.780   5.718   10.352  1.00 34.20 ? 82   THR A CA  1 
ATOM   516  C  C   . THR A 1 82  ? 5.559   5.019   9.221   1.00 32.72 ? 82   THR A C   1 
ATOM   517  O  O   . THR A 1 82  ? 6.296   5.649   8.480   1.00 33.54 ? 82   THR A O   1 
ATOM   518  C  CB  . THR A 1 82  ? 3.267   5.581   10.220  1.00 34.36 ? 82   THR A CB  1 
ATOM   519  O  OG1 . THR A 1 82  ? 2.899   4.226   10.361  1.00 38.95 ? 82   THR A OG1 1 
ATOM   520  C  CG2 . THR A 1 82  ? 2.805   5.956   8.849   1.00 37.61 ? 82   THR A CG2 1 
ATOM   521  N  N   . SER A 1 83  ? 5.456   3.705   9.178   1.00 29.50 ? 83   SER A N   1 
ATOM   522  C  CA  . SER A 1 83  ? 6.116   2.921   8.139   1.00 28.24 ? 83   SER A CA  1 
ATOM   523  C  C   . SER A 1 83  ? 5.201   1.820   7.645   1.00 25.61 ? 83   SER A C   1 
ATOM   524  O  O   . SER A 1 83  ? 4.297   1.331   8.358   1.00 25.03 ? 83   SER A O   1 
ATOM   525  C  CB  . SER A 1 83  ? 7.473   2.386   8.592   1.00 27.89 ? 83   SER A CB  1 
ATOM   526  O  OG  . SER A 1 83  ? 7.285   1.455   9.614   1.00 29.96 ? 83   SER A OG  1 
ATOM   527  N  N   . ILE A 1 84  ? 5.400   1.469   6.385   1.00 23.33 ? 84   ILE A N   1 
ATOM   528  C  CA  . ILE A 1 84  ? 4.628   0.430   5.751   1.00 22.44 ? 84   ILE A CA  1 
ATOM   529  C  C   . ILE A 1 84  ? 5.608   -0.525  5.085   1.00 21.68 ? 84   ILE A C   1 
ATOM   530  O  O   . ILE A 1 84  ? 6.379   -0.126  4.137   1.00 20.92 ? 84   ILE A O   1 
ATOM   531  C  CB  . ILE A 1 84  ? 3.650   1.015   4.670   1.00 22.14 ? 84   ILE A CB  1 
ATOM   532  C  CG1 . ILE A 1 84  ? 2.790   2.180   5.216   1.00 21.67 ? 84   ILE A CG1 1 
ATOM   533  C  CG2 . ILE A 1 84  ? 2.794   -0.107  4.061   1.00 23.29 ? 84   ILE A CG2 1 
ATOM   534  C  CD1 . ILE A 1 84  ? 2.082   2.902   4.159   1.00 22.93 ? 84   ILE A CD1 1 
ATOM   535  N  N   . GLN A 1 85  ? 5.597   -1.775  5.545   1.00 20.61 ? 85   GLN A N   1 
ATOM   536  C  CA  . GLN A 1 85  ? 6.341   -2.822  4.838   1.00 20.43 ? 85   GLN A CA  1 
ATOM   537  C  C   . GLN A 1 85  ? 5.582   -3.254  3.610   1.00 19.39 ? 85   GLN A C   1 
ATOM   538  O  O   . GLN A 1 85  ? 4.342   -3.387  3.652   1.00 18.13 ? 85   GLN A O   1 
ATOM   539  C  CB  . GLN A 1 85  ? 6.532   -4.059  5.704   1.00 20.11 ? 85   GLN A CB  1 
ATOM   540  C  CG  . GLN A 1 85  ? 7.403   -3.797  6.920   1.00 22.45 ? 85   GLN A CG  1 
ATOM   541  C  CD  . GLN A 1 85  ? 7.755   -5.067  7.648   1.00 27.46 ? 85   GLN A CD  1 
ATOM   542  O  OE1 . GLN A 1 85  ? 7.014   -6.081  7.580   1.00 29.22 ? 85   GLN A OE1 1 
ATOM   543  N  NE2 . GLN A 1 85  ? 8.889   -5.032  8.353   1.00 31.29 ? 85   GLN A NE2 1 
ATOM   544  N  N   . ILE A 1 86  ? 6.336   -3.558  2.545   1.00 19.00 ? 86   ILE A N   1 
ATOM   545  C  CA  . ILE A 1 86  ? 5.763   -4.142  1.342   1.00 19.96 ? 86   ILE A CA  1 
ATOM   546  C  C   . ILE A 1 86  ? 6.347   -5.525  1.260   1.00 19.36 ? 86   ILE A C   1 
ATOM   547  O  O   . ILE A 1 86  ? 7.560   -5.701  1.142   1.00 20.53 ? 86   ILE A O   1 
ATOM   548  C  CB  . ILE A 1 86  ? 6.079   -3.329  0.071   1.00 20.26 ? 86   ILE A CB  1 
ATOM   549  C  CG1 . ILE A 1 86  ? 5.677   -1.853  0.188   1.00 22.34 ? 86   ILE A CG1 1 
ATOM   550  C  CG2 . ILE A 1 86  ? 5.408   -3.934  -1.182  1.00 22.28 ? 86   ILE A CG2 1 
ATOM   551  C  CD1 . ILE A 1 86  ? 6.877   -0.960  0.435   1.00 21.16 ? 86   ILE A CD1 1 
ATOM   552  N  N   . ARG A 1 87  ? 5.473   -6.520  1.330   1.00 20.08 ? 87   ARG A N   1 
ATOM   553  C  CA  . ARG A 1 87  ? 5.859   -7.919  1.294   1.00 19.79 ? 87   ARG A CA  1 
ATOM   554  C  C   . ARG A 1 87  ? 5.281   -8.587  0.092   1.00 20.34 ? 87   ARG A C   1 
ATOM   555  O  O   . ARG A 1 87  ? 4.139   -8.306  -0.336  1.00 20.83 ? 87   ARG A O   1 
ATOM   556  C  CB  . ARG A 1 87  ? 5.342   -8.661  2.529   1.00 20.46 ? 87   ARG A CB  1 
ATOM   557  C  CG  . ARG A 1 87  ? 5.911   -8.108  3.840   1.00 23.77 ? 87   ARG A CG  1 
ATOM   558  C  CD  . ARG A 1 87  ? 6.579   -9.122  4.583   1.00 29.18 ? 87   ARG A CD  1 
ATOM   559  N  NE  . ARG A 1 87  ? 7.224   -8.593  5.735   1.00 31.69 ? 87   ARG A NE  1 
ATOM   560  C  CZ  . ARG A 1 87  ? 8.248   -9.145  6.314   1.00 28.20 ? 87   ARG A CZ  1 
ATOM   561  N  NH1 . ARG A 1 87  ? 8.746   -10.290 5.878   1.00 26.99 ? 87   ARG A NH1 1 
ATOM   562  N  NH2 . ARG A 1 87  ? 8.763   -8.531  7.356   1.00 26.43 ? 87   ARG A NH2 1 
ATOM   563  N  N   . SER A 1 88  ? 6.015   -9.559  -0.408  1.00 21.41 ? 88   SER A N   1 
ATOM   564  C  CA  . SER A 1 88  ? 5.482   -10.422 -1.449  1.00 21.12 ? 88   SER A CA  1 
ATOM   565  C  C   . SER A 1 88  ? 4.888   -11.679 -0.842  1.00 20.55 ? 88   SER A C   1 
ATOM   566  O  O   . SER A 1 88  ? 5.361   -12.191 0.166   1.00 21.32 ? 88   SER A O   1 
ATOM   567  C  CB  A SER A 1 88  ? 6.499   -10.745 -2.562  0.65 21.45 ? 88   SER A CB  1 
ATOM   568  C  CB  B SER A 1 88  ? 6.665   -10.796 -2.387  0.35 20.33 ? 88   SER A CB  1 
ATOM   569  O  OG  A SER A 1 88  ? 7.590   -11.431 -2.067  0.65 25.18 ? 88   SER A OG  1 
ATOM   570  O  OG  B SER A 1 88  ? 6.313   -11.618 -3.489  0.35 16.03 ? 88   SER A OG  1 
ATOM   571  N  N   . ASP A 1 89  ? 3.823   -12.145 -1.475  1.00 21.55 ? 89   ASP A N   1 
ATOM   572  C  CA  . ASP A 1 89  ? 3.185   -13.459 -1.254  1.00 22.87 ? 89   ASP A CA  1 
ATOM   573  C  C   . ASP A 1 89  ? 2.350   -13.663 -0.045  1.00 22.33 ? 89   ASP A C   1 
ATOM   574  O  O   . ASP A 1 89  ? 1.257   -14.216 -0.185  1.00 23.79 ? 89   ASP A O   1 
ATOM   575  C  CB  . ASP A 1 89  ? 4.201   -14.607 -1.439  1.00 23.42 ? 89   ASP A CB  1 
ATOM   576  C  CG  . ASP A 1 89  ? 4.958   -14.481 -2.733  1.00 23.45 ? 89   ASP A CG  1 
ATOM   577  O  OD1 . ASP A 1 89  ? 4.305   -14.554 -3.803  1.00 21.77 ? 89   ASP A OD1 1 
ATOM   578  O  OD2 . ASP A 1 89  ? 6.215   -14.308 -2.747  1.00 26.52 ? 89   ASP A OD2 1 
ATOM   579  N  N   . SER A 1 90  ? 2.800   -13.161 1.114   1.00 21.92 ? 90   SER A N   1 
ATOM   580  C  CA  . SER A 1 90  ? 2.070   -13.316 2.375   1.00 22.31 ? 90   SER A CA  1 
ATOM   581  C  C   . SER A 1 90  ? 2.677   -12.344 3.391   1.00 21.15 ? 90   SER A C   1 
ATOM   582  O  O   . SER A 1 90  ? 3.750   -11.738 3.144   1.00 21.86 ? 90   SER A O   1 
ATOM   583  C  CB  . SER A 1 90  ? 2.183   -14.771 2.882   1.00 22.11 ? 90   SER A CB  1 
ATOM   584  O  OG  . SER A 1 90  ? 3.397   -14.999 3.495   1.00 23.49 ? 90   SER A OG  1 
ATOM   585  N  N   . PRO A 1 91  ? 2.052   -12.229 4.562   1.00 21.36 ? 91   PRO A N   1 
ATOM   586  C  CA  . PRO A 1 91  ? 2.577   -11.377 5.607   1.00 21.85 ? 91   PRO A CA  1 
ATOM   587  C  C   . PRO A 1 91  ? 3.980   -11.760 6.069   1.00 22.45 ? 91   PRO A C   1 
ATOM   588  O  O   . PRO A 1 91  ? 4.680   -10.885 6.563   1.00 23.66 ? 91   PRO A O   1 
ATOM   589  C  CB  . PRO A 1 91  ? 1.525   -11.508 6.725   1.00 21.99 ? 91   PRO A CB  1 
ATOM   590  C  CG  . PRO A 1 91  ? 0.288   -11.785 6.038   1.00 19.73 ? 91   PRO A CG  1 
ATOM   591  C  CD  . PRO A 1 91  ? 0.726   -12.766 4.916   1.00 22.31 ? 91   PRO A CD  1 
ATOM   592  N  N   . THR A 1 92  ? 4.385   -13.009 5.876   1.00 23.97 ? 92   THR A N   1 
ATOM   593  C  CA  . THR A 1 92  ? 5.719   -13.480 6.256   1.00 24.76 ? 92   THR A CA  1 
ATOM   594  C  C   . THR A 1 92  ? 6.592   -13.732 5.039   1.00 24.27 ? 92   THR A C   1 
ATOM   595  O  O   . THR A 1 92  ? 7.662   -14.340 5.158   1.00 24.28 ? 92   THR A O   1 
ATOM   596  C  CB  . THR A 1 92  ? 5.636   -14.777 7.135   1.00 25.62 ? 92   THR A CB  1 
ATOM   597  O  OG1 . THR A 1 92  ? 4.816   -15.773 6.525   1.00 26.88 ? 92   THR A OG1 1 
ATOM   598  C  CG2 . THR A 1 92  ? 5.027   -14.465 8.429   1.00 28.21 ? 92   THR A CG2 1 
ATOM   599  N  N   . GLY A 1 93  ? 6.127   -13.289 3.885   1.00 22.85 ? 93   GLY A N   1 
ATOM   600  C  CA  . GLY A 1 93  ? 6.857   -13.455 2.634   1.00 23.61 ? 93   GLY A CA  1 
ATOM   601  C  C   . GLY A 1 93  ? 7.995   -12.449 2.576   1.00 22.81 ? 93   GLY A C   1 
ATOM   602  O  O   . GLY A 1 93  ? 8.254   -11.742 3.509   1.00 22.68 ? 93   GLY A O   1 
ATOM   603  N  N   . THR A 1 94  ? 8.699   -12.416 1.468   1.00 22.12 ? 94   THR A N   1 
ATOM   604  C  CA  . THR A 1 94  ? 9.850   -11.569 1.275   1.00 21.56 ? 94   THR A CA  1 
ATOM   605  C  C   . THR A 1 94  ? 9.548   -10.094 1.520   1.00 21.19 ? 94   THR A C   1 
ATOM   606  O  O   . THR A 1 94  ? 8.565   -9.567  0.986   1.00 21.93 ? 94   THR A O   1 
ATOM   607  C  CB  . THR A 1 94  ? 10.300  -11.729 -0.206  1.00 21.83 ? 94   THR A CB  1 
ATOM   608  O  OG1 . THR A 1 94  ? 10.612  -13.096 -0.421  1.00 22.58 ? 94   THR A OG1 1 
ATOM   609  C  CG2 . THR A 1 94  ? 11.551  -10.944 -0.485  1.00 22.63 ? 94   THR A CG2 1 
ATOM   610  N  N   . LEU A 1 95  ? 10.357  -9.454  2.345   1.00 20.89 ? 95   LEU A N   1 
ATOM   611  C  CA  . LEU A 1 95  ? 10.287  -8.024  2.502   1.00 20.27 ? 95   LEU A CA  1 
ATOM   612  C  C   . LEU A 1 95  ? 10.874  -7.363  1.301   1.00 19.86 ? 95   LEU A C   1 
ATOM   613  O  O   . LEU A 1 95  ? 12.123  -7.352  1.100   1.00 20.07 ? 95   LEU A O   1 
ATOM   614  C  CB  . LEU A 1 95  ? 11.001  -7.586  3.777   1.00 21.69 ? 95   LEU A CB  1 
ATOM   615  C  CG  . LEU A 1 95  ? 10.996  -6.099  4.028   1.00 21.90 ? 95   LEU A CG  1 
ATOM   616  C  CD1 . LEU A 1 95  ? 9.613   -5.646  4.385   1.00 23.91 ? 95   LEU A CD1 1 
ATOM   617  C  CD2 . LEU A 1 95  ? 12.009  -5.758  5.161   1.00 23.18 ? 95   LEU A CD2 1 
ATOM   618  N  N   . LEU A 1 96  ? 10.013  -6.760  0.495   1.00 19.61 ? 96   LEU A N   1 
ATOM   619  C  CA  . LEU A 1 96  ? 10.466  -6.024  -0.703  1.00 19.34 ? 96   LEU A CA  1 
ATOM   620  C  C   . LEU A 1 96  ? 11.094  -4.680  -0.381  1.00 19.75 ? 96   LEU A C   1 
ATOM   621  O  O   . LEU A 1 96  ? 12.051  -4.241  -1.002  1.00 18.85 ? 96   LEU A O   1 
ATOM   622  C  CB  . LEU A 1 96  ? 9.289   -5.868  -1.688  1.00 19.41 ? 96   LEU A CB  1 
ATOM   623  C  CG  . LEU A 1 96  ? 8.587   -7.128  -2.178  1.00 20.10 ? 96   LEU A CG  1 
ATOM   624  C  CD1 . LEU A 1 96  ? 7.452   -6.706  -3.087  1.00 22.90 ? 96   LEU A CD1 1 
ATOM   625  C  CD2 . LEU A 1 96  ? 9.557   -8.047  -2.942  1.00 22.23 ? 96   LEU A CD2 1 
ATOM   626  N  N   . GLY A 1 97  ? 10.536  -4.020  0.614   1.00 21.15 ? 97   GLY A N   1 
ATOM   627  C  CA  . GLY A 1 97  ? 10.942  -2.702  1.019   1.00 20.67 ? 97   GLY A CA  1 
ATOM   628  C  C   . GLY A 1 97  ? 10.052  -2.219  2.161   1.00 21.46 ? 97   GLY A C   1 
ATOM   629  O  O   . GLY A 1 97  ? 9.103   -2.880  2.573   1.00 20.31 ? 97   GLY A O   1 
ATOM   630  N  N   . THR A 1 98  ? 10.413  -1.048  2.658   1.00 21.31 ? 98   THR A N   1 
ATOM   631  C  CA  . THR A 1 98  ? 9.652   -0.331  3.669   1.00 21.56 ? 98   THR A CA  1 
ATOM   632  C  C   . THR A 1 98  ? 9.532   1.116   3.243   1.00 21.36 ? 98   THR A C   1 
ATOM   633  O  O   . THR A 1 98  ? 10.544  1.785   2.975   1.00 20.35 ? 98   THR A O   1 
ATOM   634  C  CB  . THR A 1 98  ? 10.383  -0.393  5.006   1.00 20.25 ? 98   THR A CB  1 
ATOM   635  O  OG1 . THR A 1 98  ? 10.652  -1.733  5.347   1.00 23.78 ? 98   THR A OG1 1 
ATOM   636  C  CG2 . THR A 1 98  ? 9.496   0.128   6.132   1.00 22.33 ? 98   THR A CG2 1 
ATOM   637  N  N   . LEU A 1 99  ? 8.295   1.604   3.223   1.00 21.80 ? 99   LEU A N   1 
ATOM   638  C  CA  . LEU A 1 99  ? 8.016   2.992   2.978   1.00 22.12 ? 99   LEU A CA  1 
ATOM   639  C  C   . LEU A 1 99  ? 7.906   3.696   4.324   1.00 23.31 ? 99   LEU A C   1 
ATOM   640  O  O   . LEU A 1 99  ? 7.020   3.380   5.115   1.00 24.58 ? 99   LEU A O   1 
ATOM   641  C  CB  . LEU A 1 99  ? 6.674   3.157   2.247   1.00 22.74 ? 99   LEU A CB  1 
ATOM   642  C  CG  . LEU A 1 99  ? 6.381   4.536   1.674   1.00 22.01 ? 99   LEU A CG  1 
ATOM   643  C  CD1 . LEU A 1 99  ? 7.267   4.847   0.453   1.00 25.79 ? 99   LEU A CD1 1 
ATOM   644  C  CD2 . LEU A 1 99  ? 4.945   4.650   1.280   1.00 25.19 ? 99   LEU A CD2 1 
ATOM   645  N  N   . TYR A 1 100 ? 8.789   4.650   4.544   1.00 23.27 ? 100  TYR A N   1 
ATOM   646  C  CA  . TYR A 1 100 ? 8.750   5.493   5.720   1.00 25.68 ? 100  TYR A CA  1 
ATOM   647  C  C   . TYR A 1 100 ? 7.965   6.758   5.358   1.00 26.34 ? 100  TYR A C   1 
ATOM   648  O  O   . TYR A 1 100 ? 8.290   7.461   4.390   1.00 28.66 ? 100  TYR A O   1 
ATOM   649  C  CB  . TYR A 1 100 ? 10.198  5.817   6.181   1.00 26.28 ? 100  TYR A CB  1 
ATOM   650  C  CG  . TYR A 1 100 ? 10.800  4.625   6.876   1.00 28.05 ? 100  TYR A CG  1 
ATOM   651  C  CD1 . TYR A 1 100 ? 10.558  4.396   8.206   1.00 29.68 ? 100  TYR A CD1 1 
ATOM   652  C  CD2 . TYR A 1 100 ? 11.515  3.651   6.155   1.00 29.05 ? 100  TYR A CD2 1 
ATOM   653  C  CE1 . TYR A 1 100 ? 11.060  3.272   8.830   1.00 32.03 ? 100  TYR A CE1 1 
ATOM   654  C  CE2 . TYR A 1 100 ? 12.012  2.542   6.761   1.00 30.60 ? 100  TYR A CE2 1 
ATOM   655  C  CZ  . TYR A 1 100 ? 11.804  2.351   8.093   1.00 31.15 ? 100  TYR A CZ  1 
ATOM   656  O  OH  . TYR A 1 100 ? 12.323  1.222   8.701   1.00 36.35 ? 100  TYR A OH  1 
ATOM   657  N  N   . VAL A 1 101 ? 6.931   7.039   6.138   1.00 27.02 ? 101  VAL A N   1 
ATOM   658  C  CA  . VAL A 1 101 ? 6.061   8.175   5.897   1.00 27.98 ? 101  VAL A CA  1 
ATOM   659  C  C   . VAL A 1 101 ? 6.071   9.097   7.114   1.00 28.89 ? 101  VAL A C   1 
ATOM   660  O  O   . VAL A 1 101 ? 5.597   8.731   8.177   1.00 30.84 ? 101  VAL A O   1 
ATOM   661  C  CB  . VAL A 1 101 ? 4.593   7.695   5.689   1.00 27.03 ? 101  VAL A CB  1 
ATOM   662  C  CG1 . VAL A 1 101 ? 3.690   8.880   5.340   1.00 28.56 ? 101  VAL A CG1 1 
ATOM   663  C  CG2 . VAL A 1 101 ? 4.513   6.624   4.579   1.00 27.26 ? 101  VAL A CG2 1 
ATOM   664  N  N   . SER A 1 102 ? 6.595   10.293  6.960   1.00 30.50 ? 102  SER A N   1 
ATOM   665  C  CA  . SER A 1 102 ? 6.396   11.253  8.044   1.00 31.00 ? 102  SER A CA  1 
ATOM   666  C  C   . SER A 1 102 ? 5.130   12.070  7.862   1.00 29.10 ? 102  SER A C   1 
ATOM   667  O  O   . SER A 1 102 ? 4.456   12.000  6.823   1.00 27.08 ? 102  SER A O   1 
ATOM   668  C  CB  . SER A 1 102 ? 7.630   12.101  8.246   1.00 32.98 ? 102  SER A CB  1 
ATOM   669  O  OG  . SER A 1 102 ? 8.013   12.701  7.084   1.00 35.39 ? 102  SER A OG  1 
ATOM   670  N  N   . SER A 1 103 ? 4.747   12.762  8.929   1.00 28.16 ? 103  SER A N   1 
ATOM   671  C  CA  . SER A 1 103 ? 3.499   13.496  8.927   1.00 28.51 ? 103  SER A CA  1 
ATOM   672  C  C   . SER A 1 103 ? 3.400   14.334  7.645   1.00 27.34 ? 103  SER A C   1 
ATOM   673  O  O   . SER A 1 103 ? 4.382   14.981  7.234   1.00 26.25 ? 103  SER A O   1 
ATOM   674  C  CB  . SER A 1 103 ? 3.402   14.425  10.166  1.00 28.02 ? 103  SER A CB  1 
ATOM   675  O  OG  . SER A 1 103 ? 2.267   15.225  9.969   1.00 31.52 ? 103  SER A OG  1 
ATOM   676  N  N   . THR A 1 104 ? 2.241   14.270  6.988   1.00 28.20 ? 104  THR A N   1 
ATOM   677  C  CA  . THR A 1 104 ? 1.929   15.107  5.837   1.00 27.54 ? 104  THR A CA  1 
ATOM   678  C  C   . THR A 1 104 ? 1.186   16.380  6.279   1.00 29.64 ? 104  THR A C   1 
ATOM   679  O  O   . THR A 1 104 ? 0.815   17.216  5.443   1.00 29.76 ? 104  THR A O   1 
ATOM   680  C  CB  . THR A 1 104 ? 1.062   14.336  4.839   1.00 28.02 ? 104  THR A CB  1 
ATOM   681  O  OG1 . THR A 1 104 ? -0.226  14.019  5.450   1.00 24.71 ? 104  THR A OG1 1 
ATOM   682  C  CG2 . THR A 1 104 ? 1.739   13.027  4.449   1.00 25.13 ? 104  THR A CG2 1 
ATOM   683  N  N   . GLY A 1 105 ? 0.878   16.464  7.572   1.00 30.22 ? 105  GLY A N   1 
ATOM   684  C  CA  . GLY A 1 105 ? 0.322   17.671  8.133   1.00 31.03 ? 105  GLY A CA  1 
ATOM   685  C  C   . GLY A 1 105 ? -1.144  17.576  8.479   1.00 31.19 ? 105  GLY A C   1 
ATOM   686  O  O   . GLY A 1 105 ? -1.639  18.398  9.247   1.00 31.57 ? 105  GLY A O   1 
ATOM   687  N  N   . SER A 1 106 ? -1.850  16.605  7.915   1.00 29.32 ? 106  SER A N   1 
ATOM   688  C  CA  . SER A 1 106 ? -3.239  16.325  8.250   1.00 28.45 ? 106  SER A CA  1 
ATOM   689  C  C   . SER A 1 106 ? -3.630  14.961  7.684   1.00 28.14 ? 106  SER A C   1 
ATOM   690  O  O   . SER A 1 106 ? -2.977  14.476  6.772   1.00 26.83 ? 106  SER A O   1 
ATOM   691  C  CB  . SER A 1 106 ? -4.130  17.464  7.728   1.00 29.26 ? 106  SER A CB  1 
ATOM   692  O  OG  . SER A 1 106 ? -5.098  17.118  6.799   1.00 29.74 ? 106  SER A OG  1 
ATOM   693  N  N   . TRP A 1 107 ? -4.708  14.397  8.205   1.00 26.56 ? 107  TRP A N   1 
ATOM   694  C  CA  . TRP A 1 107 ? -5.312  13.147  7.733   1.00 26.56 ? 107  TRP A CA  1 
ATOM   695  C  C   . TRP A 1 107 ? -5.890  13.287  6.355   1.00 25.71 ? 107  TRP A C   1 
ATOM   696  O  O   . TRP A 1 107 ? -6.238  12.291  5.716   1.00 25.70 ? 107  TRP A O   1 
ATOM   697  C  CB  . TRP A 1 107 ? -6.414  12.698  8.711   1.00 27.24 ? 107  TRP A CB  1 
ATOM   698  C  CG  . TRP A 1 107 ? -5.875  12.394  10.082  1.00 27.85 ? 107  TRP A CG  1 
ATOM   699  C  CD1 . TRP A 1 107 ? -6.141  13.080  11.247  1.00 29.35 ? 107  TRP A CD1 1 
ATOM   700  C  CD2 . TRP A 1 107 ? -4.952  11.339  10.435  1.00 28.00 ? 107  TRP A CD2 1 
ATOM   701  N  NE1 . TRP A 1 107 ? -5.424  12.520  12.280  1.00 28.23 ? 107  TRP A NE1 1 
ATOM   702  C  CE2 . TRP A 1 107 ? -4.705  11.438  11.821  1.00 29.54 ? 107  TRP A CE2 1 
ATOM   703  C  CE3 . TRP A 1 107 ? -4.321  10.313  9.715   1.00 27.25 ? 107  TRP A CE3 1 
ATOM   704  C  CZ2 . TRP A 1 107 ? -3.839  10.526  12.512  1.00 30.33 ? 107  TRP A CZ2 1 
ATOM   705  C  CZ3 . TRP A 1 107 ? -3.489  9.431   10.361  1.00 29.58 ? 107  TRP A CZ3 1 
ATOM   706  C  CH2 . TRP A 1 107 ? -3.214  9.561   11.766  1.00 29.51 ? 107  TRP A CH2 1 
ATOM   707  N  N   . ASN A 1 108 ? -5.968  14.538  5.878   1.00 25.68 ? 108  ASN A N   1 
ATOM   708  C  CA  . ASN A 1 108 ? -6.506  14.846  4.530   1.00 26.76 ? 108  ASN A CA  1 
ATOM   709  C  C   . ASN A 1 108 ? -5.540  15.508  3.579   1.00 25.04 ? 108  ASN A C   1 
ATOM   710  O  O   . ASN A 1 108 ? -5.944  15.882  2.497   1.00 25.07 ? 108  ASN A O   1 
ATOM   711  C  CB  . ASN A 1 108 ? -7.794  15.662  4.648   1.00 27.30 ? 108  ASN A CB  1 
ATOM   712  C  CG  . ASN A 1 108 ? -8.889  14.883  5.339   1.00 31.50 ? 108  ASN A CG  1 
ATOM   713  O  OD1 . ASN A 1 108 ? -9.323  15.243  6.448   1.00 35.24 ? 108  ASN A OD1 1 
ATOM   714  N  ND2 . ASN A 1 108 ? -9.322  13.797  4.711   1.00 33.60 ? 108  ASN A ND2 1 
ATOM   715  N  N   . THR A 1 109 ? -4.294  15.690  3.997   1.00 23.97 ? 109  THR A N   1 
ATOM   716  C  CA  . THR A 1 109 ? -3.228  16.179  3.147   1.00 24.37 ? 109  THR A CA  1 
ATOM   717  C  C   . THR A 1 109 ? -2.435  14.994  2.606   1.00 22.73 ? 109  THR A C   1 
ATOM   718  O  O   . THR A 1 109 ? -1.591  14.420  3.297   1.00 22.90 ? 109  THR A O   1 
ATOM   719  C  CB  . THR A 1 109 ? -2.290  17.131  3.933   1.00 24.88 ? 109  THR A CB  1 
ATOM   720  O  OG1 . THR A 1 109 ? -3.045  18.217  4.479   1.00 25.63 ? 109  THR A OG1 1 
ATOM   721  C  CG2 . THR A 1 109 ? -1.279  17.777  2.963   1.00 25.86 ? 109  THR A CG2 1 
ATOM   722  N  N   . TYR A 1 110 ? -2.713  14.629  1.363   1.00 22.44 ? 110  TYR A N   1 
ATOM   723  C  CA  . TYR A 1 110 ? -2.056  13.485  0.701   1.00 22.03 ? 110  TYR A CA  1 
ATOM   724  C  C   . TYR A 1 110 ? -0.751  13.888  0.006   1.00 22.30 ? 110  TYR A C   1 
ATOM   725  O  O   . TYR A 1 110 ? -0.621  15.001  -0.474  1.00 22.94 ? 110  TYR A O   1 
ATOM   726  C  CB  . TYR A 1 110 ? -3.029  12.810  -0.277  1.00 21.98 ? 110  TYR A CB  1 
ATOM   727  C  CG  . TYR A 1 110 ? -4.118  12.035  0.454   1.00 20.35 ? 110  TYR A CG  1 
ATOM   728  C  CD1 . TYR A 1 110 ? -5.202  12.677  0.971   1.00 22.82 ? 110  TYR A CD1 1 
ATOM   729  C  CD2 . TYR A 1 110 ? -3.973  10.658  0.708   1.00 20.78 ? 110  TYR A CD2 1 
ATOM   730  C  CE1 . TYR A 1 110 ? -6.199  11.986  1.688   1.00 23.63 ? 110  TYR A CE1 1 
ATOM   731  C  CE2 . TYR A 1 110 ? -4.929  9.935   1.346   1.00 21.50 ? 110  TYR A CE2 1 
ATOM   732  C  CZ  . TYR A 1 110 ? -6.054  10.606  1.899   1.00 21.79 ? 110  TYR A CZ  1 
ATOM   733  O  OH  . TYR A 1 110 ? -7.017  9.925   2.626   1.00 23.60 ? 110  TYR A OH  1 
ATOM   734  N  N   . ASN A 1 111 ? 0.229   13.003  0.049   1.00 22.61 ? 111  ASN A N   1 
ATOM   735  C  CA  . ASN A 1 111 ? 1.566   13.220  -0.489  1.00 23.77 ? 111  ASN A CA  1 
ATOM   736  C  C   . ASN A 1 111 ? 1.939   11.913  -1.178  1.00 22.94 ? 111  ASN A C   1 
ATOM   737  O  O   . ASN A 1 111 ? 1.704   10.843  -0.634  1.00 21.15 ? 111  ASN A O   1 
ATOM   738  C  CB  . ASN A 1 111 ? 2.445   13.527  0.721   1.00 25.90 ? 111  ASN A CB  1 
ATOM   739  C  CG  . ASN A 1 111 ? 3.865   13.961  0.421   1.00 30.92 ? 111  ASN A CG  1 
ATOM   740  O  OD1 . ASN A 1 111 ? 4.725   14.027  1.391   1.00 45.11 ? 111  ASN A OD1 1 
ATOM   741  N  ND2 . ASN A 1 111 ? 4.148   14.359  -0.829  1.00 43.72 ? 111  ASN A ND2 1 
ATOM   742  N  N   . THR A 1 112 ? 2.508   11.973  -2.384  1.00 24.10 ? 112  THR A N   1 
ATOM   743  C  CA  . THR A 1 112 ? 3.141   10.813  -2.952  1.00 24.51 ? 112  THR A CA  1 
ATOM   744  C  C   . THR A 1 112 ? 4.505   10.609  -2.352  1.00 24.47 ? 112  THR A C   1 
ATOM   745  O  O   . THR A 1 112 ? 5.356   11.529  -2.306  1.00 25.55 ? 112  THR A O   1 
ATOM   746  C  CB  . THR A 1 112 ? 3.223   11.001  -4.458  1.00 26.57 ? 112  THR A CB  1 
ATOM   747  O  OG1 . THR A 1 112 ? 1.878   11.239  -4.951  1.00 30.17 ? 112  THR A OG1 1 
ATOM   748  C  CG2 . THR A 1 112 ? 3.697   9.700   -5.155  1.00 27.52 ? 112  THR A CG2 1 
ATOM   749  N  N   . VAL A 1 113 ? 4.722   9.417   -1.813  1.00 23.54 ? 113  VAL A N   1 
ATOM   750  C  CA  . VAL A 1 113 ? 5.976   9.049   -1.191  1.00 23.36 ? 113  VAL A CA  1 
ATOM   751  C  C   . VAL A 1 113 ? 6.451   7.759   -1.815  1.00 22.84 ? 113  VAL A C   1 
ATOM   752  O  O   . VAL A 1 113 ? 5.644   6.874   -2.106  1.00 21.12 ? 113  VAL A O   1 
ATOM   753  C  CB  . VAL A 1 113 ? 5.787   8.850   0.365   1.00 23.71 ? 113  VAL A CB  1 
ATOM   754  C  CG1 . VAL A 1 113 ? 7.126   8.552   1.043   1.00 27.13 ? 113  VAL A CG1 1 
ATOM   755  C  CG2 . VAL A 1 113 ? 5.112   10.090  0.966   1.00 25.22 ? 113  VAL A CG2 1 
ATOM   756  N  N   . SER A 1 114 ? 7.748   7.667   -2.067  1.00 23.44 ? 114  SER A N   1 
ATOM   757  C  CA  . SER A 1 114 ? 8.308   6.534   -2.786  1.00 23.64 ? 114  SER A CA  1 
ATOM   758  C  C   . SER A 1 114 ? 9.470   5.879   -2.042  1.00 23.62 ? 114  SER A C   1 
ATOM   759  O  O   . SER A 1 114 ? 10.174  6.490   -1.230  1.00 23.69 ? 114  SER A O   1 
ATOM   760  C  CB  A SER A 1 114 ? 8.782   6.934   -4.207  0.65 23.65 ? 114  SER A CB  1 
ATOM   761  C  CB  B SER A 1 114 ? 8.753   6.967   -4.194  0.35 23.51 ? 114  SER A CB  1 
ATOM   762  O  OG  A SER A 1 114 ? 7.786   7.601   -4.949  0.65 24.78 ? 114  SER A OG  1 
ATOM   763  O  OG  B SER A 1 114 ? 9.896   7.810   -4.130  0.35 22.83 ? 114  SER A OG  1 
ATOM   764  N  N   . THR A 1 115 ? 9.656   4.589   -2.278  1.00 22.11 ? 115  THR A N   1 
ATOM   765  C  CA  . THR A 1 115 ? 10.834  3.934   -1.823  1.00 23.24 ? 115  THR A CA  1 
ATOM   766  C  C   . THR A 1 115 ? 11.376  2.929   -2.846  1.00 22.24 ? 115  THR A C   1 
ATOM   767  O  O   . THR A 1 115 ? 10.679  2.554   -3.773  1.00 21.93 ? 115  THR A O   1 
ATOM   768  C  CB  . THR A 1 115 ? 10.593  3.299   -0.471  1.00 23.89 ? 115  THR A CB  1 
ATOM   769  O  OG1 . THR A 1 115 ? 11.862  2.865   0.050   1.00 27.21 ? 115  THR A OG1 1 
ATOM   770  C  CG2 . THR A 1 115 ? 9.709   2.057   -0.586  1.00 24.44 ? 115  THR A CG2 1 
ATOM   771  N  N   . ASN A 1 116 ? 12.633  2.561   -2.671  1.00 22.07 ? 116  ASN A N   1 
ATOM   772  C  CA  . ASN A 1 116 ? 13.245  1.447   -3.365  1.00 22.40 ? 116  ASN A CA  1 
ATOM   773  C  C   . ASN A 1 116 ? 12.743  0.115   -2.835  1.00 21.69 ? 116  ASN A C   1 
ATOM   774  O  O   . ASN A 1 116 ? 12.484  -0.038  -1.653  1.00 21.79 ? 116  ASN A O   1 
ATOM   775  C  CB  . ASN A 1 116 ? 14.808  1.479   -3.163  1.00 23.38 ? 116  ASN A CB  1 
ATOM   776  C  CG  . ASN A 1 116 ? 15.215  1.466   -1.696  1.00 23.40 ? 116  ASN A CG  1 
ATOM   777  O  OD1 . ASN A 1 116 ? 15.142  2.525   -1.043  1.00 28.00 ? 116  ASN A OD1 1 
ATOM   778  N  ND2 . ASN A 1 116 ? 15.648  0.307   -1.146  1.00 25.88 ? 116  ASN A ND2 1 
ATOM   779  N  N   . ILE A 1 117 ? 12.633  -0.869  -3.727  1.00 20.57 ? 117  ILE A N   1 
ATOM   780  C  CA  . ILE A 1 117 ? 12.414  -2.260  -3.353  1.00 19.92 ? 117  ILE A CA  1 
ATOM   781  C  C   . ILE A 1 117 ? 13.377  -3.182  -4.079  1.00 19.98 ? 117  ILE A C   1 
ATOM   782  O  O   . ILE A 1 117 ? 13.950  -2.825  -5.125  1.00 21.34 ? 117  ILE A O   1 
ATOM   783  C  CB  . ILE A 1 117 ? 10.908  -2.690  -3.646  1.00 19.56 ? 117  ILE A CB  1 
ATOM   784  C  CG1 . ILE A 1 117 ? 10.587  -2.724  -5.156  1.00 18.43 ? 117  ILE A CG1 1 
ATOM   785  C  CG2 . ILE A 1 117 ? 9.960   -1.812  -2.788  1.00 21.64 ? 117  ILE A CG2 1 
ATOM   786  C  CD1 . ILE A 1 117 ? 9.249   -3.315  -5.480  1.00 20.08 ? 117  ILE A CD1 1 
ATOM   787  N  N   . SER A 1 118 ? 13.500  -4.399  -3.571  1.00 20.51 ? 118  SER A N   1 
ATOM   788  C  CA  . SER A 1 118 ? 14.202  -5.458  -4.300  1.00 19.77 ? 118  SER A CA  1 
ATOM   789  C  C   . SER A 1 118 ? 13.472  -5.789  -5.589  1.00 20.52 ? 118  SER A C   1 
ATOM   790  O  O   . SER A 1 118 ? 12.246  -5.768  -5.639  1.00 21.19 ? 118  SER A O   1 
ATOM   791  C  CB  . SER A 1 118 ? 14.310  -6.717  -3.407  1.00 20.25 ? 118  SER A CB  1 
ATOM   792  O  OG  . SER A 1 118 ? 13.023  -7.200  -2.968  1.00 20.67 ? 118  SER A OG  1 
ATOM   793  N  N   . LYS A 1 119 ? 14.198  -6.131  -6.640  1.00 19.87 ? 119  LYS A N   1 
ATOM   794  C  CA  . LYS A 1 119 ? 13.557  -6.440  -7.884  1.00 20.88 ? 119  LYS A CA  1 
ATOM   795  C  C   . LYS A 1 119 ? 12.656  -7.656  -7.739  1.00 20.84 ? 119  LYS A C   1 
ATOM   796  O  O   . LYS A 1 119 ? 13.073  -8.703  -7.225  1.00 22.10 ? 119  LYS A O   1 
ATOM   797  C  CB  . LYS A 1 119 ? 14.586  -6.705  -8.940  1.00 20.98 ? 119  LYS A CB  1 
ATOM   798  C  CG  . LYS A 1 119 ? 14.020  -7.027  -10.315 1.00 24.62 ? 119  LYS A CG  1 
ATOM   799  C  CD  . LYS A 1 119 ? 15.164  -7.175  -11.306 1.00 30.80 ? 119  LYS A CD  1 
ATOM   800  C  CE  . LYS A 1 119 ? 14.904  -8.154  -12.361 1.00 30.15 ? 119  LYS A CE  1 
ATOM   801  N  NZ  . LYS A 1 119 ? 16.007  -8.272  -13.458 1.00 31.65 ? 119  LYS A NZ  1 
ATOM   802  N  N   . ILE A 1 120 ? 11.421  -7.497  -8.161  1.00 20.74 ? 120  ILE A N   1 
ATOM   803  C  CA  . ILE A 1 120 ? 10.431  -8.563  -8.124  1.00 20.36 ? 120  ILE A CA  1 
ATOM   804  C  C   . ILE A 1 120 ? 9.901   -8.680  -9.556  1.00 20.22 ? 120  ILE A C   1 
ATOM   805  O  O   . ILE A 1 120 ? 9.635   -7.683  -10.216 1.00 20.43 ? 120  ILE A O   1 
ATOM   806  C  CB  . ILE A 1 120 ? 9.287   -8.260  -7.120  1.00 20.38 ? 120  ILE A CB  1 
ATOM   807  C  CG1 . ILE A 1 120 ? 8.233   -9.383  -7.134  1.00 21.52 ? 120  ILE A CG1 1 
ATOM   808  C  CG2 . ILE A 1 120 ? 8.746   -6.856  -7.294  1.00 21.15 ? 120  ILE A CG2 1 
ATOM   809  C  CD1 . ILE A 1 120 ? 7.308   -9.349  -5.923  1.00 21.28 ? 120  ILE A CD1 1 
ATOM   810  N  N   . THR A 1 121 ? 9.700   -9.910  -10.002 1.00 21.75 ? 121  THR A N   1 
ATOM   811  C  CA  . THR A 1 121 ? 9.129   -10.225 -11.329 1.00 21.52 ? 121  THR A CA  1 
ATOM   812  C  C   . THR A 1 121 ? 7.955   -11.198 -11.211 1.00 22.08 ? 121  THR A C   1 
ATOM   813  O  O   . THR A 1 121 ? 7.756   -11.839 -10.147 1.00 21.67 ? 121  THR A O   1 
ATOM   814  C  CB  . THR A 1 121 ? 10.191  -10.877 -12.258 1.00 22.28 ? 121  THR A CB  1 
ATOM   815  O  OG1 . THR A 1 121 ? 10.585  -12.172 -11.739 1.00 22.55 ? 121  THR A OG1 1 
ATOM   816  C  CG2 . THR A 1 121 ? 11.462  -10.078 -12.307 1.00 25.12 ? 121  THR A CG2 1 
ATOM   817  N  N   . GLY A 1 122 ? 7.172   -11.319 -12.287 1.00 21.80 ? 122  GLY A N   1 
ATOM   818  C  CA  . GLY A 1 122 ? 6.070   -12.277 -12.331 1.00 22.86 ? 122  GLY A CA  1 
ATOM   819  C  C   . GLY A 1 122 ? 4.896   -11.835 -11.483 1.00 22.36 ? 122  GLY A C   1 
ATOM   820  O  O   . GLY A 1 122 ? 4.803   -10.637 -11.084 1.00 22.42 ? 122  GLY A O   1 
ATOM   821  N  N   . VAL A 1 123 ? 4.011   -12.781 -11.207 1.00 21.91 ? 123  VAL A N   1 
ATOM   822  C  CA  . VAL A 1 123 ? 2.753   -12.505 -10.520 1.00 21.97 ? 123  VAL A CA  1 
ATOM   823  C  C   . VAL A 1 123 ? 2.849   -12.880 -9.048  1.00 21.64 ? 123  VAL A C   1 
ATOM   824  O  O   . VAL A 1 123 ? 3.219   -14.045 -8.695  1.00 21.34 ? 123  VAL A O   1 
ATOM   825  C  CB  . VAL A 1 123 ? 1.561   -13.247 -11.159 1.00 23.04 ? 123  VAL A CB  1 
ATOM   826  C  CG1 . VAL A 1 123 ? 0.300   -12.918 -10.412 1.00 23.87 ? 123  VAL A CG1 1 
ATOM   827  C  CG2 . VAL A 1 123 ? 1.461   -12.884 -12.656 1.00 27.89 ? 123  VAL A CG2 1 
ATOM   828  N  N   . HIS A 1 124 ? 2.494   -11.922 -8.198  1.00 19.66 ? 124  HIS A N   1 
ATOM   829  C  CA  . HIS A 1 124 ? 2.581   -12.142 -6.757  1.00 21.54 ? 124  HIS A CA  1 
ATOM   830  C  C   . HIS A 1 124 ? 1.502   -11.383 -6.053  1.00 20.36 ? 124  HIS A C   1 
ATOM   831  O  O   . HIS A 1 124 ? 1.227   -10.256 -6.428  1.00 20.44 ? 124  HIS A O   1 
ATOM   832  C  CB  . HIS A 1 124 ? 3.914   -11.728 -6.158  1.00 19.73 ? 124  HIS A CB  1 
ATOM   833  C  CG  . HIS A 1 124 ? 5.072   -12.470 -6.731  1.00 23.66 ? 124  HIS A CG  1 
ATOM   834  N  ND1 . HIS A 1 124 ? 5.604   -13.606 -6.141  1.00 24.59 ? 124  HIS A ND1 1 
ATOM   835  C  CD2 . HIS A 1 124 ? 5.804   -12.228 -7.842  1.00 22.58 ? 124  HIS A CD2 1 
ATOM   836  C  CE1 . HIS A 1 124 ? 6.600   -14.040 -6.892  1.00 27.68 ? 124  HIS A CE1 1 
ATOM   837  N  NE2 . HIS A 1 124 ? 6.737   -13.229 -7.932  1.00 25.89 ? 124  HIS A NE2 1 
ATOM   838  N  N   . ASP A 1 125 ? 0.956   -11.952 -4.974  1.00 21.54 ? 125  ASP A N   1 
ATOM   839  C  CA  . ASP A 1 125 ? 0.183   -11.153 -4.025  1.00 21.18 ? 125  ASP A CA  1 
ATOM   840  C  C   . ASP A 1 125 ? 1.129   -10.130 -3.362  1.00 21.40 ? 125  ASP A C   1 
ATOM   841  O  O   . ASP A 1 125 ? 2.351   -10.368 -3.216  1.00 21.02 ? 125  ASP A O   1 
ATOM   842  C  CB  . ASP A 1 125 ? -0.438  -12.015 -2.924  1.00 20.94 ? 125  ASP A CB  1 
ATOM   843  C  CG  . ASP A 1 125 ? -1.594  -12.861 -3.386  1.00 21.88 ? 125  ASP A CG  1 
ATOM   844  O  OD1 . ASP A 1 125 ? -1.902  -12.967 -4.618  1.00 21.15 ? 125  ASP A OD1 1 
ATOM   845  O  OD2 . ASP A 1 125 ? -2.252  -13.519 -2.524  1.00 24.31 ? 125  ASP A OD2 1 
ATOM   846  N  N   . ILE A 1 126 ? 0.580   -8.976  -2.979  1.00 20.62 ? 126  ILE A N   1 
ATOM   847  C  CA  . ILE A 1 126 ? 1.338   -8.000  -2.225  1.00 20.50 ? 126  ILE A CA  1 
ATOM   848  C  C   . ILE A 1 126 ? 0.613   -7.789  -0.925  1.00 19.67 ? 126  ILE A C   1 
ATOM   849  O  O   . ILE A 1 126 ? -0.616  -7.678  -0.915  1.00 20.29 ? 126  ILE A O   1 
ATOM   850  C  CB  . ILE A 1 126 ? 1.467   -6.646  -3.025  1.00 21.06 ? 126  ILE A CB  1 
ATOM   851  C  CG1 . ILE A 1 126 ? 2.425   -6.812  -4.198  1.00 21.31 ? 126  ILE A CG1 1 
ATOM   852  C  CG2 . ILE A 1 126 ? 1.912   -5.503  -2.076  1.00 20.89 ? 126  ILE A CG2 1 
ATOM   853  C  CD1 . ILE A 1 126 ? 3.901   -7.103  -3.775  1.00 22.29 ? 126  ILE A CD1 1 
ATOM   854  N  N   . VAL A 1 127 ? 1.380   -7.761  0.162   1.00 18.99 ? 127  VAL A N   1 
ATOM   855  C  CA  . VAL A 1 127 ? 0.845   -7.486  1.503   1.00 18.76 ? 127  VAL A CA  1 
ATOM   856  C  C   . VAL A 1 127 ? 1.497   -6.218  2.005   1.00 18.57 ? 127  VAL A C   1 
ATOM   857  O  O   . VAL A 1 127 ? 2.716   -6.110  2.096   1.00 18.99 ? 127  VAL A O   1 
ATOM   858  C  CB  . VAL A 1 127 ? 1.036   -8.637  2.517   1.00 17.39 ? 127  VAL A CB  1 
ATOM   859  C  CG1 . VAL A 1 127 ? 0.319   -8.297  3.842   1.00 18.46 ? 127  VAL A CG1 1 
ATOM   860  C  CG2 . VAL A 1 127 ? 0.547   -9.912  1.976   1.00 20.75 ? 127  VAL A CG2 1 
ATOM   861  N  N   . LEU A 1 128 ? 0.663   -5.229  2.319   1.00 19.38 ? 128  LEU A N   1 
ATOM   862  C  CA  . LEU A 1 128 ? 1.134   -4.078  3.057   1.00 19.39 ? 128  LEU A CA  1 
ATOM   863  C  C   . LEU A 1 128 ? 0.979   -4.280  4.563   1.00 19.53 ? 128  LEU A C   1 
ATOM   864  O  O   . LEU A 1 128 ? -0.089  -4.669  5.040   1.00 19.64 ? 128  LEU A O   1 
ATOM   865  C  CB  . LEU A 1 128 ? 0.447   -2.780  2.596   1.00 20.42 ? 128  LEU A CB  1 
ATOM   866  C  CG  . LEU A 1 128 ? 0.467   -2.492  1.086   1.00 19.37 ? 128  LEU A CG  1 
ATOM   867  C  CD1 . LEU A 1 128 ? -0.319  -1.219  0.803   1.00 22.17 ? 128  LEU A CD1 1 
ATOM   868  C  CD2 . LEU A 1 128 ? 1.889   -2.378  0.548   1.00 20.10 ? 128  LEU A CD2 1 
ATOM   869  N  N   . VAL A 1 129 ? 2.046   -4.023  5.297   1.00 18.33 ? 129  VAL A N   1 
ATOM   870  C  CA  . VAL A 1 129 ? 1.999   -4.217  6.766   1.00 19.10 ? 129  VAL A CA  1 
ATOM   871  C  C   . VAL A 1 129 ? 2.238   -2.873  7.416   1.00 19.73 ? 129  VAL A C   1 
ATOM   872  O  O   . VAL A 1 129 ? 3.325   -2.278  7.249   1.00 19.26 ? 129  VAL A O   1 
ATOM   873  C  CB  . VAL A 1 129 ? 3.034   -5.251  7.247   1.00 20.24 ? 129  VAL A CB  1 
ATOM   874  C  CG1 . VAL A 1 129 ? 2.863   -5.546  8.723   1.00 21.28 ? 129  VAL A CG1 1 
ATOM   875  C  CG2 . VAL A 1 129 ? 3.002   -6.526  6.409   1.00 20.87 ? 129  VAL A CG2 1 
ATOM   876  N  N   . PHE A 1 130 ? 1.283   -2.459  8.270   1.00 20.51 ? 130  PHE A N   1 
ATOM   877  C  CA  . PHE A 1 130 ? 1.241   -1.116  8.832   1.00 21.02 ? 130  PHE A CA  1 
ATOM   878  C  C   . PHE A 1 130 ? 1.746   -1.077  10.276  1.00 21.43 ? 130  PHE A C   1 
ATOM   879  O  O   . PHE A 1 130 ? 1.390   -1.964  11.082  1.00 24.39 ? 130  PHE A O   1 
ATOM   880  C  CB  . PHE A 1 130 ? -0.148  -0.559  8.756   1.00 21.08 ? 130  PHE A CB  1 
ATOM   881  C  CG  . PHE A 1 130 ? -0.630  -0.378  7.355   1.00 21.29 ? 130  PHE A CG  1 
ATOM   882  C  CD1 . PHE A 1 130 ? -0.446  0.820   6.693   1.00 21.07 ? 130  PHE A CD1 1 
ATOM   883  C  CD2 . PHE A 1 130 ? -1.258  -1.421  6.705   1.00 21.15 ? 130  PHE A CD2 1 
ATOM   884  C  CE1 . PHE A 1 130 ? -0.833  0.965   5.368   1.00 21.33 ? 130  PHE A CE1 1 
ATOM   885  C  CE2 . PHE A 1 130 ? -1.670  -1.303  5.397   1.00 21.05 ? 130  PHE A CE2 1 
ATOM   886  C  CZ  . PHE A 1 130 ? -1.481  -0.092  4.714   1.00 19.31 ? 130  PHE A CZ  1 
ATOM   887  N  N   . SER A 1 131 ? 2.592   -0.093  10.582  1.00 22.86 ? 131  SER A N   1 
ATOM   888  C  CA  . SER A 1 131 ? 3.100   0.101   11.948  1.00 23.33 ? 131  SER A CA  1 
ATOM   889  C  C   . SER A 1 131 ? 2.273   1.078   12.776  1.00 25.69 ? 131  SER A C   1 
ATOM   890  O  O   . SER A 1 131 ? 2.549   1.295   13.982  1.00 26.45 ? 131  SER A O   1 
ATOM   891  C  CB  . SER A 1 131 ? 4.537   0.575   11.901  1.00 23.83 ? 131  SER A CB  1 
ATOM   892  O  OG  . SER A 1 131 ? 4.585   1.901   11.426  1.00 30.19 ? 131  SER A OG  1 
ATOM   893  N  N   . GLY A 1 132 ? 1.258   1.637   12.153  1.00 25.44 ? 132  GLY A N   1 
ATOM   894  C  CA  . GLY A 1 132 ? 0.442   2.679   12.743  1.00 26.46 ? 132  GLY A CA  1 
ATOM   895  C  C   . GLY A 1 132 ? -0.509  3.321   11.733  1.00 26.67 ? 132  GLY A C   1 
ATOM   896  O  O   . GLY A 1 132 ? -0.551  2.916   10.559  1.00 25.11 ? 132  GLY A O   1 
ATOM   897  N  N   . PRO A 1 133 ? -1.284  4.299   12.219  1.00 26.90 ? 133  PRO A N   1 
ATOM   898  C  CA  . PRO A 1 133 ? -2.293  4.956   11.400  1.00 27.10 ? 133  PRO A CA  1 
ATOM   899  C  C   . PRO A 1 133 ? -1.698  5.758   10.218  1.00 25.54 ? 133  PRO A C   1 
ATOM   900  O  O   . PRO A 1 133 ? -0.720  6.481   10.366  1.00 25.14 ? 133  PRO A O   1 
ATOM   901  C  CB  . PRO A 1 133 ? -2.997  5.931   12.381  1.00 27.68 ? 133  PRO A CB  1 
ATOM   902  C  CG  . PRO A 1 133 ? -2.044  6.106   13.486  1.00 31.39 ? 133  PRO A CG  1 
ATOM   903  C  CD  . PRO A 1 133 ? -1.294  4.798   13.612  1.00 27.66 ? 133  PRO A CD  1 
ATOM   904  N  N   . VAL A 1 134 ? -2.348  5.574   9.086   1.00 24.47 ? 134  VAL A N   1 
ATOM   905  C  CA  . VAL A 1 134 ? -2.078  6.258   7.811   1.00 23.84 ? 134  VAL A CA  1 
ATOM   906  C  C   . VAL A 1 134 ? -3.312  6.026   6.925   1.00 23.01 ? 134  VAL A C   1 
ATOM   907  O  O   . VAL A 1 134 ? -3.992  4.996   7.003   1.00 22.90 ? 134  VAL A O   1 
ATOM   908  C  CB  . VAL A 1 134 ? -0.775  5.763   7.139   1.00 24.68 ? 134  VAL A CB  1 
ATOM   909  C  CG1 . VAL A 1 134 ? -0.816  4.238   6.954   1.00 24.16 ? 134  VAL A CG1 1 
ATOM   910  C  CG2 . VAL A 1 134 ? -0.470  6.501   5.795   1.00 25.33 ? 134  VAL A CG2 1 
ATOM   911  N  N   . ASN A 1 135 ? -3.643  7.042   6.141   1.00 21.31 ? 135  ASN A N   1 
ATOM   912  C  CA  . ASN A 1 135 ? -4.654  6.951   5.159   1.00 21.57 ? 135  ASN A CA  1 
ATOM   913  C  C   . ASN A 1 135 ? -3.958  6.727   3.793   1.00 19.67 ? 135  ASN A C   1 
ATOM   914  O  O   . ASN A 1 135 ? -3.002  7.445   3.423   1.00 20.16 ? 135  ASN A O   1 
ATOM   915  C  CB  . ASN A 1 135 ? -5.488  8.231   5.162   1.00 22.26 ? 135  ASN A CB  1 
ATOM   916  C  CG  . ASN A 1 135 ? -6.362  8.354   6.370   1.00 23.44 ? 135  ASN A CG  1 
ATOM   917  O  OD1 . ASN A 1 135 ? -6.636  7.371   7.056   1.00 23.51 ? 135  ASN A OD1 1 
ATOM   918  N  ND2 . ASN A 1 135 ? -6.821  9.575   6.641   1.00 23.32 ? 135  ASN A ND2 1 
ATOM   919  N  N   . VAL A 1 136 ? -4.386  5.693   3.091   1.00 19.65 ? 136  VAL A N   1 
ATOM   920  C  CA  . VAL A 1 136 ? -3.817  5.357   1.778   1.00 18.64 ? 136  VAL A CA  1 
ATOM   921  C  C   . VAL A 1 136 ? -4.852  5.448   0.706   1.00 19.20 ? 136  VAL A C   1 
ATOM   922  O  O   . VAL A 1 136 ? -5.860  4.751   0.773   1.00 19.44 ? 136  VAL A O   1 
ATOM   923  C  CB  . VAL A 1 136 ? -3.231  3.938   1.787   1.00 19.30 ? 136  VAL A CB  1 
ATOM   924  C  CG1 . VAL A 1 136 ? -2.375  3.721   0.526   1.00 20.45 ? 136  VAL A CG1 1 
ATOM   925  C  CG2 . VAL A 1 136 ? -2.377  3.714   3.099   1.00 20.49 ? 136  VAL A CG2 1 
ATOM   926  N  N   . ASP A 1 137 ? -4.586  6.299   -0.309  1.00 18.79 ? 137  ASP A N   1 
ATOM   927  C  CA  . ASP A 1 137 ? -5.461  6.479   -1.439  1.00 20.37 ? 137  ASP A CA  1 
ATOM   928  C  C   . ASP A 1 137 ? -5.170  5.407   -2.529  1.00 19.81 ? 137  ASP A C   1 
ATOM   929  O  O   . ASP A 1 137 ? -6.061  4.624   -2.938  1.00 19.72 ? 137  ASP A O   1 
ATOM   930  C  CB  . ASP A 1 137 ? -5.277  7.918   -1.987  1.00 19.93 ? 137  ASP A CB  1 
ATOM   931  C  CG  . ASP A 1 137 ? -6.259  8.269   -3.052  1.00 21.75 ? 137  ASP A CG  1 
ATOM   932  O  OD1 . ASP A 1 137 ? -6.732  7.353   -3.758  1.00 20.89 ? 137  ASP A OD1 1 
ATOM   933  O  OD2 . ASP A 1 137 ? -6.515  9.456   -3.326  1.00 24.18 ? 137  ASP A OD2 1 
ATOM   934  N  N   . ASN A 1 138 ? -3.924  5.380   -2.967  1.00 20.41 ? 138  ASN A N   1 
ATOM   935  C  CA  . ASN A 1 138 ? -3.489  4.485   -4.036  1.00 19.52 ? 138  ASN A CA  1 
ATOM   936  C  C   . ASN A 1 138 ? -2.002  4.200   -3.964  1.00 19.83 ? 138  ASN A C   1 
ATOM   937  O  O   . ASN A 1 138 ? -1.288  4.768   -3.126  1.00 18.86 ? 138  ASN A O   1 
ATOM   938  C  CB  . ASN A 1 138 ? -3.947  5.033   -5.405  1.00 19.61 ? 138  ASN A CB  1 
ATOM   939  C  CG  . ASN A 1 138 ? -3.265  6.355   -5.782  1.00 19.61 ? 138  ASN A CG  1 
ATOM   940  O  OD1 . ASN A 1 138 ? -3.862  7.255   -6.445  1.00 24.74 ? 138  ASN A OD1 1 
ATOM   941  N  ND2 . ASN A 1 138 ? -2.010  6.453   -5.449  1.00 16.18 ? 138  ASN A ND2 1 
ATOM   942  N  N   . PHE A 1 139 ? -1.524  3.343   -4.873  1.00 20.54 ? 139  PHE A N   1 
ATOM   943  C  CA  . PHE A 1 139 ? -0.115  3.056   -5.048  1.00 18.96 ? 139  PHE A CA  1 
ATOM   944  C  C   . PHE A 1 139 ? 0.164   2.479   -6.408  1.00 19.08 ? 139  PHE A C   1 
ATOM   945  O  O   . PHE A 1 139 ? -0.732  2.109   -7.153  1.00 18.94 ? 139  PHE A O   1 
ATOM   946  C  CB  . PHE A 1 139 ? 0.443   2.158   -3.916  1.00 18.65 ? 139  PHE A CB  1 
ATOM   947  C  CG  . PHE A 1 139 ? -0.290  0.836   -3.732  1.00 17.48 ? 139  PHE A CG  1 
ATOM   948  C  CD1 . PHE A 1 139 ? -1.355  0.709   -2.795  1.00 19.89 ? 139  PHE A CD1 1 
ATOM   949  C  CD2 . PHE A 1 139 ? 0.059   -0.271  -4.474  1.00 19.51 ? 139  PHE A CD2 1 
ATOM   950  C  CE1 . PHE A 1 139 ? -1.993  -0.475  -2.600  1.00 19.18 ? 139  PHE A CE1 1 
ATOM   951  C  CE2 . PHE A 1 139 ? -0.602  -1.489  -4.287  1.00 19.91 ? 139  PHE A CE2 1 
ATOM   952  C  CZ  . PHE A 1 139 ? -1.623  -1.575  -3.343  1.00 21.29 ? 139  PHE A CZ  1 
ATOM   953  N  N   . ILE A 1 140 ? 1.444   2.439   -6.723  1.00 18.82 ? 140  ILE A N   1 
ATOM   954  C  CA  . ILE A 1 140 ? 1.934   1.987   -8.027  1.00 18.82 ? 140  ILE A CA  1 
ATOM   955  C  C   . ILE A 1 140 ? 3.392   1.630   -7.892  1.00 19.36 ? 140  ILE A C   1 
ATOM   956  O  O   . ILE A 1 140 ? 4.113   2.168   -7.052  1.00 20.14 ? 140  ILE A O   1 
ATOM   957  C  CB  . ILE A 1 140 ? 1.694   3.100   -9.115  1.00 18.58 ? 140  ILE A CB  1 
ATOM   958  C  CG1 . ILE A 1 140 ? 1.919   2.534   -10.531 1.00 19.06 ? 140  ILE A CG1 1 
ATOM   959  C  CG2 . ILE A 1 140 ? 2.538   4.303   -8.878  1.00 20.14 ? 140  ILE A CG2 1 
ATOM   960  C  CD1 . ILE A 1 140 ? 1.452   3.445   -11.631 1.00 22.27 ? 140  ILE A CD1 1 
ATOM   961  N  N   . PHE A 1 141 ? 3.836   0.686   -8.706  1.00 20.36 ? 141  PHE A N   1 
ATOM   962  C  CA  . PHE A 1 141 ? 5.236   0.273   -8.763  1.00 21.59 ? 141  PHE A CA  1 
ATOM   963  C  C   . PHE A 1 141 ? 5.928   0.881   -9.960  1.00 22.73 ? 141  PHE A C   1 
ATOM   964  O  O   . PHE A 1 141 ? 5.291   1.315   -10.921 1.00 23.60 ? 141  PHE A O   1 
ATOM   965  C  CB  . PHE A 1 141 ? 5.380   -1.272  -8.805  1.00 21.36 ? 141  PHE A CB  1 
ATOM   966  C  CG  . PHE A 1 141 ? 4.853   -1.944  -7.567  1.00 20.13 ? 141  PHE A CG  1 
ATOM   967  C  CD1 . PHE A 1 141 ? 5.726   -2.356  -6.563  1.00 19.45 ? 141  PHE A CD1 1 
ATOM   968  C  CD2 . PHE A 1 141 ? 3.476   -2.191  -7.412  1.00 18.56 ? 141  PHE A CD2 1 
ATOM   969  C  CE1 . PHE A 1 141 ? 5.244   -2.941  -5.378  1.00 20.09 ? 141  PHE A CE1 1 
ATOM   970  C  CE2 . PHE A 1 141 ? 3.001   -2.812  -6.283  1.00 21.17 ? 141  PHE A CE2 1 
ATOM   971  C  CZ  . PHE A 1 141 ? 3.894   -3.199  -5.246  1.00 20.18 ? 141  PHE A CZ  1 
ATOM   972  N  N   . SER A 1 142 ? 7.239   0.947   -9.849  1.00 23.84 ? 142  SER A N   1 
ATOM   973  C  CA  . SER A 1 142 ? 8.073   1.460   -10.912 1.00 26.21 ? 142  SER A CA  1 
ATOM   974  C  C   . SER A 1 142 ? 9.054   0.407   -11.409 1.00 28.08 ? 142  SER A C   1 
ATOM   975  O  O   . SER A 1 142 ? 9.633   -0.389  -10.644 1.00 23.11 ? 142  SER A O   1 
ATOM   976  C  CB  . SER A 1 142 ? 8.826   2.695   -10.452 1.00 26.50 ? 142  SER A CB  1 
ATOM   977  O  OG  . SER A 1 142 ? 9.553   2.481   -9.242  1.00 30.98 ? 142  SER A OG  1 
ATOM   978  N  N   . ARG A 1 143 ? 9.232   0.442   -12.714 1.00 31.11 ? 143  ARG A N   1 
ATOM   979  C  CA  . ARG A 1 143 ? 9.964   -0.608  -13.360 1.00 36.41 ? 143  ARG A CA  1 
ATOM   980  C  C   . ARG A 1 143 ? 11.424  -0.458  -13.075 1.00 38.49 ? 143  ARG A C   1 
ATOM   981  O  O   . ARG A 1 143 ? 11.910  0.628   -12.741 1.00 38.28 ? 143  ARG A O   1 
ATOM   982  C  CB  . ARG A 1 143 ? 9.667   -0.691  -14.872 1.00 36.84 ? 143  ARG A CB  1 
ATOM   983  C  CG  . ARG A 1 143 ? 10.326  0.382   -15.665 1.00 42.45 ? 143  ARG A CG  1 
ATOM   984  C  CD  . ARG A 1 143 ? 9.680   0.605   -17.077 1.00 48.72 ? 143  ARG A CD  1 
ATOM   985  N  NE  . ARG A 1 143 ? 10.270  1.773   -17.786 1.00 49.90 ? 143  ARG A NE  1 
ATOM   986  C  CZ  . ARG A 1 143 ? 10.928  1.714   -18.954 1.00 52.84 ? 143  ARG A CZ  1 
ATOM   987  N  NH1 . ARG A 1 143 ? 11.105  0.541   -19.581 1.00 52.98 ? 143  ARG A NH1 1 
ATOM   988  N  NH2 . ARG A 1 143 ? 11.402  2.846   -19.507 1.00 51.65 ? 143  ARG A NH2 1 
ATOM   989  N  N   . SER A 1 144 ? 12.095  -1.611  -13.175 1.00 42.08 ? 144  SER A N   1 
ATOM   990  C  CA  . SER A 1 144 ? 13.557  -1.730  -13.078 1.00 44.40 ? 144  SER A CA  1 
ATOM   991  C  C   . SER A 1 144 ? 14.230  -1.293  -14.375 1.00 45.39 ? 144  SER A C   1 
ATOM   992  O  O   . SER A 1 144 ? 13.549  -1.269  -15.411 1.00 47.99 ? 144  SER A O   1 
ATOM   993  C  CB  . SER A 1 144 ? 13.956  -3.187  -12.780 1.00 44.76 ? 144  SER A CB  1 
ATOM   994  O  OG  . SER A 1 144 ? 13.098  -4.094  -13.411 1.00 46.91 ? 144  SER A OG  1 
HETATM 995  O  O1  . XYP B 2 .   ? -7.149  8.055   13.786  1.00 32.45 ? 1    XYP B O1  1 
HETATM 996  C  C1  . XYP B 2 .   ? -7.294  8.556   12.497  1.00 32.69 ? 1    XYP B C1  1 
HETATM 997  C  C2  . XYP B 2 .   ? -7.532  7.410   11.510  1.00 29.27 ? 1    XYP B C2  1 
HETATM 998  C  C3  . XYP B 2 .   ? -7.722  8.034   10.149  1.00 27.51 ? 1    XYP B C3  1 
HETATM 999  C  C4  . XYP B 2 .   ? -8.779  9.138   10.154  1.00 29.82 ? 1    XYP B C4  1 
HETATM 1000 C  C5  . XYP B 2 .   ? -8.446  10.114  11.246  1.00 28.87 ? 1    XYP B C5  1 
HETATM 1001 O  O2  . XYP B 2 .   ? -6.383  6.552   11.481  1.00 26.28 ? 1    XYP B O2  1 
HETATM 1002 O  O3  . XYP B 2 .   ? -8.032  7.104   9.115   1.00 26.65 ? 1    XYP B O3  1 
HETATM 1003 O  O4  . XYP B 2 .   ? -8.758  9.845   8.924   1.00 31.71 ? 1    XYP B O4  1 
HETATM 1004 O  O5  . XYP B 2 .   ? -8.342  9.429   12.487  1.00 34.36 ? 1    XYP B O5  1 
HETATM 1005 C  C1  . XYP B 2 .   ? -10.080 10.342  8.590   1.00 36.46 ? 2    XYP B C1  1 
HETATM 1006 C  C2  . XYP B 2 .   ? -10.047 11.853  8.512   1.00 38.25 ? 2    XYP B C2  1 
HETATM 1007 C  C3  . XYP B 2 .   ? -11.415 12.355  8.078   1.00 41.63 ? 2    XYP B C3  1 
HETATM 1008 C  C4  . XYP B 2 .   ? -11.747 11.724  6.740   1.00 41.53 ? 2    XYP B C4  1 
HETATM 1009 C  C5  . XYP B 2 .   ? -11.809 10.232  6.942   1.00 40.65 ? 2    XYP B C5  1 
HETATM 1010 O  O2  . XYP B 2 .   ? -9.774  12.396  9.791   1.00 38.46 ? 2    XYP B O2  1 
HETATM 1011 O  O3  . XYP B 2 .   ? -11.424 13.780  8.024   1.00 41.37 ? 2    XYP B O3  1 
HETATM 1012 O  O4  . XYP B 2 .   ? -13.012 12.133  6.335   1.00 46.84 ? 2    XYP B O4  1 
HETATM 1013 O  O5  . XYP B 2 .   ? -10.545 9.790   7.425   1.00 42.51 ? 2    XYP B O5  1 
HETATM 1014 NA NA  . NA  C 3 .   ? -12.399 -8.888  12.913  1.00 30.91 ? 1145 NA  A NA  1 
HETATM 1015 CA CA  . CA  D 4 .   ? -8.209  5.445   -3.883  1.00 21.87 ? 1146 CA  A CA  1 
HETATM 1016 C  C1  . GOL E 5 .   ? 8.876   -13.364 -4.851  1.00 54.78 ? 1149 GOL A C1  1 
HETATM 1017 O  O1  . GOL E 5 .   ? 8.959   -14.786 -4.913  1.00 58.13 ? 1149 GOL A O1  1 
HETATM 1018 C  C2  . GOL E 5 .   ? 9.994   -12.843 -3.967  1.00 51.53 ? 1149 GOL A C2  1 
HETATM 1019 O  O2  . GOL E 5 .   ? 11.168  -13.629 -4.126  1.00 55.35 ? 1149 GOL A O2  1 
HETATM 1020 C  C3  . GOL E 5 .   ? 10.275  -11.423 -4.358  1.00 44.73 ? 1149 GOL A C3  1 
HETATM 1021 O  O3  . GOL E 5 .   ? 10.996  -11.485 -5.538  1.00 43.73 ? 1149 GOL A O3  1 
HETATM 1022 O  O   . HOH F 6 .   ? -5.071  4.667   15.816  1.00 62.36 ? 2001 HOH A O   1 
HETATM 1023 O  O   . HOH F 6 .   ? -15.514 -8.292  -4.686  1.00 59.90 ? 2002 HOH A O   1 
HETATM 1024 O  O   . HOH F 6 .   ? -11.347 -9.323  -11.385 1.00 60.22 ? 2003 HOH A O   1 
HETATM 1025 O  O   . HOH F 6 .   ? -7.413  -5.452  -13.274 1.00 64.86 ? 2004 HOH A O   1 
HETATM 1026 O  O   . HOH F 6 .   ? -9.156  -8.815  -12.323 0.50 35.02 ? 2005 HOH A O   1 
HETATM 1027 O  O   . HOH F 6 .   ? -2.844  -8.251  -14.520 1.00 52.30 ? 2006 HOH A O   1 
HETATM 1028 O  O   . HOH F 6 .   ? -0.181  -3.273  -19.664 1.00 60.93 ? 2007 HOH A O   1 
HETATM 1029 O  O   . HOH F 6 .   ? 1.444   -1.799  -17.749 1.00 31.01 ? 2008 HOH A O   1 
HETATM 1030 O  O   . HOH F 6 .   ? -2.300  -3.044  -21.144 1.00 61.50 ? 2009 HOH A O   1 
HETATM 1031 O  O   . HOH F 6 .   ? -13.427 -3.960  0.162   1.00 63.51 ? 2010 HOH A O   1 
HETATM 1032 O  O   . HOH F 6 .   ? -11.120 6.358   -7.092  1.00 45.65 ? 2011 HOH A O   1 
HETATM 1033 O  O   . HOH F 6 .   ? -6.555  2.629   -11.241 0.50 27.37 ? 2012 HOH A O   1 
HETATM 1034 O  O   . HOH F 6 .   ? -13.289 -6.237  0.819   0.50 34.53 ? 2013 HOH A O   1 
HETATM 1035 O  O   . HOH F 6 .   ? -7.892  3.662   -10.489 0.50 27.61 ? 2014 HOH A O   1 
HETATM 1036 O  O   . HOH F 6 .   ? -6.546  7.172   -7.277  1.00 26.14 ? 2015 HOH A O   1 
HETATM 1037 O  O   . HOH F 6 .   ? -10.190 3.719   -10.392 1.00 58.35 ? 2016 HOH A O   1 
HETATM 1038 O  O   . HOH F 6 .   ? -11.360 2.602   14.714  1.00 45.90 ? 2017 HOH A O   1 
HETATM 1039 O  O   . HOH F 6 .   ? -12.324 3.951   -5.580  1.00 43.17 ? 2018 HOH A O   1 
HETATM 1040 O  O   . HOH F 6 .   ? -13.881 -0.537  -2.128  0.50 38.17 ? 2019 HOH A O   1 
HETATM 1041 O  O   . HOH F 6 .   ? -7.379  -0.850  -8.157  1.00 28.06 ? 2020 HOH A O   1 
HETATM 1042 O  O   . HOH F 6 .   ? -11.012 1.539   -9.749  1.00 48.86 ? 2021 HOH A O   1 
HETATM 1043 O  O   . HOH F 6 .   ? -12.594 -5.760  5.556   1.00 46.74 ? 2022 HOH A O   1 
HETATM 1044 O  O   . HOH F 6 .   ? -12.391 -7.703  0.542   0.50 38.19 ? 2023 HOH A O   1 
HETATM 1045 O  O   . HOH F 6 .   ? -11.338 -11.201 2.122   1.00 39.07 ? 2024 HOH A O   1 
HETATM 1046 O  O   . HOH F 6 .   ? -10.955 -10.609 -3.494  1.00 51.85 ? 2025 HOH A O   1 
HETATM 1047 O  O   . HOH F 6 .   ? -6.526  -11.761 -0.494  0.50 15.06 ? 2026 HOH A O   1 
HETATM 1048 O  O   . HOH F 6 .   ? 2.590   -9.230  9.453   1.00 51.09 ? 2027 HOH A O   1 
HETATM 1049 O  O   . HOH F 6 .   ? 3.416   -6.640  12.381  1.00 40.19 ? 2028 HOH A O   1 
HETATM 1050 O  O   . HOH F 6 .   ? -7.902  -7.800  13.933  1.00 26.09 ? 2029 HOH A O   1 
HETATM 1051 O  O   . HOH F 6 .   ? 0.624   -15.860 -4.930  0.50 41.83 ? 2030 HOH A O   1 
HETATM 1052 O  O   . HOH F 6 .   ? -12.452 -4.334  8.469   1.00 59.18 ? 2031 HOH A O   1 
HETATM 1053 O  O   . HOH F 6 .   ? 3.879   -14.627 -14.594 1.00 60.83 ? 2032 HOH A O   1 
HETATM 1054 O  O   . HOH F 6 .   ? 4.341   -7.769  -18.205 0.50 47.29 ? 2033 HOH A O   1 
HETATM 1055 O  O   . HOH F 6 .   ? 4.695   -5.335  -17.770 1.00 62.14 ? 2034 HOH A O   1 
HETATM 1056 O  O   . HOH F 6 .   ? 11.655  -11.867 -15.941 1.00 55.55 ? 2035 HOH A O   1 
HETATM 1057 O  O   . HOH F 6 .   ? 7.768   -2.478  -17.395 0.50 45.67 ? 2036 HOH A O   1 
HETATM 1058 O  O   . HOH F 6 .   ? 17.208  -3.688  -11.599 1.00 45.57 ? 2037 HOH A O   1 
HETATM 1059 O  O   . HOH F 6 .   ? -12.894 1.754   12.636  1.00 36.41 ? 2038 HOH A O   1 
HETATM 1060 O  O   . HOH F 6 .   ? -7.198  -3.097  13.914  1.00 45.87 ? 2039 HOH A O   1 
HETATM 1061 O  O   . HOH F 6 .   ? -15.460 5.986   12.853  1.00 60.21 ? 2040 HOH A O   1 
HETATM 1062 O  O   . HOH F 6 .   ? -15.561 0.574   5.231   1.00 41.41 ? 2041 HOH A O   1 
HETATM 1063 O  O   . HOH F 6 .   ? 9.430   8.949   8.870   0.50 36.47 ? 2042 HOH A O   1 
HETATM 1064 O  O   . HOH F 6 .   ? -14.269 9.393   5.045   1.00 39.67 ? 2043 HOH A O   1 
HETATM 1065 O  O   . HOH F 6 .   ? -14.986 12.464  0.437   1.00 57.62 ? 2044 HOH A O   1 
HETATM 1066 O  O   . HOH F 6 .   ? -8.846  12.029  -4.301  1.00 50.52 ? 2045 HOH A O   1 
HETATM 1067 O  O   . HOH F 6 .   ? 7.994   -16.570 0.721   1.00 37.50 ? 2046 HOH A O   1 
HETATM 1068 O  O   . HOH F 6 .   ? 3.153   -17.640 0.266   1.00 42.21 ? 2047 HOH A O   1 
HETATM 1069 O  O   . HOH F 6 .   ? -12.576 19.499  -2.934  1.00 59.32 ? 2048 HOH A O   1 
HETATM 1070 O  O   . HOH F 6 .   ? 8.364   -11.849 9.168   1.00 53.80 ? 2049 HOH A O   1 
HETATM 1071 O  O   . HOH F 6 .   ? -10.567 12.987  -7.774  1.00 45.08 ? 2050 HOH A O   1 
HETATM 1072 O  O   . HOH F 6 .   ? -13.648 16.134  -7.127  1.00 56.61 ? 2051 HOH A O   1 
HETATM 1073 O  O   . HOH F 6 .   ? -17.208 11.967  -5.144  1.00 58.45 ? 2052 HOH A O   1 
HETATM 1074 O  O   . HOH F 6 .   ? 13.065  -4.437  8.730   1.00 55.84 ? 2053 HOH A O   1 
HETATM 1075 O  O   . HOH F 6 .   ? -15.671 9.511   -1.691  1.00 48.43 ? 2054 HOH A O   1 
HETATM 1076 O  O   . HOH F 6 .   ? -14.324 1.756   -2.978  1.00 73.64 ? 2055 HOH A O   1 
HETATM 1077 O  O   . HOH F 6 .   ? -16.838 6.722   1.813   1.00 64.48 ? 2056 HOH A O   1 
HETATM 1078 O  O   . HOH F 6 .   ? -9.681  6.931   -5.130  1.00 20.98 ? 2057 HOH A O   1 
HETATM 1079 O  O   . HOH F 6 .   ? -8.426  2.989   14.376  1.00 44.49 ? 2058 HOH A O   1 
HETATM 1080 O  O   . HOH F 6 .   ? -9.541  0.498   18.395  1.00 64.97 ? 2059 HOH A O   1 
HETATM 1081 O  O   . HOH F 6 .   ? -1.633  1.716   16.038  1.00 34.67 ? 2060 HOH A O   1 
HETATM 1082 O  O   . HOH F 6 .   ? -2.761  -2.638  17.013  1.00 43.91 ? 2061 HOH A O   1 
HETATM 1083 O  O   . HOH F 6 .   ? 5.176   -2.509  14.404  1.00 55.79 ? 2062 HOH A O   1 
HETATM 1084 O  O   . HOH F 6 .   ? 0.770   -16.963 -9.611  1.00 62.16 ? 2063 HOH A O   1 
HETATM 1085 O  O   . HOH F 6 .   ? -1.084  -7.501  14.736  0.50 28.87 ? 2064 HOH A O   1 
HETATM 1086 O  O   . HOH F 6 .   ? 1.185   -8.158  11.451  1.00 32.79 ? 2065 HOH A O   1 
HETATM 1087 O  O   . HOH F 6 .   ? -3.238  -5.550  13.948  1.00 32.54 ? 2066 HOH A O   1 
HETATM 1088 O  O   . HOH F 6 .   ? -5.921  -6.059  14.828  1.00 41.67 ? 2067 HOH A O   1 
HETATM 1089 O  O   . HOH F 6 .   ? -0.770  6.954   16.855  1.00 65.28 ? 2068 HOH A O   1 
HETATM 1090 O  O   . HOH F 6 .   ? -3.973  -9.034  4.691   1.00 21.67 ? 2069 HOH A O   1 
HETATM 1091 O  O   . HOH F 6 .   ? -2.109  -12.432 2.512   1.00 20.98 ? 2070 HOH A O   1 
HETATM 1092 O  O   . HOH F 6 .   ? -5.863  -7.668  -7.494  1.00 29.16 ? 2071 HOH A O   1 
HETATM 1093 O  O   . HOH F 6 .   ? -4.875  -12.367 -2.503  0.50 23.77 ? 2072 HOH A O   1 
HETATM 1094 O  O   . HOH F 6 .   ? -0.346  -14.130 -6.975  1.00 39.12 ? 2073 HOH A O   1 
HETATM 1095 O  O   . HOH F 6 .   ? -2.045  -10.344 -12.707 1.00 39.47 ? 2074 HOH A O   1 
HETATM 1096 O  O   . HOH F 6 .   ? 4.465   -11.898 -15.553 1.00 32.84 ? 2075 HOH A O   1 
HETATM 1097 O  O   . HOH F 6 .   ? -0.780  -7.352  -16.366 1.00 45.89 ? 2076 HOH A O   1 
HETATM 1098 O  O   . HOH F 6 .   ? 2.924   -9.512  -18.096 0.50 28.36 ? 2077 HOH A O   1 
HETATM 1099 O  O   . HOH F 6 .   ? 3.054   -5.990  -15.636 1.00 32.65 ? 2078 HOH A O   1 
HETATM 1100 O  O   . HOH F 6 .   ? 9.029   -12.299 -16.240 1.00 56.90 ? 2079 HOH A O   1 
HETATM 1101 O  O   . HOH F 6 .   ? 7.364   -5.872  -17.683 1.00 40.86 ? 2080 HOH A O   1 
HETATM 1102 O  O   . HOH F 6 .   ? 9.609   -3.999  -16.201 0.50 36.45 ? 2081 HOH A O   1 
HETATM 1103 O  O   . HOH F 6 .   ? 16.065  -0.263  -11.407 1.00 50.80 ? 2082 HOH A O   1 
HETATM 1104 O  O   . HOH F 6 .   ? 12.515  2.089   -10.070 1.00 47.07 ? 2083 HOH A O   1 
HETATM 1105 O  O   . HOH F 6 .   ? 14.294  2.398   -7.137  1.00 55.87 ? 2084 HOH A O   1 
HETATM 1106 O  O   . HOH F 6 .   ? 6.358   3.732   -8.297  0.50 16.03 ? 2085 HOH A O   1 
HETATM 1107 O  O   . HOH F 6 .   ? 8.958   6.966   -8.169  1.00 56.77 ? 2086 HOH A O   1 
HETATM 1108 O  O   . HOH F 6 .   ? -6.888  16.214  10.010  1.00 42.77 ? 2087 HOH A O   1 
HETATM 1109 O  O   . HOH F 6 .   ? -3.999  13.836  15.162  1.00 53.25 ? 2088 HOH A O   1 
HETATM 1110 O  O   . HOH F 6 .   ? 2.911   4.730   13.637  0.50 33.61 ? 2089 HOH A O   1 
HETATM 1111 O  O   . HOH F 6 .   ? 8.556   5.480   11.266  1.00 52.27 ? 2090 HOH A O   1 
HETATM 1112 O  O   . HOH F 6 .   ? 8.602   7.308   9.619   0.50 27.08 ? 2091 HOH A O   1 
HETATM 1113 O  O   . HOH F 6 .   ? 1.600   2.392   8.940   1.00 46.13 ? 2092 HOH A O   1 
HETATM 1114 O  O   . HOH F 6 .   ? 5.507   -8.214  9.095   1.00 44.33 ? 2093 HOH A O   1 
HETATM 1115 O  O   . HOH F 6 .   ? 9.607   -7.123  10.226  1.00 53.28 ? 2094 HOH A O   1 
HETATM 1116 O  O   . HOH F 6 .   ? 11.708  -9.971  7.104   1.00 58.55 ? 2095 HOH A O   1 
HETATM 1117 O  O   . HOH F 6 .   ? 8.099   -14.311 -0.708  1.00 25.92 ? 2096 HOH A O   1 
HETATM 1118 O  O   . HOH F 6 .   ? 1.745   -14.664 -4.307  0.50 13.84 ? 2097 HOH A O   1 
HETATM 1119 O  O   . HOH F 6 .   ? 5.047   -17.464 -5.618  1.00 63.59 ? 2098 HOH A O   1 
HETATM 1120 O  O   . HOH F 6 .   ? 0.122   -16.105 -2.327  1.00 43.94 ? 2099 HOH A O   1 
HETATM 1121 O  O   . HOH F 6 .   ? 5.041   -16.456 1.800   1.00 32.86 ? 2100 HOH A O   1 
HETATM 1122 O  O   . HOH F 6 .   ? 5.920   -10.714 8.833   1.00 50.87 ? 2101 HOH A O   1 
HETATM 1123 O  O   . HOH F 6 .   ? 5.924   -17.320 4.626   1.00 54.77 ? 2102 HOH A O   1 
HETATM 1124 O  O   . HOH F 6 .   ? 9.317   -13.605 7.745   1.00 58.01 ? 2103 HOH A O   1 
HETATM 1125 O  O   . HOH F 6 .   ? 11.604  -14.608 2.314   0.50 35.25 ? 2104 HOH A O   1 
HETATM 1126 O  O   . HOH F 6 .   ? 12.665  -14.121 1.043   0.50 24.31 ? 2105 HOH A O   1 
HETATM 1127 O  O   . HOH F 6 .   ? 12.414  -10.950 3.824   1.00 35.87 ? 2106 HOH A O   1 
HETATM 1128 O  O   . HOH F 6 .   ? 12.505  4.324   3.166   1.00 55.14 ? 2107 HOH A O   1 
HETATM 1129 O  O   . HOH F 6 .   ? 10.929  -2.794  7.825   1.00 37.01 ? 2108 HOH A O   1 
HETATM 1130 O  O   . HOH F 6 .   ? 10.686  5.601   2.442   0.33 15.04 ? 2109 HOH A O   1 
HETATM 1131 O  O   . HOH F 6 .   ? 10.239  8.292   2.977   0.33 30.23 ? 2110 HOH A O   1 
HETATM 1132 O  O   . HOH F 6 .   ? 7.273   11.277  4.176   1.00 40.71 ? 2111 HOH A O   1 
HETATM 1133 O  O   . HOH F 6 .   ? 6.779   15.644  8.225   1.00 44.68 ? 2112 HOH A O   1 
HETATM 1134 O  O   . HOH F 6 .   ? -7.868  17.736  7.581   1.00 58.44 ? 2113 HOH A O   1 
HETATM 1135 O  O   . HOH F 6 .   ? -6.574  19.302  5.938   1.00 49.98 ? 2114 HOH A O   1 
HETATM 1136 O  O   . HOH F 6 .   ? -11.713 13.930  2.986   1.00 42.98 ? 2115 HOH A O   1 
HETATM 1137 O  O   . HOH F 6 .   ? -1.474  19.594  6.016   1.00 52.50 ? 2116 HOH A O   1 
HETATM 1138 O  O   . HOH F 6 .   ? -4.301  20.072  2.944   1.00 43.54 ? 2117 HOH A O   1 
HETATM 1139 O  O   . HOH F 6 .   ? -9.015  11.407  3.522   1.00 30.79 ? 2118 HOH A O   1 
HETATM 1140 O  O   . HOH F 6 .   ? 5.413   14.374  -2.505  1.00 53.41 ? 2119 HOH A O   1 
HETATM 1141 O  O   . HOH F 6 .   ? 1.394   10.775  -7.381  1.00 53.09 ? 2120 HOH A O   1 
HETATM 1142 O  O   . HOH F 6 .   ? 7.416   12.394  -0.775  1.00 46.13 ? 2121 HOH A O   1 
HETATM 1143 O  O   . HOH F 6 .   ? 2.665   14.690  -3.466  1.00 28.20 ? 2122 HOH A O   1 
HETATM 1144 O  O   . HOH F 6 .   ? 9.449   9.959   -1.535  1.00 35.66 ? 2123 HOH A O   1 
HETATM 1145 O  O   . HOH F 6 .   ? 7.340   10.080  -4.563  0.50 27.55 ? 2124 HOH A O   1 
HETATM 1146 O  O   . HOH F 6 .   ? 12.212  4.773   -5.738  1.00 62.09 ? 2125 HOH A O   1 
HETATM 1147 O  O   . HOH F 6 .   ? 12.936  -0.059  1.155   1.00 25.88 ? 2126 HOH A O   1 
HETATM 1148 O  O   . HOH F 6 .   ? 14.799  3.140   1.477   1.00 29.04 ? 2127 HOH A O   1 
HETATM 1149 O  O   . HOH F 6 .   ? 15.975  -0.991  -5.224  1.00 26.33 ? 2128 HOH A O   1 
HETATM 1150 O  O   . HOH F 6 .   ? 12.344  -9.186  -4.652  1.00 23.06 ? 2129 HOH A O   1 
HETATM 1151 O  O   . HOH F 6 .   ? 13.912  -8.575  -0.822  1.00 20.13 ? 2130 HOH A O   1 
HETATM 1152 O  O   . HOH F 6 .   ? 13.344  -10.807 -8.949  1.00 34.88 ? 2131 HOH A O   1 
HETATM 1153 O  O   . HOH F 6 .   ? 17.693  -8.928  -14.886 1.00 45.05 ? 2132 HOH A O   1 
HETATM 1154 O  O   . HOH F 6 .   ? 12.595  -12.775 -10.521 1.00 48.15 ? 2133 HOH A O   1 
HETATM 1155 O  O   . HOH F 6 .   ? 4.468   -15.285 -12.446 0.50 26.51 ? 2134 HOH A O   1 
HETATM 1156 O  O   . HOH F 6 .   ? 5.468   -15.961 -11.476 0.50 48.97 ? 2135 HOH A O   1 
HETATM 1157 O  O   . HOH F 6 .   ? 1.657   -15.910 -7.053  1.00 52.76 ? 2136 HOH A O   1 
HETATM 1158 O  O   . HOH F 6 .   ? 9.677   -14.538 -8.755  0.50 36.15 ? 2137 HOH A O   1 
HETATM 1159 O  O   . HOH F 6 .   ? 8.315   -14.991 -9.927  0.50 39.62 ? 2138 HOH A O   1 
HETATM 1160 O  O   . HOH F 6 .   ? -1.442  -13.523 0.070   1.00 24.05 ? 2139 HOH A O   1 
HETATM 1161 O  O   . HOH F 6 .   ? 5.120   -1.951  9.245   1.00 28.54 ? 2140 HOH A O   1 
HETATM 1162 O  O   . HOH F 6 .   ? 4.047   -3.823  12.080  1.00 58.86 ? 2141 HOH A O   1 
HETATM 1163 O  O   . HOH F 6 .   ? 4.806   0.872   15.531  1.00 59.85 ? 2142 HOH A O   1 
HETATM 1164 O  O   . HOH F 6 .   ? 5.393   3.610   13.396  0.50 35.78 ? 2143 HOH A O   1 
HETATM 1165 O  O   . HOH F 6 .   ? 0.829   2.703   16.339  1.00 52.92 ? 2144 HOH A O   1 
HETATM 1166 O  O   . HOH F 6 .   ? -5.378  5.012   9.367   1.00 25.38 ? 2145 HOH A O   1 
HETATM 1167 O  O   . HOH F 6 .   ? -8.139  9.127   -5.686  1.00 31.45 ? 2146 HOH A O   1 
HETATM 1168 O  O   . HOH F 6 .   ? -5.932  11.835  -2.333  1.00 26.07 ? 2147 HOH A O   1 
HETATM 1169 O  O   . HOH F 6 .   ? 0.635   6.690   -5.668  1.00 42.47 ? 2148 HOH A O   1 
HETATM 1170 O  O   . HOH F 6 .   ? -1.263  8.571   -7.874  0.50 26.02 ? 2149 HOH A O   1 
HETATM 1171 O  O   . HOH F 6 .   ? 5.895   2.759   -12.878 1.00 43.10 ? 2150 HOH A O   1 
HETATM 1172 O  O   . HOH F 6 .   ? 8.496   4.152   -7.455  0.50 34.94 ? 2151 HOH A O   1 
HETATM 1173 O  O   . HOH F 6 .   ? 8.540   3.048   -16.548 1.00 41.14 ? 2152 HOH A O   1 
HETATM 1174 O  O   . HOH F 6 .   ? 7.943   2.649   -14.147 1.00 42.43 ? 2153 HOH A O   1 
HETATM 1175 O  O   . HOH F 6 .   ? 10.798  3.592   -13.474 1.00 50.52 ? 2154 HOH A O   1 
HETATM 1176 O  O   . HOH F 6 .   ? -6.405  4.431   13.125  1.00 29.08 ? 2155 HOH A O   1 
HETATM 1177 O  O   . HOH F 6 .   ? -15.088 11.867  8.816   1.00 56.56 ? 2156 HOH A O   1 
HETATM 1178 O  O   . HOH F 6 .   ? -13.618 14.974  7.650   1.00 53.98 ? 2157 HOH A O   1 
HETATM 1179 O  O   . HOH F 6 .   ? 10.701  -12.070 -8.075  1.00 28.56 ? 2158 HOH A O   1 
HETATM 1180 O  O   . HOH F 6 .   ? 7.522   -16.029 -4.439  1.00 46.55 ? 2159 HOH A O   1 
# 
loop_
_pdbx_poly_seq_scheme.asym_id 
_pdbx_poly_seq_scheme.entity_id 
_pdbx_poly_seq_scheme.seq_id 
_pdbx_poly_seq_scheme.mon_id 
_pdbx_poly_seq_scheme.ndb_seq_num 
_pdbx_poly_seq_scheme.pdb_seq_num 
_pdbx_poly_seq_scheme.auth_seq_num 
_pdbx_poly_seq_scheme.pdb_mon_id 
_pdbx_poly_seq_scheme.auth_mon_id 
_pdbx_poly_seq_scheme.pdb_strand_id 
_pdbx_poly_seq_scheme.pdb_ins_code 
_pdbx_poly_seq_scheme.hetero 
A 1 1   GLY 1   1   ?   ?   ?   A . n 
A 1 2   SER 2   2   ?   ?   ?   A . n 
A 1 3   HIS 3   3   ?   ?   ?   A . n 
A 1 4   MET 4   4   ?   ?   ?   A . n 
A 1 5   ALA 5   5   ?   ?   ?   A . n 
A 1 6   SER 6   6   ?   ?   ?   A . n 
A 1 7   PRO 7   7   ?   ?   ?   A . n 
A 1 8   THR 8   8   ?   ?   ?   A . n 
A 1 9   PRO 9   9   ?   ?   ?   A . n 
A 1 10  ALA 10  10  ?   ?   ?   A . n 
A 1 11  PRO 11  11  ?   ?   ?   A . n 
A 1 12  SER 12  12  ?   ?   ?   A . n 
A 1 13  GLN 13  13  ?   ?   ?   A . n 
A 1 14  SER 14  14  14  SER SER A . n 
A 1 15  PRO 15  15  15  PRO PRO A . n 
A 1 16  ILE 16  16  16  ILE ILE A . n 
A 1 17  ARG 17  17  17  ARG ARG A . n 
A 1 18  ARG 18  18  18  ARG ARG A . n 
A 1 19  ASP 19  19  19  ASP ASP A . n 
A 1 20  ALA 20  20  20  ALA ALA A . n 
A 1 21  PHE 21  21  21  PHE PHE A . n 
A 1 22  SER 22  22  22  SER SER A . n 
A 1 23  ILE 23  23  23  ILE ILE A . n 
A 1 24  ILE 24  24  24  ILE ILE A . n 
A 1 25  GLU 25  25  25  GLU GLU A . n 
A 1 26  ALA 26  26  26  ALA ALA A . n 
A 1 27  GLU 27  27  27  GLU GLU A . n 
A 1 28  GLU 28  28  28  GLU GLU A . n 
A 1 29  TYR 29  29  29  TYR TYR A . n 
A 1 30  ASN 30  30  30  ASN ASN A . n 
A 1 31  SER 31  31  31  SER SER A . n 
A 1 32  THR 32  32  32  THR THR A . n 
A 1 33  ASN 33  33  33  ASN ASN A . n 
A 1 34  SER 34  34  34  SER SER A . n 
A 1 35  SER 35  35  35  SER SER A . n 
A 1 36  THR 36  36  36  THR THR A . n 
A 1 37  LEU 37  37  37  LEU LEU A . n 
A 1 38  GLN 38  38  38  GLN GLN A . n 
A 1 39  VAL 39  39  39  VAL VAL A . n 
A 1 40  ILE 40  40  40  ILE ILE A . n 
A 1 41  GLY 41  41  41  GLY GLY A . n 
A 1 42  THR 42  42  42  THR THR A . n 
A 1 43  PRO 43  43  43  PRO PRO A . n 
A 1 44  ASN 44  44  44  ASN ASN A . n 
A 1 45  ASN 45  45  45  ASN ASN A . n 
A 1 46  GLY 46  46  46  GLY GLY A . n 
A 1 47  ARG 47  47  47  ARG ARG A . n 
A 1 48  GLY 48  48  48  GLY GLY A . n 
A 1 49  ILE 49  49  49  ILE ILE A . n 
A 1 50  GLY 50  50  50  GLY GLY A . n 
A 1 51  TYR 51  51  51  TYR TYR A . n 
A 1 52  ILE 52  52  52  ILE ILE A . n 
A 1 53  GLU 53  53  53  GLU GLU A . n 
A 1 54  ASN 54  54  54  ASN ASN A . n 
A 1 55  GLY 55  55  55  GLY GLY A . n 
A 1 56  ASN 56  56  56  ASN ASN A . n 
A 1 57  THR 57  57  57  THR THR A . n 
A 1 58  VAL 58  58  58  VAL VAL A . n 
A 1 59  THR 59  59  59  THR THR A . n 
A 1 60  TYR 60  60  60  TYR TYR A . n 
A 1 61  SER 61  61  61  SER SER A . n 
A 1 62  ASN 62  62  62  ASN ASN A . n 
A 1 63  ILE 63  63  63  ILE ILE A . n 
A 1 64  ASP 64  64  64  ASP ASP A . n 
A 1 65  PHE 65  65  65  PHE PHE A . n 
A 1 66  GLY 66  66  66  GLY GLY A . n 
A 1 67  SER 67  67  67  SER SER A . n 
A 1 68  GLY 68  68  68  GLY GLY A . n 
A 1 69  ALA 69  69  69  ALA ALA A . n 
A 1 70  THR 70  70  70  THR THR A . n 
A 1 71  GLY 71  71  71  GLY GLY A . n 
A 1 72  PHE 72  72  72  PHE PHE A . n 
A 1 73  SER 73  73  73  SER SER A . n 
A 1 74  ALA 74  74  74  ALA ALA A . n 
A 1 75  THR 75  75  75  THR THR A . n 
A 1 76  VAL 76  76  76  VAL VAL A . n 
A 1 77  ALA 77  77  77  ALA ALA A . n 
A 1 78  THR 78  78  78  THR THR A . n 
A 1 79  GLU 79  79  79  GLU GLU A . n 
A 1 80  VAL 80  80  80  VAL VAL A . n 
A 1 81  ASN 81  81  81  ASN ASN A . n 
A 1 82  THR 82  82  82  THR THR A . n 
A 1 83  SER 83  83  83  SER SER A . n 
A 1 84  ILE 84  84  84  ILE ILE A . n 
A 1 85  GLN 85  85  85  GLN GLN A . n 
A 1 86  ILE 86  86  86  ILE ILE A . n 
A 1 87  ARG 87  87  87  ARG ARG A . n 
A 1 88  SER 88  88  88  SER SER A . n 
A 1 89  ASP 89  89  89  ASP ASP A . n 
A 1 90  SER 90  90  90  SER SER A . n 
A 1 91  PRO 91  91  91  PRO PRO A . n 
A 1 92  THR 92  92  92  THR THR A . n 
A 1 93  GLY 93  93  93  GLY GLY A . n 
A 1 94  THR 94  94  94  THR THR A . n 
A 1 95  LEU 95  95  95  LEU LEU A . n 
A 1 96  LEU 96  96  96  LEU LEU A . n 
A 1 97  GLY 97  97  97  GLY GLY A . n 
A 1 98  THR 98  98  98  THR THR A . n 
A 1 99  LEU 99  99  99  LEU LEU A . n 
A 1 100 TYR 100 100 100 TYR TYR A . n 
A 1 101 VAL 101 101 101 VAL VAL A . n 
A 1 102 SER 102 102 102 SER SER A . n 
A 1 103 SER 103 103 103 SER SER A . n 
A 1 104 THR 104 104 104 THR THR A . n 
A 1 105 GLY 105 105 105 GLY GLY A . n 
A 1 106 SER 106 106 106 SER SER A . n 
A 1 107 TRP 107 107 107 TRP TRP A . n 
A 1 108 ASN 108 108 108 ASN ASN A . n 
A 1 109 THR 109 109 109 THR THR A . n 
A 1 110 TYR 110 110 110 TYR TYR A . n 
A 1 111 ASN 111 111 111 ASN ASN A . n 
A 1 112 THR 112 112 112 THR THR A . n 
A 1 113 VAL 113 113 113 VAL VAL A . n 
A 1 114 SER 114 114 114 SER SER A . n 
A 1 115 THR 115 115 115 THR THR A . n 
A 1 116 ASN 116 116 116 ASN ASN A . n 
A 1 117 ILE 117 117 117 ILE ILE A . n 
A 1 118 SER 118 118 118 SER SER A . n 
A 1 119 LYS 119 119 119 LYS LYS A . n 
A 1 120 ILE 120 120 120 ILE ILE A . n 
A 1 121 THR 121 121 121 THR THR A . n 
A 1 122 GLY 122 122 122 GLY GLY A . n 
A 1 123 VAL 123 123 123 VAL VAL A . n 
A 1 124 HIS 124 124 124 HIS HIS A . n 
A 1 125 ASP 125 125 125 ASP ASP A . n 
A 1 126 ILE 126 126 126 ILE ILE A . n 
A 1 127 VAL 127 127 127 VAL VAL A . n 
A 1 128 LEU 128 128 128 LEU LEU A . n 
A 1 129 VAL 129 129 129 VAL VAL A . n 
A 1 130 PHE 130 130 130 PHE PHE A . n 
A 1 131 SER 131 131 131 SER SER A . n 
A 1 132 GLY 132 132 132 GLY GLY A . n 
A 1 133 PRO 133 133 133 PRO PRO A . n 
A 1 134 VAL 134 134 134 VAL VAL A . n 
A 1 135 ASN 135 135 135 ASN ASN A . n 
A 1 136 VAL 136 136 136 VAL VAL A . n 
A 1 137 ASP 137 137 137 ASP ASP A . n 
A 1 138 ASN 138 138 138 ASN ASN A . n 
A 1 139 PHE 139 139 139 PHE PHE A . n 
A 1 140 ILE 140 140 140 ILE ILE A . n 
A 1 141 PHE 141 141 141 PHE PHE A . n 
A 1 142 SER 142 142 142 SER SER A . n 
A 1 143 ARG 143 143 143 ARG ARG A . n 
A 1 144 SER 144 144 144 SER SER A . n 
A 1 145 SER 145 145 ?   ?   ?   A . n 
# 
loop_
_pdbx_nonpoly_scheme.asym_id 
_pdbx_nonpoly_scheme.entity_id 
_pdbx_nonpoly_scheme.mon_id 
_pdbx_nonpoly_scheme.ndb_seq_num 
_pdbx_nonpoly_scheme.pdb_seq_num 
_pdbx_nonpoly_scheme.auth_seq_num 
_pdbx_nonpoly_scheme.pdb_mon_id 
_pdbx_nonpoly_scheme.auth_mon_id 
_pdbx_nonpoly_scheme.pdb_strand_id 
_pdbx_nonpoly_scheme.pdb_ins_code 
C 3 NA  1   1145 1145 NA  NA  A . 
D 4 CA  1   1146 1146 CA  CA  A . 
E 5 GOL 1   1149 1149 GOL GOL A . 
F 6 HOH 1   2001 2001 HOH HOH A . 
F 6 HOH 2   2002 2002 HOH HOH A . 
F 6 HOH 3   2003 2003 HOH HOH A . 
F 6 HOH 4   2004 2004 HOH HOH A . 
F 6 HOH 5   2005 2005 HOH HOH A . 
F 6 HOH 6   2006 2006 HOH HOH A . 
F 6 HOH 7   2007 2007 HOH HOH A . 
F 6 HOH 8   2008 2008 HOH HOH A . 
F 6 HOH 9   2009 2009 HOH HOH A . 
F 6 HOH 10  2010 2010 HOH HOH A . 
F 6 HOH 11  2011 2011 HOH HOH A . 
F 6 HOH 12  2012 2012 HOH HOH A . 
F 6 HOH 13  2013 2013 HOH HOH A . 
F 6 HOH 14  2014 2014 HOH HOH A . 
F 6 HOH 15  2015 2015 HOH HOH A . 
F 6 HOH 16  2016 2016 HOH HOH A . 
F 6 HOH 17  2017 2017 HOH HOH A . 
F 6 HOH 18  2018 2018 HOH HOH A . 
F 6 HOH 19  2019 2019 HOH HOH A . 
F 6 HOH 20  2020 2020 HOH HOH A . 
F 6 HOH 21  2021 2021 HOH HOH A . 
F 6 HOH 22  2022 2022 HOH HOH A . 
F 6 HOH 23  2023 2023 HOH HOH A . 
F 6 HOH 24  2024 2024 HOH HOH A . 
F 6 HOH 25  2025 2025 HOH HOH A . 
F 6 HOH 26  2026 2026 HOH HOH A . 
F 6 HOH 27  2027 2027 HOH HOH A . 
F 6 HOH 28  2028 2028 HOH HOH A . 
F 6 HOH 29  2029 2029 HOH HOH A . 
F 6 HOH 30  2030 2030 HOH HOH A . 
F 6 HOH 31  2031 2031 HOH HOH A . 
F 6 HOH 32  2032 2032 HOH HOH A . 
F 6 HOH 33  2033 2033 HOH HOH A . 
F 6 HOH 34  2034 2034 HOH HOH A . 
F 6 HOH 35  2035 2035 HOH HOH A . 
F 6 HOH 36  2036 2036 HOH HOH A . 
F 6 HOH 37  2037 2037 HOH HOH A . 
F 6 HOH 38  2038 2038 HOH HOH A . 
F 6 HOH 39  2039 2039 HOH HOH A . 
F 6 HOH 40  2040 2040 HOH HOH A . 
F 6 HOH 41  2041 2041 HOH HOH A . 
F 6 HOH 42  2042 2042 HOH HOH A . 
F 6 HOH 43  2043 2043 HOH HOH A . 
F 6 HOH 44  2044 2044 HOH HOH A . 
F 6 HOH 45  2045 2045 HOH HOH A . 
F 6 HOH 46  2046 2046 HOH HOH A . 
F 6 HOH 47  2047 2047 HOH HOH A . 
F 6 HOH 48  2048 2048 HOH HOH A . 
F 6 HOH 49  2049 2049 HOH HOH A . 
F 6 HOH 50  2050 2050 HOH HOH A . 
F 6 HOH 51  2051 2051 HOH HOH A . 
F 6 HOH 52  2052 2052 HOH HOH A . 
F 6 HOH 53  2053 2053 HOH HOH A . 
F 6 HOH 54  2054 2054 HOH HOH A . 
F 6 HOH 55  2055 2055 HOH HOH A . 
F 6 HOH 56  2056 2056 HOH HOH A . 
F 6 HOH 57  2057 2057 HOH HOH A . 
F 6 HOH 58  2058 2058 HOH HOH A . 
F 6 HOH 59  2059 2059 HOH HOH A . 
F 6 HOH 60  2060 2060 HOH HOH A . 
F 6 HOH 61  2061 2061 HOH HOH A . 
F 6 HOH 62  2062 2062 HOH HOH A . 
F 6 HOH 63  2063 2063 HOH HOH A . 
F 6 HOH 64  2064 2064 HOH HOH A . 
F 6 HOH 65  2065 2065 HOH HOH A . 
F 6 HOH 66  2066 2066 HOH HOH A . 
F 6 HOH 67  2067 2067 HOH HOH A . 
F 6 HOH 68  2068 2068 HOH HOH A . 
F 6 HOH 69  2069 2069 HOH HOH A . 
F 6 HOH 70  2070 2070 HOH HOH A . 
F 6 HOH 71  2071 2071 HOH HOH A . 
F 6 HOH 72  2072 2072 HOH HOH A . 
F 6 HOH 73  2073 2073 HOH HOH A . 
F 6 HOH 74  2074 2074 HOH HOH A . 
F 6 HOH 75  2075 2075 HOH HOH A . 
F 6 HOH 76  2076 2076 HOH HOH A . 
F 6 HOH 77  2077 2077 HOH HOH A . 
F 6 HOH 78  2078 2078 HOH HOH A . 
F 6 HOH 79  2079 2079 HOH HOH A . 
F 6 HOH 80  2080 2080 HOH HOH A . 
F 6 HOH 81  2081 2081 HOH HOH A . 
F 6 HOH 82  2082 2082 HOH HOH A . 
F 6 HOH 83  2083 2083 HOH HOH A . 
F 6 HOH 84  2084 2084 HOH HOH A . 
F 6 HOH 85  2085 2085 HOH HOH A . 
F 6 HOH 86  2086 2086 HOH HOH A . 
F 6 HOH 87  2087 2087 HOH HOH A . 
F 6 HOH 88  2088 2088 HOH HOH A . 
F 6 HOH 89  2089 2089 HOH HOH A . 
F 6 HOH 90  2090 2090 HOH HOH A . 
F 6 HOH 91  2091 2091 HOH HOH A . 
F 6 HOH 92  2092 2092 HOH HOH A . 
F 6 HOH 93  2093 2093 HOH HOH A . 
F 6 HOH 94  2094 2094 HOH HOH A . 
F 6 HOH 95  2095 2095 HOH HOH A . 
F 6 HOH 96  2096 2096 HOH HOH A . 
F 6 HOH 97  2097 2097 HOH HOH A . 
F 6 HOH 98  2098 2098 HOH HOH A . 
F 6 HOH 99  2099 2099 HOH HOH A . 
F 6 HOH 100 2100 2100 HOH HOH A . 
F 6 HOH 101 2101 2101 HOH HOH A . 
F 6 HOH 102 2102 2102 HOH HOH A . 
F 6 HOH 103 2103 2103 HOH HOH A . 
F 6 HOH 104 2104 2104 HOH HOH A . 
F 6 HOH 105 2105 2105 HOH HOH A . 
F 6 HOH 106 2106 2106 HOH HOH A . 
F 6 HOH 107 2107 2107 HOH HOH A . 
F 6 HOH 108 2108 2108 HOH HOH A . 
F 6 HOH 109 2109 2109 HOH HOH A . 
F 6 HOH 110 2110 2110 HOH HOH A . 
F 6 HOH 111 2111 2111 HOH HOH A . 
F 6 HOH 112 2112 2112 HOH HOH A . 
F 6 HOH 113 2113 2113 HOH HOH A . 
F 6 HOH 114 2114 2114 HOH HOH A . 
F 6 HOH 115 2115 2115 HOH HOH A . 
F 6 HOH 116 2116 2116 HOH HOH A . 
F 6 HOH 117 2117 2117 HOH HOH A . 
F 6 HOH 118 2118 2118 HOH HOH A . 
F 6 HOH 119 2119 2119 HOH HOH A . 
F 6 HOH 120 2120 2120 HOH HOH A . 
F 6 HOH 121 2121 2121 HOH HOH A . 
F 6 HOH 122 2122 2122 HOH HOH A . 
F 6 HOH 123 2123 2123 HOH HOH A . 
F 6 HOH 124 2124 2124 HOH HOH A . 
F 6 HOH 125 2125 2125 HOH HOH A . 
F 6 HOH 126 2126 2126 HOH HOH A . 
F 6 HOH 127 2127 2127 HOH HOH A . 
F 6 HOH 128 2128 2128 HOH HOH A . 
F 6 HOH 129 2129 2129 HOH HOH A . 
F 6 HOH 130 2130 2130 HOH HOH A . 
F 6 HOH 131 2131 2131 HOH HOH A . 
F 6 HOH 132 2132 2132 HOH HOH A . 
F 6 HOH 133 2133 2133 HOH HOH A . 
F 6 HOH 134 2134 2134 HOH HOH A . 
F 6 HOH 135 2135 2135 HOH HOH A . 
F 6 HOH 136 2136 2136 HOH HOH A . 
F 6 HOH 137 2137 2137 HOH HOH A . 
F 6 HOH 138 2138 2138 HOH HOH A . 
F 6 HOH 139 2139 2139 HOH HOH A . 
F 6 HOH 140 2140 2140 HOH HOH A . 
F 6 HOH 141 2141 2141 HOH HOH A . 
F 6 HOH 142 2142 2142 HOH HOH A . 
F 6 HOH 143 2143 2143 HOH HOH A . 
F 6 HOH 144 2144 2144 HOH HOH A . 
F 6 HOH 145 2145 2145 HOH HOH A . 
F 6 HOH 146 2146 2146 HOH HOH A . 
F 6 HOH 147 2147 2147 HOH HOH A . 
F 6 HOH 148 2148 2148 HOH HOH A . 
F 6 HOH 149 2149 2149 HOH HOH A . 
F 6 HOH 150 2150 2150 HOH HOH A . 
F 6 HOH 151 2151 2151 HOH HOH A . 
F 6 HOH 152 2152 2152 HOH HOH A . 
F 6 HOH 153 2153 2153 HOH HOH A . 
F 6 HOH 154 2154 2154 HOH HOH A . 
F 6 HOH 155 2155 2155 HOH HOH A . 
F 6 HOH 156 2156 2156 HOH HOH A . 
F 6 HOH 157 2157 2157 HOH HOH A . 
F 6 HOH 158 2158 2158 HOH HOH A . 
F 6 HOH 159 2159 2159 HOH HOH A . 
# 
_pdbx_molecule_features.prd_id    PRD_900116 
_pdbx_molecule_features.name      4beta-beta-xylobiose 
_pdbx_molecule_features.type      Oligosaccharide 
_pdbx_molecule_features.class     Metabolism 
_pdbx_molecule_features.details   oligosaccharide 
# 
_pdbx_molecule.instance_id   1 
_pdbx_molecule.prd_id        PRD_900116 
_pdbx_molecule.asym_id       B 
# 
_pdbx_struct_assembly.id                   1 
_pdbx_struct_assembly.details              author_and_software_defined_assembly 
_pdbx_struct_assembly.method_details       PQS 
_pdbx_struct_assembly.oligomeric_details   monomeric 
_pdbx_struct_assembly.oligomeric_count     1 
# 
_pdbx_struct_assembly_gen.assembly_id       1 
_pdbx_struct_assembly_gen.oper_expression   1 
_pdbx_struct_assembly_gen.asym_id_list      A,B,C,D,E,F 
# 
_pdbx_struct_oper_list.id                   1 
_pdbx_struct_oper_list.type                 'identity operation' 
_pdbx_struct_oper_list.name                 1_555 
_pdbx_struct_oper_list.symmetry_operation   x,y,z 
_pdbx_struct_oper_list.matrix[1][1]         1.0000000000 
_pdbx_struct_oper_list.matrix[1][2]         0.0000000000 
_pdbx_struct_oper_list.matrix[1][3]         0.0000000000 
_pdbx_struct_oper_list.vector[1]            0.0000000000 
_pdbx_struct_oper_list.matrix[2][1]         0.0000000000 
_pdbx_struct_oper_list.matrix[2][2]         1.0000000000 
_pdbx_struct_oper_list.matrix[2][3]         0.0000000000 
_pdbx_struct_oper_list.vector[2]            0.0000000000 
_pdbx_struct_oper_list.matrix[3][1]         0.0000000000 
_pdbx_struct_oper_list.matrix[3][2]         0.0000000000 
_pdbx_struct_oper_list.matrix[3][3]         1.0000000000 
_pdbx_struct_oper_list.vector[3]            0.0000000000 
# 
_pdbx_struct_special_symmetry.id              1 
_pdbx_struct_special_symmetry.PDB_model_num   1 
_pdbx_struct_special_symmetry.auth_asym_id    A 
_pdbx_struct_special_symmetry.auth_comp_id    HOH 
_pdbx_struct_special_symmetry.auth_seq_id     2149 
_pdbx_struct_special_symmetry.PDB_ins_code    ? 
_pdbx_struct_special_symmetry.label_asym_id   F 
_pdbx_struct_special_symmetry.label_comp_id   HOH 
_pdbx_struct_special_symmetry.label_seq_id    . 
# 
loop_
_pdbx_struct_conn_angle.id 
_pdbx_struct_conn_angle.ptnr1_label_atom_id 
_pdbx_struct_conn_angle.ptnr1_label_alt_id 
_pdbx_struct_conn_angle.ptnr1_label_asym_id 
_pdbx_struct_conn_angle.ptnr1_label_comp_id 
_pdbx_struct_conn_angle.ptnr1_label_seq_id 
_pdbx_struct_conn_angle.ptnr1_auth_atom_id 
_pdbx_struct_conn_angle.ptnr1_auth_asym_id 
_pdbx_struct_conn_angle.ptnr1_auth_comp_id 
_pdbx_struct_conn_angle.ptnr1_auth_seq_id 
_pdbx_struct_conn_angle.ptnr1_PDB_ins_code 
_pdbx_struct_conn_angle.ptnr1_symmetry 
_pdbx_struct_conn_angle.ptnr2_label_atom_id 
_pdbx_struct_conn_angle.ptnr2_label_alt_id 
_pdbx_struct_conn_angle.ptnr2_label_asym_id 
_pdbx_struct_conn_angle.ptnr2_label_comp_id 
_pdbx_struct_conn_angle.ptnr2_label_seq_id 
_pdbx_struct_conn_angle.ptnr2_auth_atom_id 
_pdbx_struct_conn_angle.ptnr2_auth_asym_id 
_pdbx_struct_conn_angle.ptnr2_auth_comp_id 
_pdbx_struct_conn_angle.ptnr2_auth_seq_id 
_pdbx_struct_conn_angle.ptnr2_PDB_ins_code 
_pdbx_struct_conn_angle.ptnr2_symmetry 
_pdbx_struct_conn_angle.ptnr3_label_atom_id 
_pdbx_struct_conn_angle.ptnr3_label_alt_id 
_pdbx_struct_conn_angle.ptnr3_label_asym_id 
_pdbx_struct_conn_angle.ptnr3_label_comp_id 
_pdbx_struct_conn_angle.ptnr3_label_seq_id 
_pdbx_struct_conn_angle.ptnr3_auth_atom_id 
_pdbx_struct_conn_angle.ptnr3_auth_asym_id 
_pdbx_struct_conn_angle.ptnr3_auth_comp_id 
_pdbx_struct_conn_angle.ptnr3_auth_seq_id 
_pdbx_struct_conn_angle.ptnr3_PDB_ins_code 
_pdbx_struct_conn_angle.ptnr3_symmetry 
_pdbx_struct_conn_angle.value 
_pdbx_struct_conn_angle.value_esd 
1  OE1 ? A GLU 25  ? A GLU 25   ? 1_555 CA ? D CA . ? A CA 1146 ? 1_555 OE2 ? A GLU 27  ? A GLU 27   ? 1_555 86.2  ? 
2  OE1 ? A GLU 25  ? A GLU 25   ? 1_555 CA ? D CA . ? A CA 1146 ? 1_555 OE1 ? A GLU 27  ? A GLU 27   ? 1_555 102.1 ? 
3  OE2 ? A GLU 27  ? A GLU 27   ? 1_555 CA ? D CA . ? A CA 1146 ? 1_555 OE1 ? A GLU 27  ? A GLU 27   ? 1_555 53.2  ? 
4  OE1 ? A GLU 25  ? A GLU 25   ? 1_555 CA ? D CA . ? A CA 1146 ? 1_555 O   ? A ARG 47  ? A ARG 47   ? 1_555 169.1 ? 
5  OE2 ? A GLU 27  ? A GLU 27   ? 1_555 CA ? D CA . ? A CA 1146 ? 1_555 O   ? A ARG 47  ? A ARG 47   ? 1_555 87.3  ? 
6  OE1 ? A GLU 27  ? A GLU 27   ? 1_555 CA ? D CA . ? A CA 1146 ? 1_555 O   ? A ARG 47  ? A ARG 47   ? 1_555 80.9  ? 
7  OE1 ? A GLU 25  ? A GLU 25   ? 1_555 CA ? D CA . ? A CA 1146 ? 1_555 OD1 ? A ASP 137 ? A ASP 137  ? 1_555 100.2 ? 
8  OE2 ? A GLU 27  ? A GLU 27   ? 1_555 CA ? D CA . ? A CA 1146 ? 1_555 OD1 ? A ASP 137 ? A ASP 137  ? 1_555 162.1 ? 
9  OE1 ? A GLU 27  ? A GLU 27   ? 1_555 CA ? D CA . ? A CA 1146 ? 1_555 OD1 ? A ASP 137 ? A ASP 137  ? 1_555 139.4 ? 
10 O   ? A ARG 47  ? A ARG 47   ? 1_555 CA ? D CA . ? A CA 1146 ? 1_555 OD1 ? A ASP 137 ? A ASP 137  ? 1_555 83.6  ? 
11 OE1 ? A GLU 25  ? A GLU 25   ? 1_555 CA ? D CA . ? A CA 1146 ? 1_555 O   ? A ASP 137 ? A ASP 137  ? 1_555 87.9  ? 
12 OE2 ? A GLU 27  ? A GLU 27   ? 1_555 CA ? D CA . ? A CA 1146 ? 1_555 O   ? A ASP 137 ? A ASP 137  ? 1_555 124.0 ? 
13 OE1 ? A GLU 27  ? A GLU 27   ? 1_555 CA ? D CA . ? A CA 1146 ? 1_555 O   ? A ASP 137 ? A ASP 137  ? 1_555 74.1  ? 
14 O   ? A ARG 47  ? A ARG 47   ? 1_555 CA ? D CA . ? A CA 1146 ? 1_555 O   ? A ASP 137 ? A ASP 137  ? 1_555 103.0 ? 
15 OD1 ? A ASP 137 ? A ASP 137  ? 1_555 CA ? D CA . ? A CA 1146 ? 1_555 O   ? A ASP 137 ? A ASP 137  ? 1_555 73.3  ? 
16 OE1 ? A GLU 25  ? A GLU 25   ? 1_555 CA ? D CA . ? A CA 1146 ? 1_555 O   ? F HOH .   ? A HOH 2057 ? 1_555 87.5  ? 
17 OE2 ? A GLU 27  ? A GLU 27   ? 1_555 CA ? D CA . ? A CA 1146 ? 1_555 O   ? F HOH .   ? A HOH 2057 ? 1_555 78.4  ? 
18 OE1 ? A GLU 27  ? A GLU 27   ? 1_555 CA ? D CA . ? A CA 1146 ? 1_555 O   ? F HOH .   ? A HOH 2057 ? 1_555 129.2 ? 
19 O   ? A ARG 47  ? A ARG 47   ? 1_555 CA ? D CA . ? A CA 1146 ? 1_555 O   ? F HOH .   ? A HOH 2057 ? 1_555 82.6  ? 
20 OD1 ? A ASP 137 ? A ASP 137  ? 1_555 CA ? D CA . ? A CA 1146 ? 1_555 O   ? F HOH .   ? A HOH 2057 ? 1_555 85.1  ? 
21 O   ? A ASP 137 ? A ASP 137  ? 1_555 CA ? D CA . ? A CA 1146 ? 1_555 O   ? F HOH .   ? A HOH 2057 ? 1_555 156.7 ? 
22 OG  ? A SER 35  ? A SER 35   ? 1_555 NA ? C NA . ? A NA 1145 ? 1_555 O   ? A THR 98  ? A THR 98   ? 3_545 92.3  ? 
23 OG  ? A SER 35  ? A SER 35   ? 1_555 NA ? C NA . ? A NA 1145 ? 1_555 OG1 ? A THR 115 ? A THR 115  ? 3_545 164.0 ? 
24 O   ? A THR 98  ? A THR 98   ? 3_545 NA ? C NA . ? A NA 1145 ? 1_555 OG1 ? A THR 115 ? A THR 115  ? 3_545 86.0  ? 
25 OG  ? A SER 35  ? A SER 35   ? 1_555 NA ? C NA . ? A NA 1145 ? 1_555 O   ? F HOH .   ? A HOH 2107 ? 3_545 102.6 ? 
26 O   ? A THR 98  ? A THR 98   ? 3_545 NA ? C NA . ? A NA 1145 ? 1_555 O   ? F HOH .   ? A HOH 2107 ? 3_545 85.4  ? 
27 OG1 ? A THR 115 ? A THR 115  ? 3_545 NA ? C NA . ? A NA 1145 ? 1_555 O   ? F HOH .   ? A HOH 2107 ? 3_545 93.1  ? 
28 OG  ? A SER 35  ? A SER 35   ? 1_555 NA ? C NA . ? A NA 1145 ? 1_555 O   ? F HOH .   ? A HOH 2126 ? 3_545 82.9  ? 
29 O   ? A THR 98  ? A THR 98   ? 3_545 NA ? C NA . ? A NA 1145 ? 1_555 O   ? F HOH .   ? A HOH 2126 ? 3_545 89.7  ? 
30 OG1 ? A THR 115 ? A THR 115  ? 3_545 NA ? C NA . ? A NA 1145 ? 1_555 O   ? F HOH .   ? A HOH 2126 ? 3_545 81.2  ? 
31 O   ? F HOH .   ? A HOH 2107 ? 3_545 NA ? C NA . ? A NA 1145 ? 1_555 O   ? F HOH .   ? A HOH 2126 ? 3_545 172.8 ? 
32 OG  ? A SER 35  ? A SER 35   ? 1_555 NA ? C NA . ? A NA 1145 ? 1_555 O   ? F HOH .   ? A HOH 2127 ? 3_545 98.9  ? 
33 O   ? A THR 98  ? A THR 98   ? 3_545 NA ? C NA . ? A NA 1145 ? 1_555 O   ? F HOH .   ? A HOH 2127 ? 3_545 166.2 ? 
34 OG1 ? A THR 115 ? A THR 115  ? 3_545 NA ? C NA . ? A NA 1145 ? 1_555 O   ? F HOH .   ? A HOH 2127 ? 3_545 85.5  ? 
35 O   ? F HOH .   ? A HOH 2107 ? 3_545 NA ? C NA . ? A NA 1145 ? 1_555 O   ? F HOH .   ? A HOH 2127 ? 3_545 84.3  ? 
36 O   ? F HOH .   ? A HOH 2126 ? 3_545 NA ? C NA . ? A NA 1145 ? 1_555 O   ? F HOH .   ? A HOH 2127 ? 3_545 99.6  ? 
# 
loop_
_pdbx_audit_revision_history.ordinal 
_pdbx_audit_revision_history.data_content_type 
_pdbx_audit_revision_history.major_revision 
_pdbx_audit_revision_history.minor_revision 
_pdbx_audit_revision_history.revision_date 
1 'Structure model' 1 0 2004-06-18 
2 'Structure model' 1 1 2011-05-07 
3 'Structure model' 1 2 2011-07-13 
4 'Structure model' 1 3 2017-07-05 
5 'Structure model' 2 0 2020-07-29 
6 'Structure model' 2 1 2023-12-13 
# 
loop_
_pdbx_audit_revision_details.ordinal 
_pdbx_audit_revision_details.revision_ordinal 
_pdbx_audit_revision_details.data_content_type 
_pdbx_audit_revision_details.provider 
_pdbx_audit_revision_details.type 
_pdbx_audit_revision_details.description 
_pdbx_audit_revision_details.details 
1 1 'Structure model' repository 'Initial release' ?                          ? 
2 5 'Structure model' repository Remediation       'Carbohydrate remediation' ? 
# 
loop_
_pdbx_audit_revision_group.ordinal 
_pdbx_audit_revision_group.revision_ordinal 
_pdbx_audit_revision_group.data_content_type 
_pdbx_audit_revision_group.group 
1  2 'Structure model' 'Version format compliance' 
2  3 'Structure model' 'Version format compliance' 
3  4 'Structure model' 'Data collection'           
4  5 'Structure model' 'Atomic model'              
5  5 'Structure model' 'Data collection'           
6  5 'Structure model' 'Derived calculations'      
7  5 'Structure model' Other                       
8  5 'Structure model' 'Structure summary'         
9  6 'Structure model' 'Data collection'           
10 6 'Structure model' 'Database references'       
11 6 'Structure model' 'Derived calculations'      
12 6 'Structure model' 'Refinement description'    
13 6 'Structure model' 'Structure summary'         
# 
loop_
_pdbx_audit_revision_category.ordinal 
_pdbx_audit_revision_category.revision_ordinal 
_pdbx_audit_revision_category.data_content_type 
_pdbx_audit_revision_category.category 
1  4 'Structure model' diffrn_source                 
2  5 'Structure model' atom_site                     
3  5 'Structure model' chem_comp                     
4  5 'Structure model' entity                        
5  5 'Structure model' entity_name_com               
6  5 'Structure model' pdbx_branch_scheme            
7  5 'Structure model' pdbx_chem_comp_identifier     
8  5 'Structure model' pdbx_database_status          
9  5 'Structure model' pdbx_entity_branch            
10 5 'Structure model' pdbx_entity_branch_descriptor 
11 5 'Structure model' pdbx_entity_branch_link       
12 5 'Structure model' pdbx_entity_branch_list       
13 5 'Structure model' pdbx_entity_nonpoly           
14 5 'Structure model' pdbx_molecule_features        
15 5 'Structure model' pdbx_nonpoly_scheme           
16 5 'Structure model' pdbx_struct_assembly_gen      
17 5 'Structure model' pdbx_struct_conn_angle        
18 5 'Structure model' pdbx_struct_special_symmetry  
19 5 'Structure model' struct_asym                   
20 5 'Structure model' struct_conn                   
21 5 'Structure model' struct_conn_type              
22 5 'Structure model' struct_site                   
23 5 'Structure model' struct_site_gen               
24 6 'Structure model' chem_comp                     
25 6 'Structure model' chem_comp_atom                
26 6 'Structure model' chem_comp_bond                
27 6 'Structure model' database_2                    
28 6 'Structure model' pdbx_initial_refinement_model 
29 6 'Structure model' struct_conn                   
# 
loop_
_pdbx_audit_revision_item.ordinal 
_pdbx_audit_revision_item.revision_ordinal 
_pdbx_audit_revision_item.data_content_type 
_pdbx_audit_revision_item.item 
1  4 'Structure model' '_diffrn_source.type'                         
2  5 'Structure model' '_atom_site.B_iso_or_equiv'                   
3  5 'Structure model' '_atom_site.Cartn_x'                          
4  5 'Structure model' '_atom_site.Cartn_y'                          
5  5 'Structure model' '_atom_site.Cartn_z'                          
6  5 'Structure model' '_atom_site.auth_asym_id'                     
7  5 'Structure model' '_atom_site.auth_atom_id'                     
8  5 'Structure model' '_atom_site.auth_comp_id'                     
9  5 'Structure model' '_atom_site.auth_seq_id'                      
10 5 'Structure model' '_atom_site.label_asym_id'                    
11 5 'Structure model' '_atom_site.label_atom_id'                    
12 5 'Structure model' '_atom_site.label_comp_id'                    
13 5 'Structure model' '_atom_site.label_entity_id'                  
14 5 'Structure model' '_atom_site.type_symbol'                      
15 5 'Structure model' '_chem_comp.name'                             
16 5 'Structure model' '_chem_comp.type'                             
17 5 'Structure model' '_entity.formula_weight'                      
18 5 'Structure model' '_entity.pdbx_description'                    
19 5 'Structure model' '_entity.pdbx_number_of_molecules'            
20 5 'Structure model' '_entity.src_method'                          
21 5 'Structure model' '_entity.type'                                
22 5 'Structure model' '_pdbx_database_status.status_code_sf'        
23 5 'Structure model' '_pdbx_struct_assembly_gen.asym_id_list'      
24 5 'Structure model' '_pdbx_struct_conn_angle.ptnr1_auth_comp_id'  
25 5 'Structure model' '_pdbx_struct_conn_angle.ptnr1_auth_seq_id'   
26 5 'Structure model' '_pdbx_struct_conn_angle.ptnr1_label_asym_id' 
27 5 'Structure model' '_pdbx_struct_conn_angle.ptnr1_label_atom_id' 
28 5 'Structure model' '_pdbx_struct_conn_angle.ptnr1_label_comp_id' 
29 5 'Structure model' '_pdbx_struct_conn_angle.ptnr1_label_seq_id'  
30 5 'Structure model' '_pdbx_struct_conn_angle.ptnr1_symmetry'      
31 5 'Structure model' '_pdbx_struct_conn_angle.ptnr2_auth_comp_id'  
32 5 'Structure model' '_pdbx_struct_conn_angle.ptnr2_auth_seq_id'   
33 5 'Structure model' '_pdbx_struct_conn_angle.ptnr2_label_asym_id' 
34 5 'Structure model' '_pdbx_struct_conn_angle.ptnr2_label_atom_id' 
35 5 'Structure model' '_pdbx_struct_conn_angle.ptnr2_label_comp_id' 
36 5 'Structure model' '_pdbx_struct_conn_angle.ptnr3_auth_comp_id'  
37 5 'Structure model' '_pdbx_struct_conn_angle.ptnr3_auth_seq_id'   
38 5 'Structure model' '_pdbx_struct_conn_angle.ptnr3_label_asym_id' 
39 5 'Structure model' '_pdbx_struct_conn_angle.ptnr3_label_atom_id' 
40 5 'Structure model' '_pdbx_struct_conn_angle.ptnr3_label_comp_id' 
41 5 'Structure model' '_pdbx_struct_conn_angle.ptnr3_label_seq_id'  
42 5 'Structure model' '_pdbx_struct_conn_angle.ptnr3_symmetry'      
43 5 'Structure model' '_pdbx_struct_conn_angle.value'               
44 5 'Structure model' '_pdbx_struct_special_symmetry.label_asym_id' 
45 5 'Structure model' '_struct_conn.conn_type_id'                   
46 5 'Structure model' '_struct_conn.id'                             
47 5 'Structure model' '_struct_conn.pdbx_dist_value'                
48 5 'Structure model' '_struct_conn.pdbx_leaving_atom_flag'         
49 5 'Structure model' '_struct_conn.ptnr1_auth_asym_id'             
50 5 'Structure model' '_struct_conn.ptnr1_auth_comp_id'             
51 5 'Structure model' '_struct_conn.ptnr1_auth_seq_id'              
52 5 'Structure model' '_struct_conn.ptnr1_label_asym_id'            
53 5 'Structure model' '_struct_conn.ptnr1_label_atom_id'            
54 5 'Structure model' '_struct_conn.ptnr1_label_comp_id'            
55 5 'Structure model' '_struct_conn.ptnr1_label_seq_id'             
56 5 'Structure model' '_struct_conn.ptnr1_symmetry'                 
57 5 'Structure model' '_struct_conn.ptnr2_auth_asym_id'             
58 5 'Structure model' '_struct_conn.ptnr2_auth_comp_id'             
59 5 'Structure model' '_struct_conn.ptnr2_auth_seq_id'              
60 5 'Structure model' '_struct_conn.ptnr2_label_asym_id'            
61 5 'Structure model' '_struct_conn.ptnr2_label_atom_id'            
62 5 'Structure model' '_struct_conn.ptnr2_label_comp_id'            
63 5 'Structure model' '_struct_conn.ptnr2_label_seq_id'             
64 5 'Structure model' '_struct_conn.ptnr2_symmetry'                 
65 5 'Structure model' '_struct_conn_type.id'                        
66 6 'Structure model' '_chem_comp.pdbx_synonyms'                    
67 6 'Structure model' '_database_2.pdbx_DOI'                        
68 6 'Structure model' '_database_2.pdbx_database_accession'         
69 6 'Structure model' '_struct_conn.pdbx_leaving_atom_flag'         
# 
loop_
_software.name 
_software.classification 
_software.version 
_software.citation_id 
_software.pdbx_ordinal 
REFMAC refinement       5.1.24 ? 1 
d*TREK 'data reduction' .      ? 2 
d*TREK 'data scaling'   .      ? 3 
MOLREP phasing          .      ? 4 
# 
_pdbx_database_remark.id     700 
_pdbx_database_remark.text   
;
SHEET
THE SHEET STRUCTURE OF THIS MOLECULE IS BIFURCATED. IN
ORDER TO REPRESENT THIS FEATURE IN THE SHEET RECORDS BELOW,
TWO SHEETS ARE DEFINED.
;
# 
loop_
_pdbx_validate_close_contact.id 
_pdbx_validate_close_contact.PDB_model_num 
_pdbx_validate_close_contact.auth_atom_id_1 
_pdbx_validate_close_contact.auth_asym_id_1 
_pdbx_validate_close_contact.auth_comp_id_1 
_pdbx_validate_close_contact.auth_seq_id_1 
_pdbx_validate_close_contact.PDB_ins_code_1 
_pdbx_validate_close_contact.label_alt_id_1 
_pdbx_validate_close_contact.auth_atom_id_2 
_pdbx_validate_close_contact.auth_asym_id_2 
_pdbx_validate_close_contact.auth_comp_id_2 
_pdbx_validate_close_contact.auth_seq_id_2 
_pdbx_validate_close_contact.PDB_ins_code_2 
_pdbx_validate_close_contact.label_alt_id_2 
_pdbx_validate_close_contact.dist 
1 1 O1  A GOL 1149 ? ? O A HOH 2159 ? ? 1.96 
2 1 ND2 A ASN 111  ? ? O A HOH 2119 ? ? 2.10 
# 
_pdbx_validate_rmsd_angle.id                         1 
_pdbx_validate_rmsd_angle.PDB_model_num              1 
_pdbx_validate_rmsd_angle.auth_atom_id_1             CB 
_pdbx_validate_rmsd_angle.auth_asym_id_1             A 
_pdbx_validate_rmsd_angle.auth_comp_id_1             ASP 
_pdbx_validate_rmsd_angle.auth_seq_id_1              19 
_pdbx_validate_rmsd_angle.PDB_ins_code_1             ? 
_pdbx_validate_rmsd_angle.label_alt_id_1             ? 
_pdbx_validate_rmsd_angle.auth_atom_id_2             CG 
_pdbx_validate_rmsd_angle.auth_asym_id_2             A 
_pdbx_validate_rmsd_angle.auth_comp_id_2             ASP 
_pdbx_validate_rmsd_angle.auth_seq_id_2              19 
_pdbx_validate_rmsd_angle.PDB_ins_code_2             ? 
_pdbx_validate_rmsd_angle.label_alt_id_2             ? 
_pdbx_validate_rmsd_angle.auth_atom_id_3             OD1 
_pdbx_validate_rmsd_angle.auth_asym_id_3             A 
_pdbx_validate_rmsd_angle.auth_comp_id_3             ASP 
_pdbx_validate_rmsd_angle.auth_seq_id_3              19 
_pdbx_validate_rmsd_angle.PDB_ins_code_3             ? 
_pdbx_validate_rmsd_angle.label_alt_id_3             ? 
_pdbx_validate_rmsd_angle.angle_value                127.89 
_pdbx_validate_rmsd_angle.angle_target_value         118.30 
_pdbx_validate_rmsd_angle.angle_deviation            9.59 
_pdbx_validate_rmsd_angle.angle_standard_deviation   0.90 
_pdbx_validate_rmsd_angle.linker_flag                N 
# 
loop_
_pdbx_validate_torsion.id 
_pdbx_validate_torsion.PDB_model_num 
_pdbx_validate_torsion.auth_comp_id 
_pdbx_validate_torsion.auth_asym_id 
_pdbx_validate_torsion.auth_seq_id 
_pdbx_validate_torsion.PDB_ins_code 
_pdbx_validate_torsion.label_alt_id 
_pdbx_validate_torsion.phi 
_pdbx_validate_torsion.psi 
1 1 GLU A 28 ? ? -95.86 51.09  
2 1 ASP A 89 ? ? 75.63  -42.02 
# 
loop_
_pdbx_unobs_or_zero_occ_residues.id 
_pdbx_unobs_or_zero_occ_residues.PDB_model_num 
_pdbx_unobs_or_zero_occ_residues.polymer_flag 
_pdbx_unobs_or_zero_occ_residues.occupancy_flag 
_pdbx_unobs_or_zero_occ_residues.auth_asym_id 
_pdbx_unobs_or_zero_occ_residues.auth_comp_id 
_pdbx_unobs_or_zero_occ_residues.auth_seq_id 
_pdbx_unobs_or_zero_occ_residues.PDB_ins_code 
_pdbx_unobs_or_zero_occ_residues.label_asym_id 
_pdbx_unobs_or_zero_occ_residues.label_comp_id 
_pdbx_unobs_or_zero_occ_residues.label_seq_id 
1  1 Y 1 A GLY 1   ? A GLY 1   
2  1 Y 1 A SER 2   ? A SER 2   
3  1 Y 1 A HIS 3   ? A HIS 3   
4  1 Y 1 A MET 4   ? A MET 4   
5  1 Y 1 A ALA 5   ? A ALA 5   
6  1 Y 1 A SER 6   ? A SER 6   
7  1 Y 1 A PRO 7   ? A PRO 7   
8  1 Y 1 A THR 8   ? A THR 8   
9  1 Y 1 A PRO 9   ? A PRO 9   
10 1 Y 1 A ALA 10  ? A ALA 10  
11 1 Y 1 A PRO 11  ? A PRO 11  
12 1 Y 1 A SER 12  ? A SER 12  
13 1 Y 1 A GLN 13  ? A GLN 13  
14 1 Y 1 A SER 145 ? A SER 145 
# 
loop_
_chem_comp_atom.comp_id 
_chem_comp_atom.atom_id 
_chem_comp_atom.type_symbol 
_chem_comp_atom.pdbx_aromatic_flag 
_chem_comp_atom.pdbx_stereo_config 
_chem_comp_atom.pdbx_ordinal 
ALA N    N  N N 1   
ALA CA   C  N S 2   
ALA C    C  N N 3   
ALA O    O  N N 4   
ALA CB   C  N N 5   
ALA OXT  O  N N 6   
ALA H    H  N N 7   
ALA H2   H  N N 8   
ALA HA   H  N N 9   
ALA HB1  H  N N 10  
ALA HB2  H  N N 11  
ALA HB3  H  N N 12  
ALA HXT  H  N N 13  
ARG N    N  N N 14  
ARG CA   C  N S 15  
ARG C    C  N N 16  
ARG O    O  N N 17  
ARG CB   C  N N 18  
ARG CG   C  N N 19  
ARG CD   C  N N 20  
ARG NE   N  N N 21  
ARG CZ   C  N N 22  
ARG NH1  N  N N 23  
ARG NH2  N  N N 24  
ARG OXT  O  N N 25  
ARG H    H  N N 26  
ARG H2   H  N N 27  
ARG HA   H  N N 28  
ARG HB2  H  N N 29  
ARG HB3  H  N N 30  
ARG HG2  H  N N 31  
ARG HG3  H  N N 32  
ARG HD2  H  N N 33  
ARG HD3  H  N N 34  
ARG HE   H  N N 35  
ARG HH11 H  N N 36  
ARG HH12 H  N N 37  
ARG HH21 H  N N 38  
ARG HH22 H  N N 39  
ARG HXT  H  N N 40  
ASN N    N  N N 41  
ASN CA   C  N S 42  
ASN C    C  N N 43  
ASN O    O  N N 44  
ASN CB   C  N N 45  
ASN CG   C  N N 46  
ASN OD1  O  N N 47  
ASN ND2  N  N N 48  
ASN OXT  O  N N 49  
ASN H    H  N N 50  
ASN H2   H  N N 51  
ASN HA   H  N N 52  
ASN HB2  H  N N 53  
ASN HB3  H  N N 54  
ASN HD21 H  N N 55  
ASN HD22 H  N N 56  
ASN HXT  H  N N 57  
ASP N    N  N N 58  
ASP CA   C  N S 59  
ASP C    C  N N 60  
ASP O    O  N N 61  
ASP CB   C  N N 62  
ASP CG   C  N N 63  
ASP OD1  O  N N 64  
ASP OD2  O  N N 65  
ASP OXT  O  N N 66  
ASP H    H  N N 67  
ASP H2   H  N N 68  
ASP HA   H  N N 69  
ASP HB2  H  N N 70  
ASP HB3  H  N N 71  
ASP HD2  H  N N 72  
ASP HXT  H  N N 73  
CA  CA   CA N N 74  
GLN N    N  N N 75  
GLN CA   C  N S 76  
GLN C    C  N N 77  
GLN O    O  N N 78  
GLN CB   C  N N 79  
GLN CG   C  N N 80  
GLN CD   C  N N 81  
GLN OE1  O  N N 82  
GLN NE2  N  N N 83  
GLN OXT  O  N N 84  
GLN H    H  N N 85  
GLN H2   H  N N 86  
GLN HA   H  N N 87  
GLN HB2  H  N N 88  
GLN HB3  H  N N 89  
GLN HG2  H  N N 90  
GLN HG3  H  N N 91  
GLN HE21 H  N N 92  
GLN HE22 H  N N 93  
GLN HXT  H  N N 94  
GLU N    N  N N 95  
GLU CA   C  N S 96  
GLU C    C  N N 97  
GLU O    O  N N 98  
GLU CB   C  N N 99  
GLU CG   C  N N 100 
GLU CD   C  N N 101 
GLU OE1  O  N N 102 
GLU OE2  O  N N 103 
GLU OXT  O  N N 104 
GLU H    H  N N 105 
GLU H2   H  N N 106 
GLU HA   H  N N 107 
GLU HB2  H  N N 108 
GLU HB3  H  N N 109 
GLU HG2  H  N N 110 
GLU HG3  H  N N 111 
GLU HE2  H  N N 112 
GLU HXT  H  N N 113 
GLY N    N  N N 114 
GLY CA   C  N N 115 
GLY C    C  N N 116 
GLY O    O  N N 117 
GLY OXT  O  N N 118 
GLY H    H  N N 119 
GLY H2   H  N N 120 
GLY HA2  H  N N 121 
GLY HA3  H  N N 122 
GLY HXT  H  N N 123 
GOL C1   C  N N 124 
GOL O1   O  N N 125 
GOL C2   C  N N 126 
GOL O2   O  N N 127 
GOL C3   C  N N 128 
GOL O3   O  N N 129 
GOL H11  H  N N 130 
GOL H12  H  N N 131 
GOL HO1  H  N N 132 
GOL H2   H  N N 133 
GOL HO2  H  N N 134 
GOL H31  H  N N 135 
GOL H32  H  N N 136 
GOL HO3  H  N N 137 
HIS N    N  N N 138 
HIS CA   C  N S 139 
HIS C    C  N N 140 
HIS O    O  N N 141 
HIS CB   C  N N 142 
HIS CG   C  Y N 143 
HIS ND1  N  Y N 144 
HIS CD2  C  Y N 145 
HIS CE1  C  Y N 146 
HIS NE2  N  Y N 147 
HIS OXT  O  N N 148 
HIS H    H  N N 149 
HIS H2   H  N N 150 
HIS HA   H  N N 151 
HIS HB2  H  N N 152 
HIS HB3  H  N N 153 
HIS HD1  H  N N 154 
HIS HD2  H  N N 155 
HIS HE1  H  N N 156 
HIS HE2  H  N N 157 
HIS HXT  H  N N 158 
HOH O    O  N N 159 
HOH H1   H  N N 160 
HOH H2   H  N N 161 
ILE N    N  N N 162 
ILE CA   C  N S 163 
ILE C    C  N N 164 
ILE O    O  N N 165 
ILE CB   C  N S 166 
ILE CG1  C  N N 167 
ILE CG2  C  N N 168 
ILE CD1  C  N N 169 
ILE OXT  O  N N 170 
ILE H    H  N N 171 
ILE H2   H  N N 172 
ILE HA   H  N N 173 
ILE HB   H  N N 174 
ILE HG12 H  N N 175 
ILE HG13 H  N N 176 
ILE HG21 H  N N 177 
ILE HG22 H  N N 178 
ILE HG23 H  N N 179 
ILE HD11 H  N N 180 
ILE HD12 H  N N 181 
ILE HD13 H  N N 182 
ILE HXT  H  N N 183 
LEU N    N  N N 184 
LEU CA   C  N S 185 
LEU C    C  N N 186 
LEU O    O  N N 187 
LEU CB   C  N N 188 
LEU CG   C  N N 189 
LEU CD1  C  N N 190 
LEU CD2  C  N N 191 
LEU OXT  O  N N 192 
LEU H    H  N N 193 
LEU H2   H  N N 194 
LEU HA   H  N N 195 
LEU HB2  H  N N 196 
LEU HB3  H  N N 197 
LEU HG   H  N N 198 
LEU HD11 H  N N 199 
LEU HD12 H  N N 200 
LEU HD13 H  N N 201 
LEU HD21 H  N N 202 
LEU HD22 H  N N 203 
LEU HD23 H  N N 204 
LEU HXT  H  N N 205 
LYS N    N  N N 206 
LYS CA   C  N S 207 
LYS C    C  N N 208 
LYS O    O  N N 209 
LYS CB   C  N N 210 
LYS CG   C  N N 211 
LYS CD   C  N N 212 
LYS CE   C  N N 213 
LYS NZ   N  N N 214 
LYS OXT  O  N N 215 
LYS H    H  N N 216 
LYS H2   H  N N 217 
LYS HA   H  N N 218 
LYS HB2  H  N N 219 
LYS HB3  H  N N 220 
LYS HG2  H  N N 221 
LYS HG3  H  N N 222 
LYS HD2  H  N N 223 
LYS HD3  H  N N 224 
LYS HE2  H  N N 225 
LYS HE3  H  N N 226 
LYS HZ1  H  N N 227 
LYS HZ2  H  N N 228 
LYS HZ3  H  N N 229 
LYS HXT  H  N N 230 
MET N    N  N N 231 
MET CA   C  N S 232 
MET C    C  N N 233 
MET O    O  N N 234 
MET CB   C  N N 235 
MET CG   C  N N 236 
MET SD   S  N N 237 
MET CE   C  N N 238 
MET OXT  O  N N 239 
MET H    H  N N 240 
MET H2   H  N N 241 
MET HA   H  N N 242 
MET HB2  H  N N 243 
MET HB3  H  N N 244 
MET HG2  H  N N 245 
MET HG3  H  N N 246 
MET HE1  H  N N 247 
MET HE2  H  N N 248 
MET HE3  H  N N 249 
MET HXT  H  N N 250 
NA  NA   NA N N 251 
PHE N    N  N N 252 
PHE CA   C  N S 253 
PHE C    C  N N 254 
PHE O    O  N N 255 
PHE CB   C  N N 256 
PHE CG   C  Y N 257 
PHE CD1  C  Y N 258 
PHE CD2  C  Y N 259 
PHE CE1  C  Y N 260 
PHE CE2  C  Y N 261 
PHE CZ   C  Y N 262 
PHE OXT  O  N N 263 
PHE H    H  N N 264 
PHE H2   H  N N 265 
PHE HA   H  N N 266 
PHE HB2  H  N N 267 
PHE HB3  H  N N 268 
PHE HD1  H  N N 269 
PHE HD2  H  N N 270 
PHE HE1  H  N N 271 
PHE HE2  H  N N 272 
PHE HZ   H  N N 273 
PHE HXT  H  N N 274 
PRO N    N  N N 275 
PRO CA   C  N S 276 
PRO C    C  N N 277 
PRO O    O  N N 278 
PRO CB   C  N N 279 
PRO CG   C  N N 280 
PRO CD   C  N N 281 
PRO OXT  O  N N 282 
PRO H    H  N N 283 
PRO HA   H  N N 284 
PRO HB2  H  N N 285 
PRO HB3  H  N N 286 
PRO HG2  H  N N 287 
PRO HG3  H  N N 288 
PRO HD2  H  N N 289 
PRO HD3  H  N N 290 
PRO HXT  H  N N 291 
SER N    N  N N 292 
SER CA   C  N S 293 
SER C    C  N N 294 
SER O    O  N N 295 
SER CB   C  N N 296 
SER OG   O  N N 297 
SER OXT  O  N N 298 
SER H    H  N N 299 
SER H2   H  N N 300 
SER HA   H  N N 301 
SER HB2  H  N N 302 
SER HB3  H  N N 303 
SER HG   H  N N 304 
SER HXT  H  N N 305 
THR N    N  N N 306 
THR CA   C  N S 307 
THR C    C  N N 308 
THR O    O  N N 309 
THR CB   C  N R 310 
THR OG1  O  N N 311 
THR CG2  C  N N 312 
THR OXT  O  N N 313 
THR H    H  N N 314 
THR H2   H  N N 315 
THR HA   H  N N 316 
THR HB   H  N N 317 
THR HG1  H  N N 318 
THR HG21 H  N N 319 
THR HG22 H  N N 320 
THR HG23 H  N N 321 
THR HXT  H  N N 322 
TRP N    N  N N 323 
TRP CA   C  N S 324 
TRP C    C  N N 325 
TRP O    O  N N 326 
TRP CB   C  N N 327 
TRP CG   C  Y N 328 
TRP CD1  C  Y N 329 
TRP CD2  C  Y N 330 
TRP NE1  N  Y N 331 
TRP CE2  C  Y N 332 
TRP CE3  C  Y N 333 
TRP CZ2  C  Y N 334 
TRP CZ3  C  Y N 335 
TRP CH2  C  Y N 336 
TRP OXT  O  N N 337 
TRP H    H  N N 338 
TRP H2   H  N N 339 
TRP HA   H  N N 340 
TRP HB2  H  N N 341 
TRP HB3  H  N N 342 
TRP HD1  H  N N 343 
TRP HE1  H  N N 344 
TRP HE3  H  N N 345 
TRP HZ2  H  N N 346 
TRP HZ3  H  N N 347 
TRP HH2  H  N N 348 
TRP HXT  H  N N 349 
TYR N    N  N N 350 
TYR CA   C  N S 351 
TYR C    C  N N 352 
TYR O    O  N N 353 
TYR CB   C  N N 354 
TYR CG   C  Y N 355 
TYR CD1  C  Y N 356 
TYR CD2  C  Y N 357 
TYR CE1  C  Y N 358 
TYR CE2  C  Y N 359 
TYR CZ   C  Y N 360 
TYR OH   O  N N 361 
TYR OXT  O  N N 362 
TYR H    H  N N 363 
TYR H2   H  N N 364 
TYR HA   H  N N 365 
TYR HB2  H  N N 366 
TYR HB3  H  N N 367 
TYR HD1  H  N N 368 
TYR HD2  H  N N 369 
TYR HE1  H  N N 370 
TYR HE2  H  N N 371 
TYR HH   H  N N 372 
TYR HXT  H  N N 373 
VAL N    N  N N 374 
VAL CA   C  N S 375 
VAL C    C  N N 376 
VAL O    O  N N 377 
VAL CB   C  N N 378 
VAL CG1  C  N N 379 
VAL CG2  C  N N 380 
VAL OXT  O  N N 381 
VAL H    H  N N 382 
VAL H2   H  N N 383 
VAL HA   H  N N 384 
VAL HB   H  N N 385 
VAL HG11 H  N N 386 
VAL HG12 H  N N 387 
VAL HG13 H  N N 388 
VAL HG21 H  N N 389 
VAL HG22 H  N N 390 
VAL HG23 H  N N 391 
VAL HXT  H  N N 392 
XYP O1   O  N N 393 
XYP C1   C  N R 394 
XYP C2   C  N R 395 
XYP C3   C  N S 396 
XYP C4   C  N R 397 
XYP C5   C  N N 398 
XYP O2   O  N N 399 
XYP O3   O  N N 400 
XYP O4   O  N N 401 
XYP O5   O  N N 402 
XYP HO1  H  N N 403 
XYP H1   H  N N 404 
XYP H2   H  N N 405 
XYP H3   H  N N 406 
XYP H4   H  N N 407 
XYP H51  H  N N 408 
XYP H52  H  N N 409 
XYP HO2  H  N N 410 
XYP HO3  H  N N 411 
XYP HO4  H  N N 412 
# 
loop_
_chem_comp_bond.comp_id 
_chem_comp_bond.atom_id_1 
_chem_comp_bond.atom_id_2 
_chem_comp_bond.value_order 
_chem_comp_bond.pdbx_aromatic_flag 
_chem_comp_bond.pdbx_stereo_config 
_chem_comp_bond.pdbx_ordinal 
ALA N   CA   sing N N 1   
ALA N   H    sing N N 2   
ALA N   H2   sing N N 3   
ALA CA  C    sing N N 4   
ALA CA  CB   sing N N 5   
ALA CA  HA   sing N N 6   
ALA C   O    doub N N 7   
ALA C   OXT  sing N N 8   
ALA CB  HB1  sing N N 9   
ALA CB  HB2  sing N N 10  
ALA CB  HB3  sing N N 11  
ALA OXT HXT  sing N N 12  
ARG N   CA   sing N N 13  
ARG N   H    sing N N 14  
ARG N   H2   sing N N 15  
ARG CA  C    sing N N 16  
ARG CA  CB   sing N N 17  
ARG CA  HA   sing N N 18  
ARG C   O    doub N N 19  
ARG C   OXT  sing N N 20  
ARG CB  CG   sing N N 21  
ARG CB  HB2  sing N N 22  
ARG CB  HB3  sing N N 23  
ARG CG  CD   sing N N 24  
ARG CG  HG2  sing N N 25  
ARG CG  HG3  sing N N 26  
ARG CD  NE   sing N N 27  
ARG CD  HD2  sing N N 28  
ARG CD  HD3  sing N N 29  
ARG NE  CZ   sing N N 30  
ARG NE  HE   sing N N 31  
ARG CZ  NH1  sing N N 32  
ARG CZ  NH2  doub N N 33  
ARG NH1 HH11 sing N N 34  
ARG NH1 HH12 sing N N 35  
ARG NH2 HH21 sing N N 36  
ARG NH2 HH22 sing N N 37  
ARG OXT HXT  sing N N 38  
ASN N   CA   sing N N 39  
ASN N   H    sing N N 40  
ASN N   H2   sing N N 41  
ASN CA  C    sing N N 42  
ASN CA  CB   sing N N 43  
ASN CA  HA   sing N N 44  
ASN C   O    doub N N 45  
ASN C   OXT  sing N N 46  
ASN CB  CG   sing N N 47  
ASN CB  HB2  sing N N 48  
ASN CB  HB3  sing N N 49  
ASN CG  OD1  doub N N 50  
ASN CG  ND2  sing N N 51  
ASN ND2 HD21 sing N N 52  
ASN ND2 HD22 sing N N 53  
ASN OXT HXT  sing N N 54  
ASP N   CA   sing N N 55  
ASP N   H    sing N N 56  
ASP N   H2   sing N N 57  
ASP CA  C    sing N N 58  
ASP CA  CB   sing N N 59  
ASP CA  HA   sing N N 60  
ASP C   O    doub N N 61  
ASP C   OXT  sing N N 62  
ASP CB  CG   sing N N 63  
ASP CB  HB2  sing N N 64  
ASP CB  HB3  sing N N 65  
ASP CG  OD1  doub N N 66  
ASP CG  OD2  sing N N 67  
ASP OD2 HD2  sing N N 68  
ASP OXT HXT  sing N N 69  
GLN N   CA   sing N N 70  
GLN N   H    sing N N 71  
GLN N   H2   sing N N 72  
GLN CA  C    sing N N 73  
GLN CA  CB   sing N N 74  
GLN CA  HA   sing N N 75  
GLN C   O    doub N N 76  
GLN C   OXT  sing N N 77  
GLN CB  CG   sing N N 78  
GLN CB  HB2  sing N N 79  
GLN CB  HB3  sing N N 80  
GLN CG  CD   sing N N 81  
GLN CG  HG2  sing N N 82  
GLN CG  HG3  sing N N 83  
GLN CD  OE1  doub N N 84  
GLN CD  NE2  sing N N 85  
GLN NE2 HE21 sing N N 86  
GLN NE2 HE22 sing N N 87  
GLN OXT HXT  sing N N 88  
GLU N   CA   sing N N 89  
GLU N   H    sing N N 90  
GLU N   H2   sing N N 91  
GLU CA  C    sing N N 92  
GLU CA  CB   sing N N 93  
GLU CA  HA   sing N N 94  
GLU C   O    doub N N 95  
GLU C   OXT  sing N N 96  
GLU CB  CG   sing N N 97  
GLU CB  HB2  sing N N 98  
GLU CB  HB3  sing N N 99  
GLU CG  CD   sing N N 100 
GLU CG  HG2  sing N N 101 
GLU CG  HG3  sing N N 102 
GLU CD  OE1  doub N N 103 
GLU CD  OE2  sing N N 104 
GLU OE2 HE2  sing N N 105 
GLU OXT HXT  sing N N 106 
GLY N   CA   sing N N 107 
GLY N   H    sing N N 108 
GLY N   H2   sing N N 109 
GLY CA  C    sing N N 110 
GLY CA  HA2  sing N N 111 
GLY CA  HA3  sing N N 112 
GLY C   O    doub N N 113 
GLY C   OXT  sing N N 114 
GLY OXT HXT  sing N N 115 
GOL C1  O1   sing N N 116 
GOL C1  C2   sing N N 117 
GOL C1  H11  sing N N 118 
GOL C1  H12  sing N N 119 
GOL O1  HO1  sing N N 120 
GOL C2  O2   sing N N 121 
GOL C2  C3   sing N N 122 
GOL C2  H2   sing N N 123 
GOL O2  HO2  sing N N 124 
GOL C3  O3   sing N N 125 
GOL C3  H31  sing N N 126 
GOL C3  H32  sing N N 127 
GOL O3  HO3  sing N N 128 
HIS N   CA   sing N N 129 
HIS N   H    sing N N 130 
HIS N   H2   sing N N 131 
HIS CA  C    sing N N 132 
HIS CA  CB   sing N N 133 
HIS CA  HA   sing N N 134 
HIS C   O    doub N N 135 
HIS C   OXT  sing N N 136 
HIS CB  CG   sing N N 137 
HIS CB  HB2  sing N N 138 
HIS CB  HB3  sing N N 139 
HIS CG  ND1  sing Y N 140 
HIS CG  CD2  doub Y N 141 
HIS ND1 CE1  doub Y N 142 
HIS ND1 HD1  sing N N 143 
HIS CD2 NE2  sing Y N 144 
HIS CD2 HD2  sing N N 145 
HIS CE1 NE2  sing Y N 146 
HIS CE1 HE1  sing N N 147 
HIS NE2 HE2  sing N N 148 
HIS OXT HXT  sing N N 149 
HOH O   H1   sing N N 150 
HOH O   H2   sing N N 151 
ILE N   CA   sing N N 152 
ILE N   H    sing N N 153 
ILE N   H2   sing N N 154 
ILE CA  C    sing N N 155 
ILE CA  CB   sing N N 156 
ILE CA  HA   sing N N 157 
ILE C   O    doub N N 158 
ILE C   OXT  sing N N 159 
ILE CB  CG1  sing N N 160 
ILE CB  CG2  sing N N 161 
ILE CB  HB   sing N N 162 
ILE CG1 CD1  sing N N 163 
ILE CG1 HG12 sing N N 164 
ILE CG1 HG13 sing N N 165 
ILE CG2 HG21 sing N N 166 
ILE CG2 HG22 sing N N 167 
ILE CG2 HG23 sing N N 168 
ILE CD1 HD11 sing N N 169 
ILE CD1 HD12 sing N N 170 
ILE CD1 HD13 sing N N 171 
ILE OXT HXT  sing N N 172 
LEU N   CA   sing N N 173 
LEU N   H    sing N N 174 
LEU N   H2   sing N N 175 
LEU CA  C    sing N N 176 
LEU CA  CB   sing N N 177 
LEU CA  HA   sing N N 178 
LEU C   O    doub N N 179 
LEU C   OXT  sing N N 180 
LEU CB  CG   sing N N 181 
LEU CB  HB2  sing N N 182 
LEU CB  HB3  sing N N 183 
LEU CG  CD1  sing N N 184 
LEU CG  CD2  sing N N 185 
LEU CG  HG   sing N N 186 
LEU CD1 HD11 sing N N 187 
LEU CD1 HD12 sing N N 188 
LEU CD1 HD13 sing N N 189 
LEU CD2 HD21 sing N N 190 
LEU CD2 HD22 sing N N 191 
LEU CD2 HD23 sing N N 192 
LEU OXT HXT  sing N N 193 
LYS N   CA   sing N N 194 
LYS N   H    sing N N 195 
LYS N   H2   sing N N 196 
LYS CA  C    sing N N 197 
LYS CA  CB   sing N N 198 
LYS CA  HA   sing N N 199 
LYS C   O    doub N N 200 
LYS C   OXT  sing N N 201 
LYS CB  CG   sing N N 202 
LYS CB  HB2  sing N N 203 
LYS CB  HB3  sing N N 204 
LYS CG  CD   sing N N 205 
LYS CG  HG2  sing N N 206 
LYS CG  HG3  sing N N 207 
LYS CD  CE   sing N N 208 
LYS CD  HD2  sing N N 209 
LYS CD  HD3  sing N N 210 
LYS CE  NZ   sing N N 211 
LYS CE  HE2  sing N N 212 
LYS CE  HE3  sing N N 213 
LYS NZ  HZ1  sing N N 214 
LYS NZ  HZ2  sing N N 215 
LYS NZ  HZ3  sing N N 216 
LYS OXT HXT  sing N N 217 
MET N   CA   sing N N 218 
MET N   H    sing N N 219 
MET N   H2   sing N N 220 
MET CA  C    sing N N 221 
MET CA  CB   sing N N 222 
MET CA  HA   sing N N 223 
MET C   O    doub N N 224 
MET C   OXT  sing N N 225 
MET CB  CG   sing N N 226 
MET CB  HB2  sing N N 227 
MET CB  HB3  sing N N 228 
MET CG  SD   sing N N 229 
MET CG  HG2  sing N N 230 
MET CG  HG3  sing N N 231 
MET SD  CE   sing N N 232 
MET CE  HE1  sing N N 233 
MET CE  HE2  sing N N 234 
MET CE  HE3  sing N N 235 
MET OXT HXT  sing N N 236 
PHE N   CA   sing N N 237 
PHE N   H    sing N N 238 
PHE N   H2   sing N N 239 
PHE CA  C    sing N N 240 
PHE CA  CB   sing N N 241 
PHE CA  HA   sing N N 242 
PHE C   O    doub N N 243 
PHE C   OXT  sing N N 244 
PHE CB  CG   sing N N 245 
PHE CB  HB2  sing N N 246 
PHE CB  HB3  sing N N 247 
PHE CG  CD1  doub Y N 248 
PHE CG  CD2  sing Y N 249 
PHE CD1 CE1  sing Y N 250 
PHE CD1 HD1  sing N N 251 
PHE CD2 CE2  doub Y N 252 
PHE CD2 HD2  sing N N 253 
PHE CE1 CZ   doub Y N 254 
PHE CE1 HE1  sing N N 255 
PHE CE2 CZ   sing Y N 256 
PHE CE2 HE2  sing N N 257 
PHE CZ  HZ   sing N N 258 
PHE OXT HXT  sing N N 259 
PRO N   CA   sing N N 260 
PRO N   CD   sing N N 261 
PRO N   H    sing N N 262 
PRO CA  C    sing N N 263 
PRO CA  CB   sing N N 264 
PRO CA  HA   sing N N 265 
PRO C   O    doub N N 266 
PRO C   OXT  sing N N 267 
PRO CB  CG   sing N N 268 
PRO CB  HB2  sing N N 269 
PRO CB  HB3  sing N N 270 
PRO CG  CD   sing N N 271 
PRO CG  HG2  sing N N 272 
PRO CG  HG3  sing N N 273 
PRO CD  HD2  sing N N 274 
PRO CD  HD3  sing N N 275 
PRO OXT HXT  sing N N 276 
SER N   CA   sing N N 277 
SER N   H    sing N N 278 
SER N   H2   sing N N 279 
SER CA  C    sing N N 280 
SER CA  CB   sing N N 281 
SER CA  HA   sing N N 282 
SER C   O    doub N N 283 
SER C   OXT  sing N N 284 
SER CB  OG   sing N N 285 
SER CB  HB2  sing N N 286 
SER CB  HB3  sing N N 287 
SER OG  HG   sing N N 288 
SER OXT HXT  sing N N 289 
THR N   CA   sing N N 290 
THR N   H    sing N N 291 
THR N   H2   sing N N 292 
THR CA  C    sing N N 293 
THR CA  CB   sing N N 294 
THR CA  HA   sing N N 295 
THR C   O    doub N N 296 
THR C   OXT  sing N N 297 
THR CB  OG1  sing N N 298 
THR CB  CG2  sing N N 299 
THR CB  HB   sing N N 300 
THR OG1 HG1  sing N N 301 
THR CG2 HG21 sing N N 302 
THR CG2 HG22 sing N N 303 
THR CG2 HG23 sing N N 304 
THR OXT HXT  sing N N 305 
TRP N   CA   sing N N 306 
TRP N   H    sing N N 307 
TRP N   H2   sing N N 308 
TRP CA  C    sing N N 309 
TRP CA  CB   sing N N 310 
TRP CA  HA   sing N N 311 
TRP C   O    doub N N 312 
TRP C   OXT  sing N N 313 
TRP CB  CG   sing N N 314 
TRP CB  HB2  sing N N 315 
TRP CB  HB3  sing N N 316 
TRP CG  CD1  doub Y N 317 
TRP CG  CD2  sing Y N 318 
TRP CD1 NE1  sing Y N 319 
TRP CD1 HD1  sing N N 320 
TRP CD2 CE2  doub Y N 321 
TRP CD2 CE3  sing Y N 322 
TRP NE1 CE2  sing Y N 323 
TRP NE1 HE1  sing N N 324 
TRP CE2 CZ2  sing Y N 325 
TRP CE3 CZ3  doub Y N 326 
TRP CE3 HE3  sing N N 327 
TRP CZ2 CH2  doub Y N 328 
TRP CZ2 HZ2  sing N N 329 
TRP CZ3 CH2  sing Y N 330 
TRP CZ3 HZ3  sing N N 331 
TRP CH2 HH2  sing N N 332 
TRP OXT HXT  sing N N 333 
TYR N   CA   sing N N 334 
TYR N   H    sing N N 335 
TYR N   H2   sing N N 336 
TYR CA  C    sing N N 337 
TYR CA  CB   sing N N 338 
TYR CA  HA   sing N N 339 
TYR C   O    doub N N 340 
TYR C   OXT  sing N N 341 
TYR CB  CG   sing N N 342 
TYR CB  HB2  sing N N 343 
TYR CB  HB3  sing N N 344 
TYR CG  CD1  doub Y N 345 
TYR CG  CD2  sing Y N 346 
TYR CD1 CE1  sing Y N 347 
TYR CD1 HD1  sing N N 348 
TYR CD2 CE2  doub Y N 349 
TYR CD2 HD2  sing N N 350 
TYR CE1 CZ   doub Y N 351 
TYR CE1 HE1  sing N N 352 
TYR CE2 CZ   sing Y N 353 
TYR CE2 HE2  sing N N 354 
TYR CZ  OH   sing N N 355 
TYR OH  HH   sing N N 356 
TYR OXT HXT  sing N N 357 
VAL N   CA   sing N N 358 
VAL N   H    sing N N 359 
VAL N   H2   sing N N 360 
VAL CA  C    sing N N 361 
VAL CA  CB   sing N N 362 
VAL CA  HA   sing N N 363 
VAL C   O    doub N N 364 
VAL C   OXT  sing N N 365 
VAL CB  CG1  sing N N 366 
VAL CB  CG2  sing N N 367 
VAL CB  HB   sing N N 368 
VAL CG1 HG11 sing N N 369 
VAL CG1 HG12 sing N N 370 
VAL CG1 HG13 sing N N 371 
VAL CG2 HG21 sing N N 372 
VAL CG2 HG22 sing N N 373 
VAL CG2 HG23 sing N N 374 
VAL OXT HXT  sing N N 375 
XYP O1  C1   sing N N 376 
XYP O1  HO1  sing N N 377 
XYP C1  C2   sing N N 378 
XYP C1  O5   sing N N 379 
XYP C1  H1   sing N N 380 
XYP C2  C3   sing N N 381 
XYP C2  O2   sing N N 382 
XYP C2  H2   sing N N 383 
XYP C3  C4   sing N N 384 
XYP C3  O3   sing N N 385 
XYP C3  H3   sing N N 386 
XYP C4  C5   sing N N 387 
XYP C4  O4   sing N N 388 
XYP C4  H4   sing N N 389 
XYP C5  O5   sing N N 390 
XYP C5  H51  sing N N 391 
XYP C5  H52  sing N N 392 
XYP O2  HO2  sing N N 393 
XYP O3  HO3  sing N N 394 
XYP O4  HO4  sing N N 395 
# 
loop_
_pdbx_branch_scheme.asym_id 
_pdbx_branch_scheme.entity_id 
_pdbx_branch_scheme.mon_id 
_pdbx_branch_scheme.num 
_pdbx_branch_scheme.pdb_asym_id 
_pdbx_branch_scheme.pdb_mon_id 
_pdbx_branch_scheme.pdb_seq_num 
_pdbx_branch_scheme.auth_asym_id 
_pdbx_branch_scheme.auth_mon_id 
_pdbx_branch_scheme.auth_seq_num 
_pdbx_branch_scheme.hetero 
B 2 XYP 1 B XYP 1 A XYP 1147 n 
B 2 XYP 2 B XYP 2 A XYP 1148 n 
# 
loop_
_pdbx_chem_comp_identifier.comp_id 
_pdbx_chem_comp_identifier.type 
_pdbx_chem_comp_identifier.program 
_pdbx_chem_comp_identifier.program_version 
_pdbx_chem_comp_identifier.identifier 
XYP 'CONDENSED IUPAC CARBOHYDRATE SYMBOL' GMML     1.0 DXylpb           
XYP 'COMMON NAME'                         GMML     1.0 b-D-xylopyranose 
XYP 'IUPAC CARBOHYDRATE SYMBOL'           PDB-CARE 1.0 b-D-Xylp         
XYP 'SNFG CARBOHYDRATE SYMBOL'            GMML     1.0 Xyl              
# 
_pdbx_entity_branch.entity_id   2 
_pdbx_entity_branch.type        oligosaccharide 
# 
loop_
_pdbx_entity_branch_descriptor.ordinal 
_pdbx_entity_branch_descriptor.entity_id 
_pdbx_entity_branch_descriptor.descriptor 
_pdbx_entity_branch_descriptor.type 
_pdbx_entity_branch_descriptor.program 
_pdbx_entity_branch_descriptor.program_version 
1 2 DXylpb1-4DXylpb1-ROH                       'Glycam Condensed Sequence' GMML       1.0   
2 2 'WURCS=2.0/1,2,1/[a212h-1b_1-5]/1-1/a4-b1' WURCS                       PDB2Glycan 1.1.0 
3 2 '[][b-D-Xylp]{[(4+1)][b-D-Xylp]{}}'        LINUCS                      PDB-CARE   ?     
# 
_pdbx_entity_branch_link.link_id                    1 
_pdbx_entity_branch_link.entity_id                  2 
_pdbx_entity_branch_link.entity_branch_list_num_1   2 
_pdbx_entity_branch_link.comp_id_1                  XYP 
_pdbx_entity_branch_link.atom_id_1                  C1 
_pdbx_entity_branch_link.leaving_atom_id_1          O1 
_pdbx_entity_branch_link.entity_branch_list_num_2   1 
_pdbx_entity_branch_link.comp_id_2                  XYP 
_pdbx_entity_branch_link.atom_id_2                  O4 
_pdbx_entity_branch_link.leaving_atom_id_2          HO4 
_pdbx_entity_branch_link.value_order                sing 
_pdbx_entity_branch_link.details                    ? 
# 
loop_
_pdbx_entity_branch_list.entity_id 
_pdbx_entity_branch_list.comp_id 
_pdbx_entity_branch_list.num 
_pdbx_entity_branch_list.hetero 
2 XYP 1 n 
2 XYP 2 n 
# 
loop_
_pdbx_entity_nonpoly.entity_id 
_pdbx_entity_nonpoly.name 
_pdbx_entity_nonpoly.comp_id 
3 'SODIUM ION'  NA  
4 'CALCIUM ION' CA  
5 GLYCEROL      GOL 
6 water         HOH 
# 
_pdbx_initial_refinement_model.id               1 
_pdbx_initial_refinement_model.entity_id_list   ? 
_pdbx_initial_refinement_model.type             'experimental model' 
_pdbx_initial_refinement_model.source_name      PDB 
_pdbx_initial_refinement_model.accession_code   1GMM 
_pdbx_initial_refinement_model.details          'PDB ENTRY 1GMM' 
# 
